data_9HGF
# 
_entry.id   9HGF 
# 
_audit_conform.dict_name       mmcif_pdbx.dic 
_audit_conform.dict_version    5.404 
_audit_conform.dict_location   http://mmcif.pdb.org/dictionaries/ascii/mmcif_pdbx.dic 
# 
loop_
_database_2.database_id 
_database_2.database_code 
_database_2.pdbx_database_accession 
_database_2.pdbx_DOI 
PDB   9HGF         pdb_00009hgf 10.2210/pdb9hgf/pdb 
WWPDB D_1292143246 ?            ?                   
# 
loop_
_pdbx_audit_revision_history.ordinal 
_pdbx_audit_revision_history.data_content_type 
_pdbx_audit_revision_history.major_revision 
_pdbx_audit_revision_history.minor_revision 
_pdbx_audit_revision_history.revision_date 
_pdbx_audit_revision_history.part_number 
1 'Structure model' 1 0 2025-04-02 ? 
2 'Structure model' 1 1 2025-04-16 ? 
3 'Structure model' 1 2 2025-06-11 ? 
# 
_pdbx_audit_revision_details.ordinal             1 
_pdbx_audit_revision_details.revision_ordinal    1 
_pdbx_audit_revision_details.data_content_type   'Structure model' 
_pdbx_audit_revision_details.provider            repository 
_pdbx_audit_revision_details.type                'Initial release' 
_pdbx_audit_revision_details.description         ? 
_pdbx_audit_revision_details.details             ? 
# 
loop_
_pdbx_audit_revision_group.ordinal 
_pdbx_audit_revision_group.revision_ordinal 
_pdbx_audit_revision_group.data_content_type 
_pdbx_audit_revision_group.group 
1 2 'Structure model' 'Database references' 
2 3 'Structure model' 'Database references' 
# 
loop_
_pdbx_audit_revision_category.ordinal 
_pdbx_audit_revision_category.revision_ordinal 
_pdbx_audit_revision_category.data_content_type 
_pdbx_audit_revision_category.category 
1 2 'Structure model' citation        
2 2 'Structure model' citation_author 
3 3 'Structure model' citation        
# 
loop_
_pdbx_audit_revision_item.ordinal 
_pdbx_audit_revision_item.revision_ordinal 
_pdbx_audit_revision_item.data_content_type 
_pdbx_audit_revision_item.item 
1 2 'Structure model' '_citation.page_first'              
2 2 'Structure model' '_citation.page_last'               
3 2 'Structure model' '_citation.title'                   
4 2 'Structure model' '_citation_author.identifier_ORCID' 
5 3 'Structure model' '_citation.journal_volume'          
6 3 'Structure model' '_citation.page_first'              
7 3 'Structure model' '_citation.page_last'               
# 
_pdbx_database_status.status_code                     REL 
_pdbx_database_status.status_code_sf                  REL 
_pdbx_database_status.status_code_mr                  ? 
_pdbx_database_status.entry_id                        9HGF 
_pdbx_database_status.recvd_initial_deposition_date   2024-11-19 
_pdbx_database_status.SG_entry                        N 
_pdbx_database_status.deposit_site                    PDBE 
_pdbx_database_status.process_site                    PDBE 
_pdbx_database_status.status_code_cs                  ? 
_pdbx_database_status.status_code_nmr_data            ? 
_pdbx_database_status.methods_development_category    ? 
_pdbx_database_status.pdb_format_compatible           N 
# 
loop_
_pdbx_contact_author.id 
_pdbx_contact_author.email 
_pdbx_contact_author.name_first 
_pdbx_contact_author.name_last 
_pdbx_contact_author.name_mi 
_pdbx_contact_author.role 
_pdbx_contact_author.identifier_ORCID 
3 Oliver.Einsle@BIOCHEMIE.uni-freiburg.de   Oliver Einsle   ? 'principal investigator/group leader' 0000-0001-8722-2893 
4 stefan.guenther@pharmazie.uni-freiburg.de Stefan Guenther ? 'principal investigator/group leader' 0000-0003-3744-189X 
# 
loop_
_audit_author.name 
_audit_author.pdbx_ordinal 
_audit_author.identifier_ORCID 
'Amann, M.'    1 0000-0001-7594-3810 
'Huegle, M.'   2 0000-0002-2830-7130 
'Einsle, O.'   3 0000-0001-8722-2893 
'Guenther, S.' 4 0000-0003-3744-189X 
# 
_citation.abstract                  ? 
_citation.abstract_id_CAS           ? 
_citation.book_id_ISBN              ? 
_citation.book_publisher            ? 
_citation.book_publisher_city       ? 
_citation.book_title                ? 
_citation.coordinate_linkage        ? 
_citation.country                   DE 
_citation.database_id_Medline       ? 
_citation.details                   ? 
_citation.id                        primary 
_citation.journal_abbrev            Chemmedchem 
_citation.journal_id_ASTM           ? 
_citation.journal_id_CSD            ? 
_citation.journal_id_ISSN           1860-7187 
_citation.journal_full              ? 
_citation.journal_issue             ? 
_citation.journal_volume            20 
_citation.language                  ? 
_citation.page_first                e202500024 
_citation.page_last                 e202500024 
_citation.title                     
'A Novel Inhibitor against the Bromodomain Protein 1 of the Malaria Pathogen Plasmodium Falciparum.' 
_citation.year                      2025 
_citation.database_id_CSD           ? 
_citation.pdbx_database_id_DOI      10.1002/cmdc.202500024 
_citation.pdbx_database_id_PubMed   40099623 
_citation.pdbx_database_id_patent   ? 
_citation.unpublished_flag          ? 
# 
loop_
_citation_author.citation_id 
_citation_author.name 
_citation_author.ordinal 
_citation_author.identifier_ORCID 
primary 'Amann, M.'        1  0000-0001-7594-3810 
primary 'Warstat, R.'      2  ?                   
primary 'Rechten, K.K.'    3  ?                   
primary 'Theuer, P.'       4  ?                   
primary 'Schustereder, M.' 5  ?                   
primary 'Clavey, S.'       6  ?                   
primary 'Breit, B.'        7  0000-0002-2514-3898 
primary 'Einsle, O.'       8  0000-0001-8722-2893 
primary 'Hugle, M.'        9  0000-0002-2830-7130 
primary 'Petter, M.'       10 0000-0002-1837-2756 
primary 'Gunther, S.'      11 0000-0003-3744-189X 
# 
loop_
_entity.id 
_entity.type 
_entity.src_method 
_entity.pdbx_description 
_entity.formula_weight 
_entity.pdbx_number_of_molecules 
_entity.pdbx_ec 
_entity.pdbx_mutation 
_entity.pdbx_fragment 
_entity.details 
1 polymer     man 'Bromo domain-containing protein'                                                                      15163.188 
1  ? ? ? ? 
2 non-polymer syn '3,5-dimethyl-4-(3-methyl-4-oxidanylidene-5,6,7,8-tetrahydro-2~{H}-cyclohepta[c]pyrrol-1-yl)benzamide' 310.390   
1  ? ? ? ? 
3 non-polymer syn 'SULFATE ION'                                                                                          96.063    
1  ? ? ? ? 
4 non-polymer syn 'CHLORIDE ION'                                                                                         35.453    
1  ? ? ? ? 
5 water       nat water                                                                                                  18.015    
86 ? ? ? ? 
# 
_entity_poly.entity_id                      1 
_entity_poly.type                           'polypeptide(L)' 
_entity_poly.nstd_linkage                   no 
_entity_poly.nstd_monomer                   no 
_entity_poly.pdbx_seq_one_letter_code       
;SFNKQWYLLANQIIQSLSKYEGGHIFEKLVDAKKQNCPDYYDVIKNPMSFSCVKTKLKKGQYGLPTEFIKDVQLIFDNCS
LYNTSGSLVAITGKNIEAYFNNQLIVTGYNNFVTKANTINERLQKVEDENLE
;
_entity_poly.pdbx_seq_one_letter_code_can   
;SFNKQWYLLANQIIQSLSKYEGGHIFEKLVDAKKQNCPDYYDVIKNPMSFSCVKTKLKKGQYGLPTEFIKDVQLIFDNCS
LYNTSGSLVAITGKNIEAYFNNQLIVTGYNNFVTKANTINERLQKVEDENLE
;
_entity_poly.pdbx_strand_id                 A 
_entity_poly.pdbx_target_identifier         ? 
# 
loop_
_pdbx_entity_nonpoly.entity_id 
_pdbx_entity_nonpoly.name 
_pdbx_entity_nonpoly.comp_id 
2 '3,5-dimethyl-4-(3-methyl-4-oxidanylidene-5,6,7,8-tetrahydro-2~{H}-cyclohepta[c]pyrrol-1-yl)benzamide' A1IUH 
3 'SULFATE ION'                                                                                          SO4   
4 'CHLORIDE ION'                                                                                         CL    
5 water                                                                                                  HOH   
# 
loop_
_entity_poly_seq.entity_id 
_entity_poly_seq.num 
_entity_poly_seq.mon_id 
_entity_poly_seq.hetero 
1 1   SER n 
1 2   PHE n 
1 3   ASN n 
1 4   LYS n 
1 5   GLN n 
1 6   TRP n 
1 7   TYR n 
1 8   LEU n 
1 9   LEU n 
1 10  ALA n 
1 11  ASN n 
1 12  GLN n 
1 13  ILE n 
1 14  ILE n 
1 15  GLN n 
1 16  SER n 
1 17  LEU n 
1 18  SER n 
1 19  LYS n 
1 20  TYR n 
1 21  GLU n 
1 22  GLY n 
1 23  GLY n 
1 24  HIS n 
1 25  ILE n 
1 26  PHE n 
1 27  GLU n 
1 28  LYS n 
1 29  LEU n 
1 30  VAL n 
1 31  ASP n 
1 32  ALA n 
1 33  LYS n 
1 34  LYS n 
1 35  GLN n 
1 36  ASN n 
1 37  CYS n 
1 38  PRO n 
1 39  ASP n 
1 40  TYR n 
1 41  TYR n 
1 42  ASP n 
1 43  VAL n 
1 44  ILE n 
1 45  LYS n 
1 46  ASN n 
1 47  PRO n 
1 48  MET n 
1 49  SER n 
1 50  PHE n 
1 51  SER n 
1 52  CYS n 
1 53  VAL n 
1 54  LYS n 
1 55  THR n 
1 56  LYS n 
1 57  LEU n 
1 58  LYS n 
1 59  LYS n 
1 60  GLY n 
1 61  GLN n 
1 62  TYR n 
1 63  GLY n 
1 64  LEU n 
1 65  PRO n 
1 66  THR n 
1 67  GLU n 
1 68  PHE n 
1 69  ILE n 
1 70  LYS n 
1 71  ASP n 
1 72  VAL n 
1 73  GLN n 
1 74  LEU n 
1 75  ILE n 
1 76  PHE n 
1 77  ASP n 
1 78  ASN n 
1 79  CYS n 
1 80  SER n 
1 81  LEU n 
1 82  TYR n 
1 83  ASN n 
1 84  THR n 
1 85  SER n 
1 86  GLY n 
1 87  SER n 
1 88  LEU n 
1 89  VAL n 
1 90  ALA n 
1 91  ILE n 
1 92  THR n 
1 93  GLY n 
1 94  LYS n 
1 95  ASN n 
1 96  ILE n 
1 97  GLU n 
1 98  ALA n 
1 99  TYR n 
1 100 PHE n 
1 101 ASN n 
1 102 ASN n 
1 103 GLN n 
1 104 LEU n 
1 105 ILE n 
1 106 VAL n 
1 107 THR n 
1 108 GLY n 
1 109 TYR n 
1 110 ASN n 
1 111 ASN n 
1 112 PHE n 
1 113 VAL n 
1 114 THR n 
1 115 LYS n 
1 116 ALA n 
1 117 ASN n 
1 118 THR n 
1 119 ILE n 
1 120 ASN n 
1 121 GLU n 
1 122 ARG n 
1 123 LEU n 
1 124 GLN n 
1 125 LYS n 
1 126 VAL n 
1 127 GLU n 
1 128 ASP n 
1 129 GLU n 
1 130 ASN n 
1 131 LEU n 
1 132 GLU n 
# 
_entity_src_gen.entity_id                          1 
_entity_src_gen.pdbx_src_id                        1 
_entity_src_gen.pdbx_alt_source_flag               sample 
_entity_src_gen.pdbx_seq_type                      'Biological sequence' 
_entity_src_gen.pdbx_beg_seq_num                   1 
_entity_src_gen.pdbx_end_seq_num                   132 
_entity_src_gen.gene_src_common_name               'malaria parasite P. vivax' 
_entity_src_gen.gene_src_genus                     ? 
_entity_src_gen.pdbx_gene_src_gene                 PVX_111040 
_entity_src_gen.gene_src_species                   ? 
_entity_src_gen.gene_src_strain                    ? 
_entity_src_gen.gene_src_tissue                    ? 
_entity_src_gen.gene_src_tissue_fraction           ? 
_entity_src_gen.gene_src_details                   ? 
_entity_src_gen.pdbx_gene_src_fragment             ? 
_entity_src_gen.pdbx_gene_src_scientific_name      'Plasmodium vivax' 
_entity_src_gen.pdbx_gene_src_ncbi_taxonomy_id     5855 
_entity_src_gen.pdbx_gene_src_variant              ? 
_entity_src_gen.pdbx_gene_src_cell_line            ? 
_entity_src_gen.pdbx_gene_src_atcc                 ? 
_entity_src_gen.pdbx_gene_src_organ                ? 
_entity_src_gen.pdbx_gene_src_organelle            ? 
_entity_src_gen.pdbx_gene_src_cell                 ? 
_entity_src_gen.pdbx_gene_src_cellular_location    ? 
_entity_src_gen.host_org_common_name               ? 
_entity_src_gen.pdbx_host_org_scientific_name      'Escherichia coli' 
_entity_src_gen.pdbx_host_org_ncbi_taxonomy_id     562 
_entity_src_gen.host_org_genus                     ? 
_entity_src_gen.pdbx_host_org_gene                 ? 
_entity_src_gen.pdbx_host_org_organ                ? 
_entity_src_gen.host_org_species                   ? 
_entity_src_gen.pdbx_host_org_tissue               ? 
_entity_src_gen.pdbx_host_org_tissue_fraction      ? 
_entity_src_gen.pdbx_host_org_strain               ? 
_entity_src_gen.pdbx_host_org_variant              ? 
_entity_src_gen.pdbx_host_org_cell_line            ? 
_entity_src_gen.pdbx_host_org_atcc                 ? 
_entity_src_gen.pdbx_host_org_culture_collection   ? 
_entity_src_gen.pdbx_host_org_cell                 ? 
_entity_src_gen.pdbx_host_org_organelle            ? 
_entity_src_gen.pdbx_host_org_cellular_location    ? 
_entity_src_gen.pdbx_host_org_vector_type          ? 
_entity_src_gen.pdbx_host_org_vector               ? 
_entity_src_gen.host_org_details                   ? 
_entity_src_gen.expression_system_id               ? 
_entity_src_gen.plasmid_name                       ? 
_entity_src_gen.plasmid_details                    ? 
_entity_src_gen.pdbx_description                   ? 
# 
loop_
_chem_comp.id 
_chem_comp.type 
_chem_comp.mon_nstd_flag 
_chem_comp.name 
_chem_comp.pdbx_synonyms 
_chem_comp.formula 
_chem_comp.formula_weight 
A1IUH non-polymer         . '3,5-dimethyl-4-(3-methyl-4-oxidanylidene-5,6,7,8-tetrahydro-2~{H}-cyclohepta[c]pyrrol-1-yl)benzamide' 
? 'C19 H22 N2 O2'  310.390 
ALA   'L-peptide linking' y ALANINE                                                                                                
? 'C3 H7 N O2'     89.093  
ARG   'L-peptide linking' y ARGININE                                                                                               
? 'C6 H15 N4 O2 1' 175.209 
ASN   'L-peptide linking' y ASPARAGINE                                                                                             
? 'C4 H8 N2 O3'    132.118 
ASP   'L-peptide linking' y 'ASPARTIC ACID'                                                                                        
? 'C4 H7 N O4'     133.103 
CL    non-polymer         . 'CHLORIDE ION'                                                                                         
? 'Cl -1'          35.453  
CYS   'L-peptide linking' y CYSTEINE                                                                                               
? 'C3 H7 N O2 S'   121.158 
GLN   'L-peptide linking' y GLUTAMINE                                                                                              
? 'C5 H10 N2 O3'   146.144 
GLU   'L-peptide linking' y 'GLUTAMIC ACID'                                                                                        
? 'C5 H9 N O4'     147.129 
GLY   'peptide linking'   y GLYCINE                                                                                                
? 'C2 H5 N O2'     75.067  
HIS   'L-peptide linking' y HISTIDINE                                                                                              
? 'C6 H10 N3 O2 1' 156.162 
HOH   non-polymer         . WATER                                                                                                  
? 'H2 O'           18.015  
ILE   'L-peptide linking' y ISOLEUCINE                                                                                             
? 'C6 H13 N O2'    131.173 
LEU   'L-peptide linking' y LEUCINE                                                                                                
? 'C6 H13 N O2'    131.173 
LYS   'L-peptide linking' y LYSINE                                                                                                 
? 'C6 H15 N2 O2 1' 147.195 
MET   'L-peptide linking' y METHIONINE                                                                                             
? 'C5 H11 N O2 S'  149.211 
PHE   'L-peptide linking' y PHENYLALANINE                                                                                          
? 'C9 H11 N O2'    165.189 
PRO   'L-peptide linking' y PROLINE                                                                                                
? 'C5 H9 N O2'     115.130 
SER   'L-peptide linking' y SERINE                                                                                                 
? 'C3 H7 N O3'     105.093 
SO4   non-polymer         . 'SULFATE ION'                                                                                          
? 'O4 S -2'        96.063  
THR   'L-peptide linking' y THREONINE                                                                                              
? 'C4 H9 N O3'     119.119 
TRP   'L-peptide linking' y TRYPTOPHAN                                                                                             
? 'C11 H12 N2 O2'  204.225 
TYR   'L-peptide linking' y TYROSINE                                                                                               
? 'C9 H11 N O3'    181.189 
VAL   'L-peptide linking' y VALINE                                                                                                 
? 'C5 H11 N O2'    117.146 
# 
loop_
_pdbx_poly_seq_scheme.asym_id 
_pdbx_poly_seq_scheme.entity_id 
_pdbx_poly_seq_scheme.seq_id 
_pdbx_poly_seq_scheme.mon_id 
_pdbx_poly_seq_scheme.ndb_seq_num 
_pdbx_poly_seq_scheme.pdb_seq_num 
_pdbx_poly_seq_scheme.auth_seq_num 
_pdbx_poly_seq_scheme.pdb_mon_id 
_pdbx_poly_seq_scheme.auth_mon_id 
_pdbx_poly_seq_scheme.pdb_strand_id 
_pdbx_poly_seq_scheme.pdb_ins_code 
_pdbx_poly_seq_scheme.hetero 
A 1 1   SER 1   1   1   SER SER A . n 
A 1 2   PHE 2   2   2   PHE PHE A . n 
A 1 3   ASN 3   3   3   ASN ASN A . n 
A 1 4   LYS 4   4   4   LYS LYS A . n 
A 1 5   GLN 5   5   5   GLN GLN A . n 
A 1 6   TRP 6   6   6   TRP TRP A . n 
A 1 7   TYR 7   7   7   TYR TYR A . n 
A 1 8   LEU 8   8   8   LEU LEU A . n 
A 1 9   LEU 9   9   9   LEU LEU A . n 
A 1 10  ALA 10  10  10  ALA ALA A . n 
A 1 11  ASN 11  11  11  ASN ASN A . n 
A 1 12  GLN 12  12  12  GLN GLN A . n 
A 1 13  ILE 13  13  13  ILE ILE A . n 
A 1 14  ILE 14  14  14  ILE ILE A . n 
A 1 15  GLN 15  15  15  GLN GLN A . n 
A 1 16  SER 16  16  16  SER SER A . n 
A 1 17  LEU 17  17  17  LEU LEU A . n 
A 1 18  SER 18  18  18  SER SER A . n 
A 1 19  LYS 19  19  19  LYS LYS A . n 
A 1 20  TYR 20  20  20  TYR TYR A . n 
A 1 21  GLU 21  21  21  GLU GLU A . n 
A 1 22  GLY 22  22  22  GLY GLY A . n 
A 1 23  GLY 23  23  23  GLY GLY A . n 
A 1 24  HIS 24  24  24  HIS HIS A . n 
A 1 25  ILE 25  25  25  ILE ILE A . n 
A 1 26  PHE 26  26  26  PHE PHE A . n 
A 1 27  GLU 27  27  27  GLU GLU A . n 
A 1 28  LYS 28  28  28  LYS LYS A . n 
A 1 29  LEU 29  29  29  LEU LEU A . n 
A 1 30  VAL 30  30  30  VAL VAL A . n 
A 1 31  ASP 31  31  31  ASP ASP A . n 
A 1 32  ALA 32  32  32  ALA ALA A . n 
A 1 33  LYS 33  33  33  LYS LYS A . n 
A 1 34  LYS 34  34  34  LYS LYS A . n 
A 1 35  GLN 35  35  35  GLN GLN A . n 
A 1 36  ASN 36  36  36  ASN ASN A . n 
A 1 37  CYS 37  37  37  CYS CYS A . n 
A 1 38  PRO 38  38  38  PRO PRO A . n 
A 1 39  ASP 39  39  39  ASP ASP A . n 
A 1 40  TYR 40  40  40  TYR TYR A . n 
A 1 41  TYR 41  41  41  TYR TYR A . n 
A 1 42  ASP 42  42  42  ASP ASP A . n 
A 1 43  VAL 43  43  43  VAL VAL A . n 
A 1 44  ILE 44  44  44  ILE ILE A . n 
A 1 45  LYS 45  45  45  LYS LYS A . n 
A 1 46  ASN 46  46  46  ASN ASN A . n 
A 1 47  PRO 47  47  47  PRO PRO A . n 
A 1 48  MET 48  48  48  MET MET A . n 
A 1 49  SER 49  49  49  SER SER A . n 
A 1 50  PHE 50  50  50  PHE PHE A . n 
A 1 51  SER 51  51  51  SER SER A . n 
A 1 52  CYS 52  52  52  CYS CYS A . n 
A 1 53  VAL 53  53  53  VAL VAL A . n 
A 1 54  LYS 54  54  54  LYS LYS A . n 
A 1 55  THR 55  55  55  THR THR A . n 
A 1 56  LYS 56  56  56  LYS LYS A . n 
A 1 57  LEU 57  57  57  LEU LEU A . n 
A 1 58  LYS 58  58  58  LYS LYS A . n 
A 1 59  LYS 59  59  59  LYS LYS A . n 
A 1 60  GLY 60  60  60  GLY GLY A . n 
A 1 61  GLN 61  61  61  GLN GLN A . n 
A 1 62  TYR 62  62  62  TYR TYR A . n 
A 1 63  GLY 63  63  63  GLY GLY A . n 
A 1 64  LEU 64  64  64  LEU LEU A . n 
A 1 65  PRO 65  65  65  PRO PRO A . n 
A 1 66  THR 66  66  66  THR THR A . n 
A 1 67  GLU 67  67  67  GLU GLU A . n 
A 1 68  PHE 68  68  68  PHE PHE A . n 
A 1 69  ILE 69  69  69  ILE ILE A . n 
A 1 70  LYS 70  70  70  LYS LYS A . n 
A 1 71  ASP 71  71  71  ASP ASP A . n 
A 1 72  VAL 72  72  72  VAL VAL A . n 
A 1 73  GLN 73  73  73  GLN GLN A . n 
A 1 74  LEU 74  74  74  LEU LEU A . n 
A 1 75  ILE 75  75  75  ILE ILE A . n 
A 1 76  PHE 76  76  76  PHE PHE A . n 
A 1 77  ASP 77  77  77  ASP ASP A . n 
A 1 78  ASN 78  78  78  ASN ASN A . n 
A 1 79  CYS 79  79  79  CYS CYS A . n 
A 1 80  SER 80  80  80  SER SER A . n 
A 1 81  LEU 81  81  81  LEU LEU A . n 
A 1 82  TYR 82  82  82  TYR TYR A . n 
A 1 83  ASN 83  83  83  ASN ASN A . n 
A 1 84  THR 84  84  84  THR THR A . n 
A 1 85  SER 85  85  85  SER SER A . n 
A 1 86  GLY 86  86  86  GLY GLY A . n 
A 1 87  SER 87  87  87  SER SER A . n 
A 1 88  LEU 88  88  88  LEU LEU A . n 
A 1 89  VAL 89  89  89  VAL VAL A . n 
A 1 90  ALA 90  90  90  ALA ALA A . n 
A 1 91  ILE 91  91  91  ILE ILE A . n 
A 1 92  THR 92  92  92  THR THR A . n 
A 1 93  GLY 93  93  93  GLY GLY A . n 
A 1 94  LYS 94  94  94  LYS LYS A . n 
A 1 95  ASN 95  95  95  ASN ASN A . n 
A 1 96  ILE 96  96  96  ILE ILE A . n 
A 1 97  GLU 97  97  97  GLU GLU A . n 
A 1 98  ALA 98  98  98  ALA ALA A . n 
A 1 99  TYR 99  99  99  TYR TYR A . n 
A 1 100 PHE 100 100 100 PHE PHE A . n 
A 1 101 ASN 101 101 101 ASN ASN A . n 
A 1 102 ASN 102 102 102 ASN ASN A . n 
A 1 103 GLN 103 103 103 GLN GLN A . n 
A 1 104 LEU 104 104 104 LEU LEU A . n 
A 1 105 ILE 105 105 105 ILE ILE A . n 
A 1 106 VAL 106 106 106 VAL VAL A . n 
A 1 107 THR 107 107 107 THR THR A . n 
A 1 108 GLY 108 108 108 GLY GLY A . n 
A 1 109 TYR 109 109 109 TYR TYR A . n 
A 1 110 ASN 110 110 110 ASN ASN A . n 
A 1 111 ASN 111 111 111 ASN ASN A . n 
A 1 112 PHE 112 112 112 PHE PHE A . n 
A 1 113 VAL 113 113 113 VAL VAL A . n 
A 1 114 THR 114 114 114 THR THR A . n 
A 1 115 LYS 115 115 115 LYS LYS A . n 
A 1 116 ALA 116 116 116 ALA ALA A . n 
A 1 117 ASN 117 117 117 ASN ASN A . n 
A 1 118 THR 118 118 118 THR THR A . n 
A 1 119 ILE 119 119 119 ILE ILE A . n 
A 1 120 ASN 120 120 120 ASN ASN A . n 
A 1 121 GLU 121 121 121 GLU GLU A . n 
A 1 122 ARG 122 122 ?   ?   ?   A . n 
A 1 123 LEU 123 123 ?   ?   ?   A . n 
A 1 124 GLN 124 124 ?   ?   ?   A . n 
A 1 125 LYS 125 125 ?   ?   ?   A . n 
A 1 126 VAL 126 126 ?   ?   ?   A . n 
A 1 127 GLU 127 127 ?   ?   ?   A . n 
A 1 128 ASP 128 128 ?   ?   ?   A . n 
A 1 129 GLU 129 129 ?   ?   ?   A . n 
A 1 130 ASN 130 130 ?   ?   ?   A . n 
A 1 131 LEU 131 131 ?   ?   ?   A . n 
A 1 132 GLU 132 132 ?   ?   ?   A . n 
# 
_pdbx_entity_instance_feature.ordinal        1 
_pdbx_entity_instance_feature.comp_id        A1IUH 
_pdbx_entity_instance_feature.asym_id        ? 
_pdbx_entity_instance_feature.seq_num        ? 
_pdbx_entity_instance_feature.auth_comp_id   A1IUH 
_pdbx_entity_instance_feature.auth_asym_id   ? 
_pdbx_entity_instance_feature.auth_seq_num   ? 
_pdbx_entity_instance_feature.feature_type   'SUBJECT OF INVESTIGATION' 
_pdbx_entity_instance_feature.details        ? 
# 
loop_
_pdbx_nonpoly_scheme.asym_id 
_pdbx_nonpoly_scheme.entity_id 
_pdbx_nonpoly_scheme.mon_id 
_pdbx_nonpoly_scheme.ndb_seq_num 
_pdbx_nonpoly_scheme.pdb_seq_num 
_pdbx_nonpoly_scheme.auth_seq_num 
_pdbx_nonpoly_scheme.pdb_mon_id 
_pdbx_nonpoly_scheme.auth_mon_id 
_pdbx_nonpoly_scheme.pdb_strand_id 
_pdbx_nonpoly_scheme.pdb_ins_code 
B 2 A1IUH 1  201 201 A1IUH 198 A . 
C 3 SO4   1  202 1   SO4   SO4 A . 
D 4 CL    1  203 1   CL    CL  A . 
E 5 HOH   1  301 23  HOH   HOH A . 
E 5 HOH   2  302 31  HOH   HOH A . 
E 5 HOH   3  303 88  HOH   HOH A . 
E 5 HOH   4  304 65  HOH   HOH A . 
E 5 HOH   5  305 54  HOH   HOH A . 
E 5 HOH   6  306 14  HOH   HOH A . 
E 5 HOH   7  307 18  HOH   HOH A . 
E 5 HOH   8  308 20  HOH   HOH A . 
E 5 HOH   9  309 37  HOH   HOH A . 
E 5 HOH   10 310 63  HOH   HOH A . 
E 5 HOH   11 311 64  HOH   HOH A . 
E 5 HOH   12 312 46  HOH   HOH A . 
E 5 HOH   13 313 81  HOH   HOH A . 
E 5 HOH   14 314 66  HOH   HOH A . 
E 5 HOH   15 315 7   HOH   HOH A . 
E 5 HOH   16 316 5   HOH   HOH A . 
E 5 HOH   17 317 36  HOH   HOH A . 
E 5 HOH   18 318 3   HOH   HOH A . 
E 5 HOH   19 319 10  HOH   HOH A . 
E 5 HOH   20 320 6   HOH   HOH A . 
E 5 HOH   21 321 61  HOH   HOH A . 
E 5 HOH   22 322 86  HOH   HOH A . 
E 5 HOH   23 323 71  HOH   HOH A . 
E 5 HOH   24 324 49  HOH   HOH A . 
E 5 HOH   25 325 29  HOH   HOH A . 
E 5 HOH   26 326 9   HOH   HOH A . 
E 5 HOH   27 327 68  HOH   HOH A . 
E 5 HOH   28 328 11  HOH   HOH A . 
E 5 HOH   29 329 32  HOH   HOH A . 
E 5 HOH   30 330 8   HOH   HOH A . 
E 5 HOH   31 331 43  HOH   HOH A . 
E 5 HOH   32 332 73  HOH   HOH A . 
E 5 HOH   33 333 1   HOH   HOH A . 
E 5 HOH   34 334 35  HOH   HOH A . 
E 5 HOH   35 335 85  HOH   HOH A . 
E 5 HOH   36 336 12  HOH   HOH A . 
E 5 HOH   37 337 59  HOH   HOH A . 
E 5 HOH   38 338 24  HOH   HOH A . 
E 5 HOH   39 339 13  HOH   HOH A . 
E 5 HOH   40 340 55  HOH   HOH A . 
E 5 HOH   41 341 87  HOH   HOH A . 
E 5 HOH   42 342 26  HOH   HOH A . 
E 5 HOH   43 343 25  HOH   HOH A . 
E 5 HOH   44 344 2   HOH   HOH A . 
E 5 HOH   45 345 83  HOH   HOH A . 
E 5 HOH   46 346 4   HOH   HOH A . 
E 5 HOH   47 347 19  HOH   HOH A . 
E 5 HOH   48 348 50  HOH   HOH A . 
E 5 HOH   49 349 38  HOH   HOH A . 
E 5 HOH   50 350 62  HOH   HOH A . 
E 5 HOH   51 351 17  HOH   HOH A . 
E 5 HOH   52 352 60  HOH   HOH A . 
E 5 HOH   53 353 74  HOH   HOH A . 
E 5 HOH   54 354 28  HOH   HOH A . 
E 5 HOH   55 355 21  HOH   HOH A . 
E 5 HOH   56 356 15  HOH   HOH A . 
E 5 HOH   57 357 30  HOH   HOH A . 
E 5 HOH   58 358 16  HOH   HOH A . 
E 5 HOH   59 359 44  HOH   HOH A . 
E 5 HOH   60 360 58  HOH   HOH A . 
E 5 HOH   61 361 69  HOH   HOH A . 
E 5 HOH   62 362 34  HOH   HOH A . 
E 5 HOH   63 363 39  HOH   HOH A . 
E 5 HOH   64 364 77  HOH   HOH A . 
E 5 HOH   65 365 75  HOH   HOH A . 
E 5 HOH   66 366 80  HOH   HOH A . 
E 5 HOH   67 367 57  HOH   HOH A . 
E 5 HOH   68 368 67  HOH   HOH A . 
E 5 HOH   69 369 48  HOH   HOH A . 
E 5 HOH   70 370 51  HOH   HOH A . 
E 5 HOH   71 371 33  HOH   HOH A . 
E 5 HOH   72 372 79  HOH   HOH A . 
E 5 HOH   73 373 78  HOH   HOH A . 
E 5 HOH   74 374 76  HOH   HOH A . 
E 5 HOH   75 375 72  HOH   HOH A . 
E 5 HOH   76 376 56  HOH   HOH A . 
E 5 HOH   77 377 41  HOH   HOH A . 
E 5 HOH   78 378 82  HOH   HOH A . 
E 5 HOH   79 379 47  HOH   HOH A . 
E 5 HOH   80 380 27  HOH   HOH A . 
E 5 HOH   81 381 45  HOH   HOH A . 
E 5 HOH   82 382 40  HOH   HOH A . 
E 5 HOH   83 383 70  HOH   HOH A . 
E 5 HOH   84 384 22  HOH   HOH A . 
E 5 HOH   85 385 84  HOH   HOH A . 
E 5 HOH   86 386 52  HOH   HOH A . 
# 
loop_
_pdbx_unobs_or_zero_occ_atoms.id 
_pdbx_unobs_or_zero_occ_atoms.PDB_model_num 
_pdbx_unobs_or_zero_occ_atoms.polymer_flag 
_pdbx_unobs_or_zero_occ_atoms.occupancy_flag 
_pdbx_unobs_or_zero_occ_atoms.auth_asym_id 
_pdbx_unobs_or_zero_occ_atoms.auth_comp_id 
_pdbx_unobs_or_zero_occ_atoms.auth_seq_id 
_pdbx_unobs_or_zero_occ_atoms.PDB_ins_code 
_pdbx_unobs_or_zero_occ_atoms.auth_atom_id 
_pdbx_unobs_or_zero_occ_atoms.label_alt_id 
_pdbx_unobs_or_zero_occ_atoms.label_asym_id 
_pdbx_unobs_or_zero_occ_atoms.label_comp_id 
_pdbx_unobs_or_zero_occ_atoms.label_seq_id 
_pdbx_unobs_or_zero_occ_atoms.label_atom_id 
1  1 Y 1 A LYS 33  ? CD  ? A LYS 33  CD  
2  1 Y 1 A LYS 33  ? CE  ? A LYS 33  CE  
3  1 Y 1 A LYS 33  ? NZ  ? A LYS 33  NZ  
4  1 Y 1 A LYS 34  ? CD  ? A LYS 34  CD  
5  1 Y 1 A LYS 34  ? CE  ? A LYS 34  CE  
6  1 Y 1 A LYS 34  ? NZ  ? A LYS 34  NZ  
7  1 Y 1 A LYS 70  ? CE  ? A LYS 70  CE  
8  1 Y 1 A LYS 70  ? NZ  ? A LYS 70  NZ  
9  1 Y 1 A LYS 115 ? CD  ? A LYS 115 CD  
10 1 Y 1 A LYS 115 ? CE  ? A LYS 115 CE  
11 1 Y 1 A LYS 115 ? NZ  ? A LYS 115 NZ  
12 1 Y 1 A GLU 121 ? CG  ? A GLU 121 CG  
13 1 Y 1 A GLU 121 ? CD  ? A GLU 121 CD  
14 1 Y 1 A GLU 121 ? OE1 ? A GLU 121 OE1 
15 1 Y 1 A GLU 121 ? OE2 ? A GLU 121 OE2 
# 
loop_
_software.citation_id 
_software.classification 
_software.compiler_name 
_software.compiler_version 
_software.contact_author 
_software.contact_author_email 
_software.date 
_software.description 
_software.dependencies 
_software.hardware 
_software.language 
_software.location 
_software.mods 
_software.name 
_software.os 
_software.os_version 
_software.type 
_software.version 
_software.pdbx_ordinal 
? refinement        ? ? ? ? ? ? ? ? ? ? ? PHENIX      ? ? ? 1.21_5207 1 
? 'data scaling'    ? ? ? ? ? ? ? ? ? ? ? Aimless     ? ? ? .         2 
? phasing           ? ? ? ? ? ? ? ? ? ? ? PHASER      ? ? ? .         3 
? 'data reduction'  ? ? ? ? ? ? ? ? ? ? ? autoPROC    ? ? ? .         4 
? 'data extraction' ? ? ? ? ? ? ? ? ? ? ? PDB_EXTRACT ? ? ? .         5 
# 
_cell.angle_alpha                  90.000 
_cell.angle_alpha_esd              ? 
_cell.angle_beta                   90.000 
_cell.angle_beta_esd               ? 
_cell.angle_gamma                  120.000 
_cell.angle_gamma_esd              ? 
_cell.entry_id                     9HGF 
_cell.details                      ? 
_cell.formula_units_Z              ? 
_cell.length_a                     92.798 
_cell.length_a_esd                 ? 
_cell.length_b                     92.798 
_cell.length_b_esd                 ? 
_cell.length_c                     70.721 
_cell.length_c_esd                 ? 
_cell.volume                       527419.591 
_cell.volume_esd                   ? 
_cell.Z_PDB                        12 
_cell.reciprocal_angle_alpha       ? 
_cell.reciprocal_angle_beta        ? 
_cell.reciprocal_angle_gamma       ? 
_cell.reciprocal_angle_alpha_esd   ? 
_cell.reciprocal_angle_beta_esd    ? 
_cell.reciprocal_angle_gamma_esd   ? 
_cell.reciprocal_length_a          ? 
_cell.reciprocal_length_b          ? 
_cell.reciprocal_length_c          ? 
_cell.reciprocal_length_a_esd      ? 
_cell.reciprocal_length_b_esd      ? 
_cell.reciprocal_length_c_esd      ? 
_cell.pdbx_unique_axis             ? 
_cell.pdbx_esd_method              ? 
# 
_symmetry.entry_id                         9HGF 
_symmetry.cell_setting                     ? 
_symmetry.Int_Tables_number                180 
_symmetry.space_group_name_Hall            'P 62 2 (x,y,z+1/3)' 
_symmetry.space_group_name_H-M             'P 62 2 2' 
_symmetry.pdbx_full_space_group_name_H-M   ? 
# 
_exptl.absorpt_coefficient_mu     ? 
_exptl.absorpt_correction_T_max   ? 
_exptl.absorpt_correction_T_min   ? 
_exptl.absorpt_correction_type    ? 
_exptl.absorpt_process_details    ? 
_exptl.entry_id                   9HGF 
_exptl.crystals_number            1 
_exptl.details                    ? 
_exptl.method                     'X-RAY DIFFRACTION' 
_exptl.method_details             ? 
# 
_exptl_crystal.colour                       ? 
_exptl_crystal.density_diffrn               ? 
_exptl_crystal.density_Matthews             2.90 
_exptl_crystal.density_method               ? 
_exptl_crystal.density_percent_sol          57.57 
_exptl_crystal.description                  ? 
_exptl_crystal.F_000                        ? 
_exptl_crystal.id                           1 
_exptl_crystal.preparation                  ? 
_exptl_crystal.size_max                     ? 
_exptl_crystal.size_mid                     ? 
_exptl_crystal.size_min                     ? 
_exptl_crystal.size_rad                     ? 
_exptl_crystal.colour_lustre                ? 
_exptl_crystal.colour_modifier              ? 
_exptl_crystal.colour_primary               ? 
_exptl_crystal.density_meas                 ? 
_exptl_crystal.density_meas_esd             ? 
_exptl_crystal.density_meas_gt              ? 
_exptl_crystal.density_meas_lt              ? 
_exptl_crystal.density_meas_temp            ? 
_exptl_crystal.density_meas_temp_esd        ? 
_exptl_crystal.density_meas_temp_gt         ? 
_exptl_crystal.density_meas_temp_lt         ? 
_exptl_crystal.pdbx_crystal_image_url       ? 
_exptl_crystal.pdbx_crystal_image_format    ? 
_exptl_crystal.pdbx_mosaicity               ? 
_exptl_crystal.pdbx_mosaicity_esd           ? 
_exptl_crystal.pdbx_mosaic_method           ? 
_exptl_crystal.pdbx_mosaic_block_size       ? 
_exptl_crystal.pdbx_mosaic_block_size_esd   ? 
# 
_exptl_crystal_grow.apparatus       ? 
_exptl_crystal_grow.atmosphere      ? 
_exptl_crystal_grow.crystal_id      1 
_exptl_crystal_grow.details         ? 
_exptl_crystal_grow.method          'VAPOR DIFFUSION, SITTING DROP' 
_exptl_crystal_grow.method_ref      ? 
_exptl_crystal_grow.pH              ? 
_exptl_crystal_grow.pressure        ? 
_exptl_crystal_grow.pressure_esd    ? 
_exptl_crystal_grow.seeding         ? 
_exptl_crystal_grow.seeding_ref     ? 
_exptl_crystal_grow.temp_details    ? 
_exptl_crystal_grow.temp_esd        ? 
_exptl_crystal_grow.time            ? 
_exptl_crystal_grow.pdbx_details    '35% PEG 3350, 0.2M LiSO4, Tris pH 7.5' 
_exptl_crystal_grow.pdbx_pH_range   ? 
_exptl_crystal_grow.temp            277 
# 
_diffrn.ambient_environment              ? 
_diffrn.ambient_temp                     100 
_diffrn.ambient_temp_details             ? 
_diffrn.ambient_temp_esd                 ? 
_diffrn.crystal_id                       1 
_diffrn.crystal_support                  ? 
_diffrn.crystal_treatment                ? 
_diffrn.details                          ? 
_diffrn.id                               1 
_diffrn.ambient_pressure                 ? 
_diffrn.ambient_pressure_esd             ? 
_diffrn.ambient_pressure_gt              ? 
_diffrn.ambient_pressure_lt              ? 
_diffrn.ambient_temp_gt                  ? 
_diffrn.ambient_temp_lt                  ? 
_diffrn.pdbx_serial_crystal_experiment   N 
# 
_diffrn_detector.details                      ? 
_diffrn_detector.detector                     PIXEL 
_diffrn_detector.diffrn_id                    1 
_diffrn_detector.type                         'DECTRIS EIGER X 4M' 
_diffrn_detector.area_resol_mean              ? 
_diffrn_detector.dtime                        ? 
_diffrn_detector.pdbx_frames_total            ? 
_diffrn_detector.pdbx_collection_time_total   ? 
_diffrn_detector.pdbx_collection_date         2022-01-09 
_diffrn_detector.pdbx_frequency               ? 
_diffrn_detector.id                           ? 
_diffrn_detector.number_of_axes               ? 
# 
_diffrn_radiation.collimation                      ? 
_diffrn_radiation.diffrn_id                        1 
_diffrn_radiation.filter_edge                      ? 
_diffrn_radiation.inhomogeneity                    ? 
_diffrn_radiation.monochromator                    ? 
_diffrn_radiation.polarisn_norm                    ? 
_diffrn_radiation.polarisn_ratio                   ? 
_diffrn_radiation.probe                            ? 
_diffrn_radiation.type                             ? 
_diffrn_radiation.xray_symbol                      ? 
_diffrn_radiation.wavelength_id                    1 
_diffrn_radiation.pdbx_monochromatic_or_laue_m_l   M 
_diffrn_radiation.pdbx_wavelength_list             ? 
_diffrn_radiation.pdbx_wavelength                  ? 
_diffrn_radiation.pdbx_diffrn_protocol             'SINGLE WAVELENGTH' 
_diffrn_radiation.pdbx_analyzer                    ? 
_diffrn_radiation.pdbx_scattering_type             x-ray 
# 
_diffrn_radiation_wavelength.id           1 
_diffrn_radiation_wavelength.wavelength   0.967697 
_diffrn_radiation_wavelength.wt           1.0 
# 
_diffrn_source.current                     ? 
_diffrn_source.details                     ? 
_diffrn_source.diffrn_id                   1 
_diffrn_source.power                       ? 
_diffrn_source.size                        ? 
_diffrn_source.source                      SYNCHROTRON 
_diffrn_source.target                      ? 
_diffrn_source.type                        'ESRF BEAMLINE MASSIF-3' 
_diffrn_source.voltage                     ? 
_diffrn_source.take-off_angle              ? 
_diffrn_source.pdbx_wavelength_list        0.967697 
_diffrn_source.pdbx_wavelength             ? 
_diffrn_source.pdbx_synchrotron_beamline   MASSIF-3 
_diffrn_source.pdbx_synchrotron_site       ESRF 
# 
_reflns.B_iso_Wilson_estimate                          28.27 
_reflns.entry_id                                       9HGF 
_reflns.data_reduction_details                         ? 
_reflns.data_reduction_method                          ? 
_reflns.d_resolution_high                              1.859 
_reflns.d_resolution_low                               80.365 
_reflns.details                                        ? 
_reflns.limit_h_max                                    ? 
_reflns.limit_h_min                                    ? 
_reflns.limit_k_max                                    ? 
_reflns.limit_k_min                                    ? 
_reflns.limit_l_max                                    ? 
_reflns.limit_l_min                                    ? 
_reflns.number_all                                     ? 
_reflns.number_obs                                     15625 
_reflns.observed_criterion                             ? 
_reflns.observed_criterion_F_max                       ? 
_reflns.observed_criterion_F_min                       ? 
_reflns.observed_criterion_I_max                       ? 
_reflns.observed_criterion_I_min                       ? 
_reflns.observed_criterion_sigma_F                     ? 
_reflns.observed_criterion_sigma_I                     ? 
_reflns.percent_possible_obs                           99.9 
_reflns.R_free_details                                 ? 
_reflns.Rmerge_F_all                                   ? 
_reflns.Rmerge_F_obs                                   ? 
_reflns.Friedel_coverage                               ? 
_reflns.number_gt                                      ? 
_reflns.threshold_expression                           ? 
_reflns.pdbx_redundancy                                37.3 
_reflns.pdbx_netI_over_av_sigmaI                       ? 
_reflns.pdbx_netI_over_sigmaI                          20.6 
_reflns.pdbx_res_netI_over_av_sigmaI_2                 ? 
_reflns.pdbx_res_netI_over_sigmaI_2                    ? 
_reflns.pdbx_chi_squared                               ? 
_reflns.pdbx_scaling_rejects                           ? 
_reflns.pdbx_d_res_high_opt                            ? 
_reflns.pdbx_d_res_low_opt                             ? 
_reflns.pdbx_d_res_opt_method                          ? 
_reflns.phase_calculation_details                      ? 
_reflns.pdbx_Rrim_I_all                                0.136 
_reflns.pdbx_Rpim_I_all                                0.022 
_reflns.pdbx_d_opt                                     ? 
_reflns.pdbx_number_measured_all                       ? 
_reflns.pdbx_diffrn_id                                 1 
_reflns.pdbx_ordinal                                   1 
_reflns.pdbx_CC_half                                   ? 
_reflns.pdbx_CC_star                                   ? 
_reflns.pdbx_R_split                                   ? 
_reflns.pdbx_Rmerge_I_obs                              0.134 
_reflns.pdbx_Rmerge_I_all                              ? 
_reflns.pdbx_Rsym_value                                ? 
_reflns.pdbx_CC_split_method                           ? 
_reflns.pdbx_aniso_diffraction_limit_axis_1_ortho[1]   ? 
_reflns.pdbx_aniso_diffraction_limit_axis_1_ortho[2]   ? 
_reflns.pdbx_aniso_diffraction_limit_axis_1_ortho[3]   ? 
_reflns.pdbx_aniso_diffraction_limit_axis_2_ortho[1]   ? 
_reflns.pdbx_aniso_diffraction_limit_axis_2_ortho[2]   ? 
_reflns.pdbx_aniso_diffraction_limit_axis_2_ortho[3]   ? 
_reflns.pdbx_aniso_diffraction_limit_axis_3_ortho[1]   ? 
_reflns.pdbx_aniso_diffraction_limit_axis_3_ortho[2]   ? 
_reflns.pdbx_aniso_diffraction_limit_axis_3_ortho[3]   ? 
_reflns.pdbx_aniso_diffraction_limit_1                 ? 
_reflns.pdbx_aniso_diffraction_limit_2                 ? 
_reflns.pdbx_aniso_diffraction_limit_3                 ? 
_reflns.pdbx_aniso_B_tensor_eigenvector_1_ortho[1]     ? 
_reflns.pdbx_aniso_B_tensor_eigenvector_1_ortho[2]     ? 
_reflns.pdbx_aniso_B_tensor_eigenvector_1_ortho[3]     ? 
_reflns.pdbx_aniso_B_tensor_eigenvector_2_ortho[1]     ? 
_reflns.pdbx_aniso_B_tensor_eigenvector_2_ortho[2]     ? 
_reflns.pdbx_aniso_B_tensor_eigenvector_2_ortho[3]     ? 
_reflns.pdbx_aniso_B_tensor_eigenvector_3_ortho[1]     ? 
_reflns.pdbx_aniso_B_tensor_eigenvector_3_ortho[2]     ? 
_reflns.pdbx_aniso_B_tensor_eigenvector_3_ortho[3]     ? 
_reflns.pdbx_aniso_B_tensor_eigenvalue_1               ? 
_reflns.pdbx_aniso_B_tensor_eigenvalue_2               ? 
_reflns.pdbx_aniso_B_tensor_eigenvalue_3               ? 
_reflns.pdbx_orthogonalization_convention              ? 
_reflns.pdbx_percent_possible_ellipsoidal              ? 
_reflns.pdbx_percent_possible_spherical                ? 
_reflns.pdbx_percent_possible_ellipsoidal_anomalous    ? 
_reflns.pdbx_percent_possible_spherical_anomalous      ? 
_reflns.pdbx_redundancy_anomalous                      ? 
_reflns.pdbx_CC_half_anomalous                         ? 
_reflns.pdbx_absDiff_over_sigma_anomalous              ? 
_reflns.pdbx_percent_possible_anomalous                ? 
_reflns.pdbx_observed_signal_threshold                 ? 
_reflns.pdbx_signal_type                               ? 
_reflns.pdbx_signal_details                            ? 
_reflns.pdbx_signal_software_id                        ? 
# 
_reflns_shell.d_res_high                                    1.859 
_reflns_shell.d_res_low                                     1.891 
_reflns_shell.meanI_over_sigI_all                           ? 
_reflns_shell.meanI_over_sigI_obs                           2.4 
_reflns_shell.number_measured_all                           ? 
_reflns_shell.number_measured_obs                           ? 
_reflns_shell.number_possible                               ? 
_reflns_shell.number_unique_all                             ? 
_reflns_shell.number_unique_obs                             762 
_reflns_shell.percent_possible_obs                          ? 
_reflns_shell.Rmerge_F_all                                  ? 
_reflns_shell.Rmerge_F_obs                                  ? 
_reflns_shell.meanI_over_sigI_gt                            ? 
_reflns_shell.meanI_over_uI_all                             ? 
_reflns_shell.meanI_over_uI_gt                              ? 
_reflns_shell.number_measured_gt                            ? 
_reflns_shell.number_unique_gt                              ? 
_reflns_shell.percent_possible_gt                           ? 
_reflns_shell.Rmerge_F_gt                                   ? 
_reflns_shell.Rmerge_I_gt                                   ? 
_reflns_shell.pdbx_redundancy                               39.6 
_reflns_shell.pdbx_chi_squared                              ? 
_reflns_shell.pdbx_netI_over_sigmaI_all                     ? 
_reflns_shell.pdbx_netI_over_sigmaI_obs                     ? 
_reflns_shell.pdbx_Rrim_I_all                               2.284 
_reflns_shell.pdbx_Rpim_I_all                               0.361 
_reflns_shell.pdbx_rejects                                  ? 
_reflns_shell.pdbx_ordinal                                  1 
_reflns_shell.pdbx_diffrn_id                                1 
_reflns_shell.pdbx_CC_half                                  ? 
_reflns_shell.pdbx_CC_star                                  ? 
_reflns_shell.pdbx_R_split                                  ? 
_reflns_shell.percent_possible_all                          ? 
_reflns_shell.Rmerge_I_all                                  ? 
_reflns_shell.Rmerge_I_obs                                  2.255 
_reflns_shell.pdbx_Rsym_value                               ? 
_reflns_shell.pdbx_percent_possible_ellipsoidal             ? 
_reflns_shell.pdbx_percent_possible_spherical               ? 
_reflns_shell.pdbx_percent_possible_ellipsoidal_anomalous   ? 
_reflns_shell.pdbx_percent_possible_spherical_anomalous     ? 
_reflns_shell.pdbx_redundancy_anomalous                     ? 
_reflns_shell.pdbx_CC_half_anomalous                        ? 
_reflns_shell.pdbx_absDiff_over_sigma_anomalous             ? 
_reflns_shell.pdbx_percent_possible_anomalous               ? 
# 
_refine.aniso_B[1][1]                            ? 
_refine.aniso_B[1][2]                            ? 
_refine.aniso_B[1][3]                            ? 
_refine.aniso_B[2][2]                            ? 
_refine.aniso_B[2][3]                            ? 
_refine.aniso_B[3][3]                            ? 
_refine.B_iso_max                                ? 
_refine.B_iso_mean                               40.19 
_refine.B_iso_min                                ? 
_refine.correlation_coeff_Fo_to_Fc               ? 
_refine.correlation_coeff_Fo_to_Fc_free          ? 
_refine.details                                  ? 
_refine.diff_density_max                         ? 
_refine.diff_density_max_esd                     ? 
_refine.diff_density_min                         ? 
_refine.diff_density_min_esd                     ? 
_refine.diff_density_rms                         ? 
_refine.diff_density_rms_esd                     ? 
_refine.entry_id                                 9HGF 
_refine.pdbx_refine_id                           'X-RAY DIFFRACTION' 
_refine.ls_abs_structure_details                 ? 
_refine.ls_abs_structure_Flack                   ? 
_refine.ls_abs_structure_Flack_esd               ? 
_refine.ls_abs_structure_Rogers                  ? 
_refine.ls_abs_structure_Rogers_esd              ? 
_refine.ls_d_res_high                            1.86 
_refine.ls_d_res_low                             53.09 
_refine.ls_extinction_coef                       ? 
_refine.ls_extinction_coef_esd                   ? 
_refine.ls_extinction_expression                 ? 
_refine.ls_extinction_method                     ? 
_refine.ls_goodness_of_fit_all                   ? 
_refine.ls_goodness_of_fit_all_esd               ? 
_refine.ls_goodness_of_fit_obs                   ? 
_refine.ls_goodness_of_fit_obs_esd               ? 
_refine.ls_hydrogen_treatment                    ? 
_refine.ls_matrix_type                           ? 
_refine.ls_number_constraints                    ? 
_refine.ls_number_parameters                     ? 
_refine.ls_number_reflns_all                     ? 
_refine.ls_number_reflns_obs                     15583 
_refine.ls_number_reflns_R_free                  795 
_refine.ls_number_reflns_R_work                  14788 
_refine.ls_number_restraints                     ? 
_refine.ls_percent_reflns_obs                    99.64 
_refine.ls_percent_reflns_R_free                 5.10 
_refine.ls_R_factor_all                          ? 
_refine.ls_R_factor_obs                          0.2059 
_refine.ls_R_factor_R_free                       0.2344 
_refine.ls_R_factor_R_free_error                 ? 
_refine.ls_R_factor_R_free_error_details         ? 
_refine.ls_R_factor_R_work                       0.2044 
_refine.ls_R_Fsqd_factor_obs                     ? 
_refine.ls_R_I_factor_obs                        ? 
_refine.ls_redundancy_reflns_all                 ? 
_refine.ls_redundancy_reflns_obs                 ? 
_refine.ls_restrained_S_all                      ? 
_refine.ls_restrained_S_obs                      ? 
_refine.ls_shift_over_esd_max                    ? 
_refine.ls_shift_over_esd_mean                   ? 
_refine.ls_structure_factor_coef                 ? 
_refine.ls_weighting_details                     ? 
_refine.ls_weighting_scheme                      ? 
_refine.ls_wR_factor_all                         ? 
_refine.ls_wR_factor_obs                         ? 
_refine.ls_wR_factor_R_free                      ? 
_refine.ls_wR_factor_R_work                      ? 
_refine.occupancy_max                            ? 
_refine.occupancy_min                            ? 
_refine.solvent_model_details                    'FLAT BULK SOLVENT MODEL' 
_refine.solvent_model_param_bsol                 ? 
_refine.solvent_model_param_ksol                 ? 
_refine.pdbx_R_complete                          ? 
_refine.ls_R_factor_gt                           ? 
_refine.ls_goodness_of_fit_gt                    ? 
_refine.ls_goodness_of_fit_ref                   ? 
_refine.ls_shift_over_su_max                     ? 
_refine.ls_shift_over_su_max_lt                  ? 
_refine.ls_shift_over_su_mean                    ? 
_refine.ls_shift_over_su_mean_lt                 ? 
_refine.pdbx_ls_sigma_I                          ? 
_refine.pdbx_ls_sigma_F                          1.35 
_refine.pdbx_ls_sigma_Fsqd                       ? 
_refine.pdbx_data_cutoff_high_absF               ? 
_refine.pdbx_data_cutoff_high_rms_absF           ? 
_refine.pdbx_data_cutoff_low_absF                ? 
_refine.pdbx_isotropic_thermal_model             ? 
_refine.pdbx_ls_cross_valid_method               'FREE R-VALUE' 
_refine.pdbx_method_to_determine_struct          'MOLECULAR REPLACEMENT' 
_refine.pdbx_starting_model                      ? 
_refine.pdbx_stereochemistry_target_values       'GeoStd + Monomer Library + CDL v1.2' 
_refine.pdbx_R_Free_selection_details            ? 
_refine.pdbx_stereochem_target_val_spec_case     ? 
_refine.pdbx_overall_ESU_R                       ? 
_refine.pdbx_overall_ESU_R_Free                  ? 
_refine.pdbx_solvent_vdw_probe_radii             1.1000 
_refine.pdbx_solvent_ion_probe_radii             ? 
_refine.pdbx_solvent_shrinkage_radii             0.9000 
_refine.pdbx_real_space_R                        ? 
_refine.pdbx_density_correlation                 ? 
_refine.pdbx_pd_number_of_powder_patterns        ? 
_refine.pdbx_pd_number_of_points                 ? 
_refine.pdbx_pd_meas_number_of_points            ? 
_refine.pdbx_pd_proc_ls_prof_R_factor            ? 
_refine.pdbx_pd_proc_ls_prof_wR_factor           ? 
_refine.pdbx_pd_Marquardt_correlation_coeff      ? 
_refine.pdbx_pd_Fsqrd_R_factor                   ? 
_refine.pdbx_pd_ls_matrix_band_width             ? 
_refine.pdbx_overall_phase_error                 33.2695 
_refine.pdbx_overall_SU_R_free_Cruickshank_DPI   ? 
_refine.pdbx_overall_SU_R_free_Blow_DPI          ? 
_refine.pdbx_overall_SU_R_Blow_DPI               ? 
_refine.pdbx_TLS_residual_ADP_flag               ? 
_refine.pdbx_diffrn_id                           1 
_refine.overall_SU_B                             ? 
_refine.overall_SU_ML                            0.2189 
_refine.overall_SU_R_Cruickshank_DPI             ? 
_refine.overall_SU_R_free                        ? 
_refine.overall_FOM_free_R_set                   ? 
_refine.overall_FOM_work_R_set                   ? 
_refine.pdbx_average_fsc_overall                 ? 
_refine.pdbx_average_fsc_work                    ? 
_refine.pdbx_average_fsc_free                    ? 
# 
_refine_hist.pdbx_refine_id                   'X-RAY DIFFRACTION' 
_refine_hist.cycle_id                         LAST 
_refine_hist.details                          ? 
_refine_hist.d_res_high                       1.86 
_refine_hist.d_res_low                        53.09 
_refine_hist.number_atoms_solvent             86 
_refine_hist.number_atoms_total               1072 
_refine_hist.number_reflns_all                ? 
_refine_hist.number_reflns_obs                ? 
_refine_hist.number_reflns_R_free             ? 
_refine_hist.number_reflns_R_work             ? 
_refine_hist.R_factor_all                     ? 
_refine_hist.R_factor_obs                     ? 
_refine_hist.R_factor_R_free                  ? 
_refine_hist.R_factor_R_work                  ? 
_refine_hist.pdbx_number_residues_total       ? 
_refine_hist.pdbx_B_iso_mean_ligand           ? 
_refine_hist.pdbx_B_iso_mean_solvent          ? 
_refine_hist.pdbx_number_atoms_protein        957 
_refine_hist.pdbx_number_atoms_nucleic_acid   0 
_refine_hist.pdbx_number_atoms_ligand         29 
_refine_hist.pdbx_number_atoms_lipid          ? 
_refine_hist.pdbx_number_atoms_carb           ? 
_refine_hist.pdbx_pseudo_atom_details         ? 
# 
loop_
_refine_ls_restr.pdbx_refine_id 
_refine_ls_restr.criterion 
_refine_ls_restr.dev_ideal 
_refine_ls_restr.dev_ideal_target 
_refine_ls_restr.number 
_refine_ls_restr.rejects 
_refine_ls_restr.type 
_refine_ls_restr.weight 
_refine_ls_restr.pdbx_restraint_function 
'X-RAY DIFFRACTION' ? 0.0126  ? 1019 ? f_bond_d           ? ? 
'X-RAY DIFFRACTION' ? 1.0665  ? 1388 ? f_angle_d          ? ? 
'X-RAY DIFFRACTION' ? 0.0579  ? 151  ? f_chiral_restr     ? ? 
'X-RAY DIFFRACTION' ? 0.0064  ? 176  ? f_plane_restr      ? ? 
'X-RAY DIFFRACTION' ? 17.2198 ? 364  ? f_dihedral_angle_d ? ? 
# 
loop_
_refine_ls_shell.pdbx_refine_id 
_refine_ls_shell.d_res_high 
_refine_ls_shell.d_res_low 
_refine_ls_shell.number_reflns_all 
_refine_ls_shell.number_reflns_obs 
_refine_ls_shell.number_reflns_R_free 
_refine_ls_shell.number_reflns_R_work 
_refine_ls_shell.percent_reflns_obs 
_refine_ls_shell.percent_reflns_R_free 
_refine_ls_shell.R_factor_all 
_refine_ls_shell.R_factor_obs 
_refine_ls_shell.R_factor_R_free_error 
_refine_ls_shell.R_factor_R_work 
_refine_ls_shell.redundancy_reflns_all 
_refine_ls_shell.redundancy_reflns_obs 
_refine_ls_shell.wR_factor_all 
_refine_ls_shell.wR_factor_obs 
_refine_ls_shell.wR_factor_R_free 
_refine_ls_shell.wR_factor_R_work 
_refine_ls_shell.pdbx_R_complete 
_refine_ls_shell.pdbx_total_number_of_bins_used 
_refine_ls_shell.pdbx_phase_error 
_refine_ls_shell.pdbx_fsc_work 
_refine_ls_shell.pdbx_fsc_free 
_refine_ls_shell.R_factor_R_free 
'X-RAY DIFFRACTION' 1.86 1.97  . . 102 2426 99.61 . . . . 0.3361 . . . . . . . . . . . 0.3260 
'X-RAY DIFFRACTION' 1.98 2.13  . . 149 2384 99.57 . . . . 0.2753 . . . . . . . . . . . 0.3279 
'X-RAY DIFFRACTION' 2.13 2.34  . . 128 2428 99.61 . . . . 0.2270 . . . . . . . . . . . 0.2819 
'X-RAY DIFFRACTION' 2.34 2.68  . . 135 2438 99.81 . . . . 0.2076 . . . . . . . . . . . 0.2488 
'X-RAY DIFFRACTION' 2.68 3.38  . . 145 2466 99.50 . . . . 0.2156 . . . . . . . . . . . 0.2505 
'X-RAY DIFFRACTION' 3.38 53.09 . . 136 2646 99.82 . . . . 0.1678 . . . . . . . . . . . 0.1835 
# 
_struct.entry_id                     9HGF 
_struct.title                        'Crystal Structure of the Plasmodium vivax Bromodomain PvBDP1 in complex with RMM25' 
_struct.pdbx_model_details           ? 
_struct.pdbx_formula_weight          ? 
_struct.pdbx_formula_weight_method   ? 
_struct.pdbx_model_type_details      ? 
_struct.pdbx_CASP_flag               N 
# 
_struct_keywords.entry_id        9HGF 
_struct_keywords.text            'plasmodium, bromodomain, inhibitor, complex, TRANSCRIPTION' 
_struct_keywords.pdbx_keywords   TRANSCRIPTION 
# 
loop_
_struct_asym.id 
_struct_asym.pdbx_blank_PDB_chainid_flag 
_struct_asym.pdbx_modified 
_struct_asym.entity_id 
_struct_asym.details 
A N N 1 ? 
B N N 2 ? 
C N N 3 ? 
D N N 4 ? 
E N N 5 ? 
# 
_struct_ref.id                         1 
_struct_ref.db_name                    UNP 
_struct_ref.db_code                    A5KDW3_PLAVS 
_struct_ref.pdbx_db_accession          A5KDW3 
_struct_ref.pdbx_db_isoform            ? 
_struct_ref.entity_id                  1 
_struct_ref.pdbx_seq_one_letter_code   
;FNKQWYLLANQIIQSLSKYEGGHIFEKLVDAKKQNCPDYYDVIKNPMSFSCVKTKLKKGQYGLPTEFIKDVQLIFDNCSL
YNTSGSLVAITGKNIEAYFNNQLIVTGYNNFVTKANTINERLQKVEDEN
;
_struct_ref.pdbx_align_begin           318 
# 
_struct_ref_seq.align_id                      1 
_struct_ref_seq.ref_id                        1 
_struct_ref_seq.pdbx_PDB_id_code              9HGF 
_struct_ref_seq.pdbx_strand_id                A 
_struct_ref_seq.seq_align_beg                 2 
_struct_ref_seq.pdbx_seq_align_beg_ins_code   ? 
_struct_ref_seq.seq_align_end                 130 
_struct_ref_seq.pdbx_seq_align_end_ins_code   ? 
_struct_ref_seq.pdbx_db_accession             A5KDW3 
_struct_ref_seq.db_align_beg                  318 
_struct_ref_seq.pdbx_db_align_beg_ins_code    ? 
_struct_ref_seq.db_align_end                  446 
_struct_ref_seq.pdbx_db_align_end_ins_code    ? 
_struct_ref_seq.pdbx_auth_seq_align_beg       2 
_struct_ref_seq.pdbx_auth_seq_align_end       130 
# 
loop_
_struct_ref_seq_dif.align_id 
_struct_ref_seq_dif.pdbx_pdb_id_code 
_struct_ref_seq_dif.mon_id 
_struct_ref_seq_dif.pdbx_pdb_strand_id 
_struct_ref_seq_dif.seq_num 
_struct_ref_seq_dif.pdbx_pdb_ins_code 
_struct_ref_seq_dif.pdbx_seq_db_name 
_struct_ref_seq_dif.pdbx_seq_db_accession_code 
_struct_ref_seq_dif.db_mon_id 
_struct_ref_seq_dif.pdbx_seq_db_seq_num 
_struct_ref_seq_dif.details 
_struct_ref_seq_dif.pdbx_auth_seq_num 
_struct_ref_seq_dif.pdbx_ordinal 
1 9HGF SER A 1   ? UNP A5KDW3 ? ? 'expression tag' 1   1 
1 9HGF LEU A 131 ? UNP A5KDW3 ? ? 'expression tag' 131 2 
1 9HGF GLU A 132 ? UNP A5KDW3 ? ? 'expression tag' 132 3 
# 
_pdbx_struct_assembly.id                   1 
_pdbx_struct_assembly.details              author_and_software_defined_assembly 
_pdbx_struct_assembly.method_details       PISA 
_pdbx_struct_assembly.oligomeric_details   monomeric 
_pdbx_struct_assembly.oligomeric_count     1 
# 
loop_
_pdbx_struct_assembly_prop.biol_id 
_pdbx_struct_assembly_prop.type 
_pdbx_struct_assembly_prop.value 
_pdbx_struct_assembly_prop.details 
1 'ABSA (A^2)' 200  ? 
1 MORE         -14  ? 
1 'SSA (A^2)'  7080 ? 
# 
_pdbx_struct_assembly_gen.assembly_id       1 
_pdbx_struct_assembly_gen.oper_expression   1 
_pdbx_struct_assembly_gen.asym_id_list      A,B,C,D,E 
# 
_pdbx_struct_assembly_auth_evidence.id                     1 
_pdbx_struct_assembly_auth_evidence.assembly_id            1 
_pdbx_struct_assembly_auth_evidence.experimental_support   'gel filtration' 
_pdbx_struct_assembly_auth_evidence.details                ? 
# 
_pdbx_struct_oper_list.id                   1 
_pdbx_struct_oper_list.type                 'identity operation' 
_pdbx_struct_oper_list.name                 1_555 
_pdbx_struct_oper_list.symmetry_operation   x,y,z 
_pdbx_struct_oper_list.matrix[1][1]         1.0000000000 
_pdbx_struct_oper_list.matrix[1][2]         0.0000000000 
_pdbx_struct_oper_list.matrix[1][3]         0.0000000000 
_pdbx_struct_oper_list.vector[1]            0.0000000000 
_pdbx_struct_oper_list.matrix[2][1]         0.0000000000 
_pdbx_struct_oper_list.matrix[2][2]         1.0000000000 
_pdbx_struct_oper_list.matrix[2][3]         0.0000000000 
_pdbx_struct_oper_list.vector[2]            0.0000000000 
_pdbx_struct_oper_list.matrix[3][1]         0.0000000000 
_pdbx_struct_oper_list.matrix[3][2]         0.0000000000 
_pdbx_struct_oper_list.matrix[3][3]         1.0000000000 
_pdbx_struct_oper_list.vector[3]            0.0000000000 
# 
loop_
_struct_conf.conf_type_id 
_struct_conf.id 
_struct_conf.pdbx_PDB_helix_id 
_struct_conf.beg_label_comp_id 
_struct_conf.beg_label_asym_id 
_struct_conf.beg_label_seq_id 
_struct_conf.pdbx_beg_PDB_ins_code 
_struct_conf.end_label_comp_id 
_struct_conf.end_label_asym_id 
_struct_conf.end_label_seq_id 
_struct_conf.pdbx_end_PDB_ins_code 
_struct_conf.beg_auth_comp_id 
_struct_conf.beg_auth_asym_id 
_struct_conf.beg_auth_seq_id 
_struct_conf.end_auth_comp_id 
_struct_conf.end_auth_asym_id 
_struct_conf.end_auth_seq_id 
_struct_conf.pdbx_PDB_helix_class 
_struct_conf.details 
_struct_conf.pdbx_PDB_helix_length 
HELX_P HELX_P1 AA1 SER A 1   ? LYS A 19  ? SER A 1   LYS A 19  1 ? 19 
HELX_P HELX_P2 AA2 GLY A 22  ? GLU A 27  ? GLY A 22  GLU A 27  5 ? 6  
HELX_P HELX_P3 AA3 ASP A 39  ? ILE A 44  ? ASP A 39  ILE A 44  1 ? 6  
HELX_P HELX_P4 AA4 SER A 49  ? GLY A 60  ? SER A 49  GLY A 60  1 ? 12 
HELX_P HELX_P5 AA5 LEU A 64  ? ASN A 83  ? LEU A 64  ASN A 83  1 ? 20 
HELX_P HELX_P6 AA6 SER A 87  ? THR A 107 ? SER A 87  THR A 107 1 ? 21 
HELX_P HELX_P7 AA7 GLY A 108 ? ASN A 120 ? GLY A 108 ASN A 120 1 ? 13 
# 
_struct_conf_type.id          HELX_P 
_struct_conf_type.criteria    ? 
_struct_conf_type.reference   ? 
# 
_pdbx_entry_details.entry_id                   9HGF 
_pdbx_entry_details.nonpolymer_details         ? 
_pdbx_entry_details.sequence_details           ? 
_pdbx_entry_details.compound_details           ? 
_pdbx_entry_details.source_details             ? 
_pdbx_entry_details.has_ligand_of_interest     Y 
_pdbx_entry_details.has_protein_modification   N 
# 
_pdbx_validate_close_contact.id               1 
_pdbx_validate_close_contact.PDB_model_num    1 
_pdbx_validate_close_contact.auth_atom_id_1   O 
_pdbx_validate_close_contact.auth_asym_id_1   A 
_pdbx_validate_close_contact.auth_comp_id_1   HOH 
_pdbx_validate_close_contact.auth_seq_id_1    364 
_pdbx_validate_close_contact.PDB_ins_code_1   ? 
_pdbx_validate_close_contact.label_alt_id_1   ? 
_pdbx_validate_close_contact.auth_atom_id_2   O 
_pdbx_validate_close_contact.auth_asym_id_2   A 
_pdbx_validate_close_contact.auth_comp_id_2   HOH 
_pdbx_validate_close_contact.auth_seq_id_2    373 
_pdbx_validate_close_contact.PDB_ins_code_2   ? 
_pdbx_validate_close_contact.label_alt_id_2   ? 
_pdbx_validate_close_contact.dist             2.19 
# 
loop_
_pdbx_validate_symm_contact.id 
_pdbx_validate_symm_contact.PDB_model_num 
_pdbx_validate_symm_contact.auth_atom_id_1 
_pdbx_validate_symm_contact.auth_asym_id_1 
_pdbx_validate_symm_contact.auth_comp_id_1 
_pdbx_validate_symm_contact.auth_seq_id_1 
_pdbx_validate_symm_contact.PDB_ins_code_1 
_pdbx_validate_symm_contact.label_alt_id_1 
_pdbx_validate_symm_contact.site_symmetry_1 
_pdbx_validate_symm_contact.auth_atom_id_2 
_pdbx_validate_symm_contact.auth_asym_id_2 
_pdbx_validate_symm_contact.auth_comp_id_2 
_pdbx_validate_symm_contact.auth_seq_id_2 
_pdbx_validate_symm_contact.PDB_ins_code_2 
_pdbx_validate_symm_contact.label_alt_id_2 
_pdbx_validate_symm_contact.site_symmetry_2 
_pdbx_validate_symm_contact.dist 
1 1 O A HOH 375 ? ? 1_555 O A HOH 375 ? ? 4_545  1.95 
2 1 O A HOH 385 ? ? 1_555 O A HOH 385 ? ? 10_554 2.11 
# 
_pdbx_validate_rmsd_angle.id                         1 
_pdbx_validate_rmsd_angle.PDB_model_num              1 
_pdbx_validate_rmsd_angle.auth_atom_id_1             C 
_pdbx_validate_rmsd_angle.auth_asym_id_1             A 
_pdbx_validate_rmsd_angle.auth_comp_id_1             SER 
_pdbx_validate_rmsd_angle.auth_seq_id_1              85 
_pdbx_validate_rmsd_angle.PDB_ins_code_1             ? 
_pdbx_validate_rmsd_angle.label_alt_id_1             ? 
_pdbx_validate_rmsd_angle.auth_atom_id_2             N 
_pdbx_validate_rmsd_angle.auth_asym_id_2             A 
_pdbx_validate_rmsd_angle.auth_comp_id_2             GLY 
_pdbx_validate_rmsd_angle.auth_seq_id_2              86 
_pdbx_validate_rmsd_angle.PDB_ins_code_2             ? 
_pdbx_validate_rmsd_angle.label_alt_id_2             ? 
_pdbx_validate_rmsd_angle.auth_atom_id_3             CA 
_pdbx_validate_rmsd_angle.auth_asym_id_3             A 
_pdbx_validate_rmsd_angle.auth_comp_id_3             GLY 
_pdbx_validate_rmsd_angle.auth_seq_id_3              86 
_pdbx_validate_rmsd_angle.PDB_ins_code_3             ? 
_pdbx_validate_rmsd_angle.label_alt_id_3             ? 
_pdbx_validate_rmsd_angle.angle_value                105.69 
_pdbx_validate_rmsd_angle.angle_target_value         122.30 
_pdbx_validate_rmsd_angle.angle_deviation            -16.61 
_pdbx_validate_rmsd_angle.angle_standard_deviation   2.10 
_pdbx_validate_rmsd_angle.linker_flag                Y 
# 
_pdbx_struct_special_symmetry.id              1 
_pdbx_struct_special_symmetry.PDB_model_num   1 
_pdbx_struct_special_symmetry.auth_asym_id    A 
_pdbx_struct_special_symmetry.auth_comp_id    HOH 
_pdbx_struct_special_symmetry.auth_seq_id     386 
_pdbx_struct_special_symmetry.PDB_ins_code    ? 
_pdbx_struct_special_symmetry.label_asym_id   E 
_pdbx_struct_special_symmetry.label_comp_id   HOH 
_pdbx_struct_special_symmetry.label_seq_id    . 
# 
_pdbx_distant_solvent_atoms.id                                1 
_pdbx_distant_solvent_atoms.PDB_model_num                     1 
_pdbx_distant_solvent_atoms.auth_atom_id                      O 
_pdbx_distant_solvent_atoms.label_alt_id                      ? 
_pdbx_distant_solvent_atoms.auth_asym_id                      A 
_pdbx_distant_solvent_atoms.auth_comp_id                      HOH 
_pdbx_distant_solvent_atoms.auth_seq_id                       386 
_pdbx_distant_solvent_atoms.PDB_ins_code                      ? 
_pdbx_distant_solvent_atoms.neighbor_macromolecule_distance   6.00 
_pdbx_distant_solvent_atoms.neighbor_ligand_distance          . 
# 
loop_
_pdbx_unobs_or_zero_occ_residues.id 
_pdbx_unobs_or_zero_occ_residues.PDB_model_num 
_pdbx_unobs_or_zero_occ_residues.polymer_flag 
_pdbx_unobs_or_zero_occ_residues.occupancy_flag 
_pdbx_unobs_or_zero_occ_residues.auth_asym_id 
_pdbx_unobs_or_zero_occ_residues.auth_comp_id 
_pdbx_unobs_or_zero_occ_residues.auth_seq_id 
_pdbx_unobs_or_zero_occ_residues.PDB_ins_code 
_pdbx_unobs_or_zero_occ_residues.label_asym_id 
_pdbx_unobs_or_zero_occ_residues.label_comp_id 
_pdbx_unobs_or_zero_occ_residues.label_seq_id 
1  1 Y 1 A ARG 122 ? A ARG 122 
2  1 Y 1 A LEU 123 ? A LEU 123 
3  1 Y 1 A GLN 124 ? A GLN 124 
4  1 Y 1 A LYS 125 ? A LYS 125 
5  1 Y 1 A VAL 126 ? A VAL 126 
6  1 Y 1 A GLU 127 ? A GLU 127 
7  1 Y 1 A ASP 128 ? A ASP 128 
8  1 Y 1 A GLU 129 ? A GLU 129 
9  1 Y 1 A ASN 130 ? A ASN 130 
10 1 Y 1 A LEU 131 ? A LEU 131 
11 1 Y 1 A GLU 132 ? A GLU 132 
# 
loop_
_chem_comp_atom.comp_id 
_chem_comp_atom.atom_id 
_chem_comp_atom.type_symbol 
_chem_comp_atom.pdbx_aromatic_flag 
_chem_comp_atom.pdbx_stereo_config 
_chem_comp_atom.pdbx_ordinal 
A1IUH C16  C  Y N 1   
A1IUH C17  C  Y N 2   
A1IUH C18  C  N N 3   
A1IUH C19  C  N N 4   
A1IUH C20  C  N N 5   
A1IUH C15  C  N N 6   
A1IUH C11  C  Y N 7   
A1IUH C12  C  Y N 8   
A1IUH C10  C  N N 9   
A1IUH C01  C  N N 10  
A1IUH C02  C  Y N 11  
A1IUH C03  C  Y N 12  
A1IUH C04  C  Y N 13  
A1IUH C05  C  N N 14  
A1IUH C08  C  Y N 15  
A1IUH C09  C  Y N 16  
A1IUH C14  C  Y N 17  
A1IUH C21  C  N N 18  
A1IUH C22  C  N N 19  
A1IUH N07  N  N N 20  
A1IUH N13  N  Y N 21  
A1IUH O06  O  N N 22  
A1IUH O23  O  N N 23  
A1IUH H182 H  N N 24  
A1IUH H181 H  N N 25  
A1IUH H191 H  N N 26  
A1IUH H192 H  N N 27  
A1IUH H201 H  N N 28  
A1IUH H202 H  N N 29  
A1IUH H153 H  N N 30  
A1IUH H152 H  N N 31  
A1IUH H151 H  N N 32  
A1IUH H103 H  N N 33  
A1IUH H101 H  N N 34  
A1IUH H102 H  N N 35  
A1IUH H013 H  N N 36  
A1IUH H012 H  N N 37  
A1IUH H011 H  N N 38  
A1IUH H031 H  N N 39  
A1IUH H081 H  N N 40  
A1IUH H211 H  N N 41  
A1IUH H212 H  N N 42  
A1IUH H072 H  N N 43  
A1IUH H071 H  N N 44  
A1IUH H131 H  N N 45  
ALA   N    N  N N 46  
ALA   CA   C  N S 47  
ALA   C    C  N N 48  
ALA   O    O  N N 49  
ALA   CB   C  N N 50  
ALA   OXT  O  N N 51  
ALA   H    H  N N 52  
ALA   H2   H  N N 53  
ALA   HA   H  N N 54  
ALA   HB1  H  N N 55  
ALA   HB2  H  N N 56  
ALA   HB3  H  N N 57  
ALA   HXT  H  N N 58  
ARG   N    N  N N 59  
ARG   CA   C  N S 60  
ARG   C    C  N N 61  
ARG   O    O  N N 62  
ARG   CB   C  N N 63  
ARG   CG   C  N N 64  
ARG   CD   C  N N 65  
ARG   NE   N  N N 66  
ARG   CZ   C  N N 67  
ARG   NH1  N  N N 68  
ARG   NH2  N  N N 69  
ARG   OXT  O  N N 70  
ARG   H    H  N N 71  
ARG   H2   H  N N 72  
ARG   HA   H  N N 73  
ARG   HB2  H  N N 74  
ARG   HB3  H  N N 75  
ARG   HG2  H  N N 76  
ARG   HG3  H  N N 77  
ARG   HD2  H  N N 78  
ARG   HD3  H  N N 79  
ARG   HE   H  N N 80  
ARG   HH11 H  N N 81  
ARG   HH12 H  N N 82  
ARG   HH21 H  N N 83  
ARG   HH22 H  N N 84  
ARG   HXT  H  N N 85  
ASN   N    N  N N 86  
ASN   CA   C  N S 87  
ASN   C    C  N N 88  
ASN   O    O  N N 89  
ASN   CB   C  N N 90  
ASN   CG   C  N N 91  
ASN   OD1  O  N N 92  
ASN   ND2  N  N N 93  
ASN   OXT  O  N N 94  
ASN   H    H  N N 95  
ASN   H2   H  N N 96  
ASN   HA   H  N N 97  
ASN   HB2  H  N N 98  
ASN   HB3  H  N N 99  
ASN   HD21 H  N N 100 
ASN   HD22 H  N N 101 
ASN   HXT  H  N N 102 
ASP   N    N  N N 103 
ASP   CA   C  N S 104 
ASP   C    C  N N 105 
ASP   O    O  N N 106 
ASP   CB   C  N N 107 
ASP   CG   C  N N 108 
ASP   OD1  O  N N 109 
ASP   OD2  O  N N 110 
ASP   OXT  O  N N 111 
ASP   H    H  N N 112 
ASP   H2   H  N N 113 
ASP   HA   H  N N 114 
ASP   HB2  H  N N 115 
ASP   HB3  H  N N 116 
ASP   HD2  H  N N 117 
ASP   HXT  H  N N 118 
CL    CL   CL N N 119 
CYS   N    N  N N 120 
CYS   CA   C  N R 121 
CYS   C    C  N N 122 
CYS   O    O  N N 123 
CYS   CB   C  N N 124 
CYS   SG   S  N N 125 
CYS   OXT  O  N N 126 
CYS   H    H  N N 127 
CYS   H2   H  N N 128 
CYS   HA   H  N N 129 
CYS   HB2  H  N N 130 
CYS   HB3  H  N N 131 
CYS   HG   H  N N 132 
CYS   HXT  H  N N 133 
GLN   N    N  N N 134 
GLN   CA   C  N S 135 
GLN   C    C  N N 136 
GLN   O    O  N N 137 
GLN   CB   C  N N 138 
GLN   CG   C  N N 139 
GLN   CD   C  N N 140 
GLN   OE1  O  N N 141 
GLN   NE2  N  N N 142 
GLN   OXT  O  N N 143 
GLN   H    H  N N 144 
GLN   H2   H  N N 145 
GLN   HA   H  N N 146 
GLN   HB2  H  N N 147 
GLN   HB3  H  N N 148 
GLN   HG2  H  N N 149 
GLN   HG3  H  N N 150 
GLN   HE21 H  N N 151 
GLN   HE22 H  N N 152 
GLN   HXT  H  N N 153 
GLU   N    N  N N 154 
GLU   CA   C  N S 155 
GLU   C    C  N N 156 
GLU   O    O  N N 157 
GLU   CB   C  N N 158 
GLU   CG   C  N N 159 
GLU   CD   C  N N 160 
GLU   OE1  O  N N 161 
GLU   OE2  O  N N 162 
GLU   OXT  O  N N 163 
GLU   H    H  N N 164 
GLU   H2   H  N N 165 
GLU   HA   H  N N 166 
GLU   HB2  H  N N 167 
GLU   HB3  H  N N 168 
GLU   HG2  H  N N 169 
GLU   HG3  H  N N 170 
GLU   HE2  H  N N 171 
GLU   HXT  H  N N 172 
GLY   N    N  N N 173 
GLY   CA   C  N N 174 
GLY   C    C  N N 175 
GLY   O    O  N N 176 
GLY   OXT  O  N N 177 
GLY   H    H  N N 178 
GLY   H2   H  N N 179 
GLY   HA2  H  N N 180 
GLY   HA3  H  N N 181 
GLY   HXT  H  N N 182 
HIS   N    N  N N 183 
HIS   CA   C  N S 184 
HIS   C    C  N N 185 
HIS   O    O  N N 186 
HIS   CB   C  N N 187 
HIS   CG   C  Y N 188 
HIS   ND1  N  Y N 189 
HIS   CD2  C  Y N 190 
HIS   CE1  C  Y N 191 
HIS   NE2  N  Y N 192 
HIS   OXT  O  N N 193 
HIS   H    H  N N 194 
HIS   H2   H  N N 195 
HIS   HA   H  N N 196 
HIS   HB2  H  N N 197 
HIS   HB3  H  N N 198 
HIS   HD1  H  N N 199 
HIS   HD2  H  N N 200 
HIS   HE1  H  N N 201 
HIS   HE2  H  N N 202 
HIS   HXT  H  N N 203 
HOH   O    O  N N 204 
HOH   H1   H  N N 205 
HOH   H2   H  N N 206 
ILE   N    N  N N 207 
ILE   CA   C  N S 208 
ILE   C    C  N N 209 
ILE   O    O  N N 210 
ILE   CB   C  N S 211 
ILE   CG1  C  N N 212 
ILE   CG2  C  N N 213 
ILE   CD1  C  N N 214 
ILE   OXT  O  N N 215 
ILE   H    H  N N 216 
ILE   H2   H  N N 217 
ILE   HA   H  N N 218 
ILE   HB   H  N N 219 
ILE   HG12 H  N N 220 
ILE   HG13 H  N N 221 
ILE   HG21 H  N N 222 
ILE   HG22 H  N N 223 
ILE   HG23 H  N N 224 
ILE   HD11 H  N N 225 
ILE   HD12 H  N N 226 
ILE   HD13 H  N N 227 
ILE   HXT  H  N N 228 
LEU   N    N  N N 229 
LEU   CA   C  N S 230 
LEU   C    C  N N 231 
LEU   O    O  N N 232 
LEU   CB   C  N N 233 
LEU   CG   C  N N 234 
LEU   CD1  C  N N 235 
LEU   CD2  C  N N 236 
LEU   OXT  O  N N 237 
LEU   H    H  N N 238 
LEU   H2   H  N N 239 
LEU   HA   H  N N 240 
LEU   HB2  H  N N 241 
LEU   HB3  H  N N 242 
LEU   HG   H  N N 243 
LEU   HD11 H  N N 244 
LEU   HD12 H  N N 245 
LEU   HD13 H  N N 246 
LEU   HD21 H  N N 247 
LEU   HD22 H  N N 248 
LEU   HD23 H  N N 249 
LEU   HXT  H  N N 250 
LYS   N    N  N N 251 
LYS   CA   C  N S 252 
LYS   C    C  N N 253 
LYS   O    O  N N 254 
LYS   CB   C  N N 255 
LYS   CG   C  N N 256 
LYS   CD   C  N N 257 
LYS   CE   C  N N 258 
LYS   NZ   N  N N 259 
LYS   OXT  O  N N 260 
LYS   H    H  N N 261 
LYS   H2   H  N N 262 
LYS   HA   H  N N 263 
LYS   HB2  H  N N 264 
LYS   HB3  H  N N 265 
LYS   HG2  H  N N 266 
LYS   HG3  H  N N 267 
LYS   HD2  H  N N 268 
LYS   HD3  H  N N 269 
LYS   HE2  H  N N 270 
LYS   HE3  H  N N 271 
LYS   HZ1  H  N N 272 
LYS   HZ2  H  N N 273 
LYS   HZ3  H  N N 274 
LYS   HXT  H  N N 275 
MET   N    N  N N 276 
MET   CA   C  N S 277 
MET   C    C  N N 278 
MET   O    O  N N 279 
MET   CB   C  N N 280 
MET   CG   C  N N 281 
MET   SD   S  N N 282 
MET   CE   C  N N 283 
MET   OXT  O  N N 284 
MET   H    H  N N 285 
MET   H2   H  N N 286 
MET   HA   H  N N 287 
MET   HB2  H  N N 288 
MET   HB3  H  N N 289 
MET   HG2  H  N N 290 
MET   HG3  H  N N 291 
MET   HE1  H  N N 292 
MET   HE2  H  N N 293 
MET   HE3  H  N N 294 
MET   HXT  H  N N 295 
PHE   N    N  N N 296 
PHE   CA   C  N S 297 
PHE   C    C  N N 298 
PHE   O    O  N N 299 
PHE   CB   C  N N 300 
PHE   CG   C  Y N 301 
PHE   CD1  C  Y N 302 
PHE   CD2  C  Y N 303 
PHE   CE1  C  Y N 304 
PHE   CE2  C  Y N 305 
PHE   CZ   C  Y N 306 
PHE   OXT  O  N N 307 
PHE   H    H  N N 308 
PHE   H2   H  N N 309 
PHE   HA   H  N N 310 
PHE   HB2  H  N N 311 
PHE   HB3  H  N N 312 
PHE   HD1  H  N N 313 
PHE   HD2  H  N N 314 
PHE   HE1  H  N N 315 
PHE   HE2  H  N N 316 
PHE   HZ   H  N N 317 
PHE   HXT  H  N N 318 
PRO   N    N  N N 319 
PRO   CA   C  N S 320 
PRO   C    C  N N 321 
PRO   O    O  N N 322 
PRO   CB   C  N N 323 
PRO   CG   C  N N 324 
PRO   CD   C  N N 325 
PRO   OXT  O  N N 326 
PRO   H    H  N N 327 
PRO   HA   H  N N 328 
PRO   HB2  H  N N 329 
PRO   HB3  H  N N 330 
PRO   HG2  H  N N 331 
PRO   HG3  H  N N 332 
PRO   HD2  H  N N 333 
PRO   HD3  H  N N 334 
PRO   HXT  H  N N 335 
SER   N    N  N N 336 
SER   CA   C  N S 337 
SER   C    C  N N 338 
SER   O    O  N N 339 
SER   CB   C  N N 340 
SER   OG   O  N N 341 
SER   OXT  O  N N 342 
SER   H    H  N N 343 
SER   H2   H  N N 344 
SER   HA   H  N N 345 
SER   HB2  H  N N 346 
SER   HB3  H  N N 347 
SER   HG   H  N N 348 
SER   HXT  H  N N 349 
SO4   S    S  N N 350 
SO4   O1   O  N N 351 
SO4   O2   O  N N 352 
SO4   O3   O  N N 353 
SO4   O4   O  N N 354 
THR   N    N  N N 355 
THR   CA   C  N S 356 
THR   C    C  N N 357 
THR   O    O  N N 358 
THR   CB   C  N R 359 
THR   OG1  O  N N 360 
THR   CG2  C  N N 361 
THR   OXT  O  N N 362 
THR   H    H  N N 363 
THR   H2   H  N N 364 
THR   HA   H  N N 365 
THR   HB   H  N N 366 
THR   HG1  H  N N 367 
THR   HG21 H  N N 368 
THR   HG22 H  N N 369 
THR   HG23 H  N N 370 
THR   HXT  H  N N 371 
TRP   N    N  N N 372 
TRP   CA   C  N S 373 
TRP   C    C  N N 374 
TRP   O    O  N N 375 
TRP   CB   C  N N 376 
TRP   CG   C  Y N 377 
TRP   CD1  C  Y N 378 
TRP   CD2  C  Y N 379 
TRP   NE1  N  Y N 380 
TRP   CE2  C  Y N 381 
TRP   CE3  C  Y N 382 
TRP   CZ2  C  Y N 383 
TRP   CZ3  C  Y N 384 
TRP   CH2  C  Y N 385 
TRP   OXT  O  N N 386 
TRP   H    H  N N 387 
TRP   H2   H  N N 388 
TRP   HA   H  N N 389 
TRP   HB2  H  N N 390 
TRP   HB3  H  N N 391 
TRP   HD1  H  N N 392 
TRP   HE1  H  N N 393 
TRP   HE3  H  N N 394 
TRP   HZ2  H  N N 395 
TRP   HZ3  H  N N 396 
TRP   HH2  H  N N 397 
TRP   HXT  H  N N 398 
TYR   N    N  N N 399 
TYR   CA   C  N S 400 
TYR   C    C  N N 401 
TYR   O    O  N N 402 
TYR   CB   C  N N 403 
TYR   CG   C  Y N 404 
TYR   CD1  C  Y N 405 
TYR   CD2  C  Y N 406 
TYR   CE1  C  Y N 407 
TYR   CE2  C  Y N 408 
TYR   CZ   C  Y N 409 
TYR   OH   O  N N 410 
TYR   OXT  O  N N 411 
TYR   H    H  N N 412 
TYR   H2   H  N N 413 
TYR   HA   H  N N 414 
TYR   HB2  H  N N 415 
TYR   HB3  H  N N 416 
TYR   HD1  H  N N 417 
TYR   HD2  H  N N 418 
TYR   HE1  H  N N 419 
TYR   HE2  H  N N 420 
TYR   HH   H  N N 421 
TYR   HXT  H  N N 422 
VAL   N    N  N N 423 
VAL   CA   C  N S 424 
VAL   C    C  N N 425 
VAL   O    O  N N 426 
VAL   CB   C  N N 427 
VAL   CG1  C  N N 428 
VAL   CG2  C  N N 429 
VAL   OXT  O  N N 430 
VAL   H    H  N N 431 
VAL   H2   H  N N 432 
VAL   HA   H  N N 433 
VAL   HB   H  N N 434 
VAL   HG11 H  N N 435 
VAL   HG12 H  N N 436 
VAL   HG13 H  N N 437 
VAL   HG21 H  N N 438 
VAL   HG22 H  N N 439 
VAL   HG23 H  N N 440 
VAL   HXT  H  N N 441 
# 
loop_
_chem_comp_bond.comp_id 
_chem_comp_bond.atom_id_1 
_chem_comp_bond.atom_id_2 
_chem_comp_bond.value_order 
_chem_comp_bond.pdbx_aromatic_flag 
_chem_comp_bond.pdbx_stereo_config 
_chem_comp_bond.pdbx_ordinal 
A1IUH C02 C01  sing N N 1   
A1IUH C03 C02  doub Y N 2   
A1IUH C04 C03  sing Y N 3   
A1IUH O06 C05  doub N N 4   
A1IUH N07 C05  sing N N 5   
A1IUH C05 C04  sing N N 6   
A1IUH C08 C04  doub Y N 7   
A1IUH C09 C08  sing Y N 8   
A1IUH C10 C09  sing N N 9   
A1IUH C11 C09  doub Y N 10  
A1IUH C12 C11  sing N N 11  
A1IUH C14 N13  sing Y N 12  
A1IUH C15 C14  sing N N 13  
A1IUH N13 C12  sing Y N 14  
A1IUH C16 C12  doub Y N 15  
A1IUH C17 C16  sing Y N 16  
A1IUH C18 C16  sing N N 17  
A1IUH C19 C18  sing N N 18  
A1IUH C20 C19  sing N N 19  
A1IUH C21 C20  sing N N 20  
A1IUH C22 C21  sing N N 21  
A1IUH O23 C22  doub N N 22  
A1IUH C02 C11  sing Y N 23  
A1IUH C14 C17  doub Y N 24  
A1IUH C17 C22  sing N N 25  
A1IUH C18 H182 sing N N 26  
A1IUH C18 H181 sing N N 27  
A1IUH C19 H191 sing N N 28  
A1IUH C19 H192 sing N N 29  
A1IUH C20 H201 sing N N 30  
A1IUH C20 H202 sing N N 31  
A1IUH C15 H153 sing N N 32  
A1IUH C15 H152 sing N N 33  
A1IUH C15 H151 sing N N 34  
A1IUH C10 H103 sing N N 35  
A1IUH C10 H101 sing N N 36  
A1IUH C10 H102 sing N N 37  
A1IUH C01 H013 sing N N 38  
A1IUH C01 H012 sing N N 39  
A1IUH C01 H011 sing N N 40  
A1IUH C03 H031 sing N N 41  
A1IUH C08 H081 sing N N 42  
A1IUH C21 H211 sing N N 43  
A1IUH C21 H212 sing N N 44  
A1IUH N07 H072 sing N N 45  
A1IUH N07 H071 sing N N 46  
A1IUH N13 H131 sing N N 47  
ALA   N   CA   sing N N 48  
ALA   N   H    sing N N 49  
ALA   N   H2   sing N N 50  
ALA   CA  C    sing N N 51  
ALA   CA  CB   sing N N 52  
ALA   CA  HA   sing N N 53  
ALA   C   O    doub N N 54  
ALA   C   OXT  sing N N 55  
ALA   CB  HB1  sing N N 56  
ALA   CB  HB2  sing N N 57  
ALA   CB  HB3  sing N N 58  
ALA   OXT HXT  sing N N 59  
ARG   N   CA   sing N N 60  
ARG   N   H    sing N N 61  
ARG   N   H2   sing N N 62  
ARG   CA  C    sing N N 63  
ARG   CA  CB   sing N N 64  
ARG   CA  HA   sing N N 65  
ARG   C   O    doub N N 66  
ARG   C   OXT  sing N N 67  
ARG   CB  CG   sing N N 68  
ARG   CB  HB2  sing N N 69  
ARG   CB  HB3  sing N N 70  
ARG   CG  CD   sing N N 71  
ARG   CG  HG2  sing N N 72  
ARG   CG  HG3  sing N N 73  
ARG   CD  NE   sing N N 74  
ARG   CD  HD2  sing N N 75  
ARG   CD  HD3  sing N N 76  
ARG   NE  CZ   sing N N 77  
ARG   NE  HE   sing N N 78  
ARG   CZ  NH1  sing N N 79  
ARG   CZ  NH2  doub N N 80  
ARG   NH1 HH11 sing N N 81  
ARG   NH1 HH12 sing N N 82  
ARG   NH2 HH21 sing N N 83  
ARG   NH2 HH22 sing N N 84  
ARG   OXT HXT  sing N N 85  
ASN   N   CA   sing N N 86  
ASN   N   H    sing N N 87  
ASN   N   H2   sing N N 88  
ASN   CA  C    sing N N 89  
ASN   CA  CB   sing N N 90  
ASN   CA  HA   sing N N 91  
ASN   C   O    doub N N 92  
ASN   C   OXT  sing N N 93  
ASN   CB  CG   sing N N 94  
ASN   CB  HB2  sing N N 95  
ASN   CB  HB3  sing N N 96  
ASN   CG  OD1  doub N N 97  
ASN   CG  ND2  sing N N 98  
ASN   ND2 HD21 sing N N 99  
ASN   ND2 HD22 sing N N 100 
ASN   OXT HXT  sing N N 101 
ASP   N   CA   sing N N 102 
ASP   N   H    sing N N 103 
ASP   N   H2   sing N N 104 
ASP   CA  C    sing N N 105 
ASP   CA  CB   sing N N 106 
ASP   CA  HA   sing N N 107 
ASP   C   O    doub N N 108 
ASP   C   OXT  sing N N 109 
ASP   CB  CG   sing N N 110 
ASP   CB  HB2  sing N N 111 
ASP   CB  HB3  sing N N 112 
ASP   CG  OD1  doub N N 113 
ASP   CG  OD2  sing N N 114 
ASP   OD2 HD2  sing N N 115 
ASP   OXT HXT  sing N N 116 
CYS   N   CA   sing N N 117 
CYS   N   H    sing N N 118 
CYS   N   H2   sing N N 119 
CYS   CA  C    sing N N 120 
CYS   CA  CB   sing N N 121 
CYS   CA  HA   sing N N 122 
CYS   C   O    doub N N 123 
CYS   C   OXT  sing N N 124 
CYS   CB  SG   sing N N 125 
CYS   CB  HB2  sing N N 126 
CYS   CB  HB3  sing N N 127 
CYS   SG  HG   sing N N 128 
CYS   OXT HXT  sing N N 129 
GLN   N   CA   sing N N 130 
GLN   N   H    sing N N 131 
GLN   N   H2   sing N N 132 
GLN   CA  C    sing N N 133 
GLN   CA  CB   sing N N 134 
GLN   CA  HA   sing N N 135 
GLN   C   O    doub N N 136 
GLN   C   OXT  sing N N 137 
GLN   CB  CG   sing N N 138 
GLN   CB  HB2  sing N N 139 
GLN   CB  HB3  sing N N 140 
GLN   CG  CD   sing N N 141 
GLN   CG  HG2  sing N N 142 
GLN   CG  HG3  sing N N 143 
GLN   CD  OE1  doub N N 144 
GLN   CD  NE2  sing N N 145 
GLN   NE2 HE21 sing N N 146 
GLN   NE2 HE22 sing N N 147 
GLN   OXT HXT  sing N N 148 
GLU   N   CA   sing N N 149 
GLU   N   H    sing N N 150 
GLU   N   H2   sing N N 151 
GLU   CA  C    sing N N 152 
GLU   CA  CB   sing N N 153 
GLU   CA  HA   sing N N 154 
GLU   C   O    doub N N 155 
GLU   C   OXT  sing N N 156 
GLU   CB  CG   sing N N 157 
GLU   CB  HB2  sing N N 158 
GLU   CB  HB3  sing N N 159 
GLU   CG  CD   sing N N 160 
GLU   CG  HG2  sing N N 161 
GLU   CG  HG3  sing N N 162 
GLU   CD  OE1  doub N N 163 
GLU   CD  OE2  sing N N 164 
GLU   OE2 HE2  sing N N 165 
GLU   OXT HXT  sing N N 166 
GLY   N   CA   sing N N 167 
GLY   N   H    sing N N 168 
GLY   N   H2   sing N N 169 
GLY   CA  C    sing N N 170 
GLY   CA  HA2  sing N N 171 
GLY   CA  HA3  sing N N 172 
GLY   C   O    doub N N 173 
GLY   C   OXT  sing N N 174 
GLY   OXT HXT  sing N N 175 
HIS   N   CA   sing N N 176 
HIS   N   H    sing N N 177 
HIS   N   H2   sing N N 178 
HIS   CA  C    sing N N 179 
HIS   CA  CB   sing N N 180 
HIS   CA  HA   sing N N 181 
HIS   C   O    doub N N 182 
HIS   C   OXT  sing N N 183 
HIS   CB  CG   sing N N 184 
HIS   CB  HB2  sing N N 185 
HIS   CB  HB3  sing N N 186 
HIS   CG  ND1  sing Y N 187 
HIS   CG  CD2  doub Y N 188 
HIS   ND1 CE1  doub Y N 189 
HIS   ND1 HD1  sing N N 190 
HIS   CD2 NE2  sing Y N 191 
HIS   CD2 HD2  sing N N 192 
HIS   CE1 NE2  sing Y N 193 
HIS   CE1 HE1  sing N N 194 
HIS   NE2 HE2  sing N N 195 
HIS   OXT HXT  sing N N 196 
HOH   O   H1   sing N N 197 
HOH   O   H2   sing N N 198 
ILE   N   CA   sing N N 199 
ILE   N   H    sing N N 200 
ILE   N   H2   sing N N 201 
ILE   CA  C    sing N N 202 
ILE   CA  CB   sing N N 203 
ILE   CA  HA   sing N N 204 
ILE   C   O    doub N N 205 
ILE   C   OXT  sing N N 206 
ILE   CB  CG1  sing N N 207 
ILE   CB  CG2  sing N N 208 
ILE   CB  HB   sing N N 209 
ILE   CG1 CD1  sing N N 210 
ILE   CG1 HG12 sing N N 211 
ILE   CG1 HG13 sing N N 212 
ILE   CG2 HG21 sing N N 213 
ILE   CG2 HG22 sing N N 214 
ILE   CG2 HG23 sing N N 215 
ILE   CD1 HD11 sing N N 216 
ILE   CD1 HD12 sing N N 217 
ILE   CD1 HD13 sing N N 218 
ILE   OXT HXT  sing N N 219 
LEU   N   CA   sing N N 220 
LEU   N   H    sing N N 221 
LEU   N   H2   sing N N 222 
LEU   CA  C    sing N N 223 
LEU   CA  CB   sing N N 224 
LEU   CA  HA   sing N N 225 
LEU   C   O    doub N N 226 
LEU   C   OXT  sing N N 227 
LEU   CB  CG   sing N N 228 
LEU   CB  HB2  sing N N 229 
LEU   CB  HB3  sing N N 230 
LEU   CG  CD1  sing N N 231 
LEU   CG  CD2  sing N N 232 
LEU   CG  HG   sing N N 233 
LEU   CD1 HD11 sing N N 234 
LEU   CD1 HD12 sing N N 235 
LEU   CD1 HD13 sing N N 236 
LEU   CD2 HD21 sing N N 237 
LEU   CD2 HD22 sing N N 238 
LEU   CD2 HD23 sing N N 239 
LEU   OXT HXT  sing N N 240 
LYS   N   CA   sing N N 241 
LYS   N   H    sing N N 242 
LYS   N   H2   sing N N 243 
LYS   CA  C    sing N N 244 
LYS   CA  CB   sing N N 245 
LYS   CA  HA   sing N N 246 
LYS   C   O    doub N N 247 
LYS   C   OXT  sing N N 248 
LYS   CB  CG   sing N N 249 
LYS   CB  HB2  sing N N 250 
LYS   CB  HB3  sing N N 251 
LYS   CG  CD   sing N N 252 
LYS   CG  HG2  sing N N 253 
LYS   CG  HG3  sing N N 254 
LYS   CD  CE   sing N N 255 
LYS   CD  HD2  sing N N 256 
LYS   CD  HD3  sing N N 257 
LYS   CE  NZ   sing N N 258 
LYS   CE  HE2  sing N N 259 
LYS   CE  HE3  sing N N 260 
LYS   NZ  HZ1  sing N N 261 
LYS   NZ  HZ2  sing N N 262 
LYS   NZ  HZ3  sing N N 263 
LYS   OXT HXT  sing N N 264 
MET   N   CA   sing N N 265 
MET   N   H    sing N N 266 
MET   N   H2   sing N N 267 
MET   CA  C    sing N N 268 
MET   CA  CB   sing N N 269 
MET   CA  HA   sing N N 270 
MET   C   O    doub N N 271 
MET   C   OXT  sing N N 272 
MET   CB  CG   sing N N 273 
MET   CB  HB2  sing N N 274 
MET   CB  HB3  sing N N 275 
MET   CG  SD   sing N N 276 
MET   CG  HG2  sing N N 277 
MET   CG  HG3  sing N N 278 
MET   SD  CE   sing N N 279 
MET   CE  HE1  sing N N 280 
MET   CE  HE2  sing N N 281 
MET   CE  HE3  sing N N 282 
MET   OXT HXT  sing N N 283 
PHE   N   CA   sing N N 284 
PHE   N   H    sing N N 285 
PHE   N   H2   sing N N 286 
PHE   CA  C    sing N N 287 
PHE   CA  CB   sing N N 288 
PHE   CA  HA   sing N N 289 
PHE   C   O    doub N N 290 
PHE   C   OXT  sing N N 291 
PHE   CB  CG   sing N N 292 
PHE   CB  HB2  sing N N 293 
PHE   CB  HB3  sing N N 294 
PHE   CG  CD1  doub Y N 295 
PHE   CG  CD2  sing Y N 296 
PHE   CD1 CE1  sing Y N 297 
PHE   CD1 HD1  sing N N 298 
PHE   CD2 CE2  doub Y N 299 
PHE   CD2 HD2  sing N N 300 
PHE   CE1 CZ   doub Y N 301 
PHE   CE1 HE1  sing N N 302 
PHE   CE2 CZ   sing Y N 303 
PHE   CE2 HE2  sing N N 304 
PHE   CZ  HZ   sing N N 305 
PHE   OXT HXT  sing N N 306 
PRO   N   CA   sing N N 307 
PRO   N   CD   sing N N 308 
PRO   N   H    sing N N 309 
PRO   CA  C    sing N N 310 
PRO   CA  CB   sing N N 311 
PRO   CA  HA   sing N N 312 
PRO   C   O    doub N N 313 
PRO   C   OXT  sing N N 314 
PRO   CB  CG   sing N N 315 
PRO   CB  HB2  sing N N 316 
PRO   CB  HB3  sing N N 317 
PRO   CG  CD   sing N N 318 
PRO   CG  HG2  sing N N 319 
PRO   CG  HG3  sing N N 320 
PRO   CD  HD2  sing N N 321 
PRO   CD  HD3  sing N N 322 
PRO   OXT HXT  sing N N 323 
SER   N   CA   sing N N 324 
SER   N   H    sing N N 325 
SER   N   H2   sing N N 326 
SER   CA  C    sing N N 327 
SER   CA  CB   sing N N 328 
SER   CA  HA   sing N N 329 
SER   C   O    doub N N 330 
SER   C   OXT  sing N N 331 
SER   CB  OG   sing N N 332 
SER   CB  HB2  sing N N 333 
SER   CB  HB3  sing N N 334 
SER   OG  HG   sing N N 335 
SER   OXT HXT  sing N N 336 
SO4   S   O1   doub N N 337 
SO4   S   O2   doub N N 338 
SO4   S   O3   sing N N 339 
SO4   S   O4   sing N N 340 
THR   N   CA   sing N N 341 
THR   N   H    sing N N 342 
THR   N   H2   sing N N 343 
THR   CA  C    sing N N 344 
THR   CA  CB   sing N N 345 
THR   CA  HA   sing N N 346 
THR   C   O    doub N N 347 
THR   C   OXT  sing N N 348 
THR   CB  OG1  sing N N 349 
THR   CB  CG2  sing N N 350 
THR   CB  HB   sing N N 351 
THR   OG1 HG1  sing N N 352 
THR   CG2 HG21 sing N N 353 
THR   CG2 HG22 sing N N 354 
THR   CG2 HG23 sing N N 355 
THR   OXT HXT  sing N N 356 
TRP   N   CA   sing N N 357 
TRP   N   H    sing N N 358 
TRP   N   H2   sing N N 359 
TRP   CA  C    sing N N 360 
TRP   CA  CB   sing N N 361 
TRP   CA  HA   sing N N 362 
TRP   C   O    doub N N 363 
TRP   C   OXT  sing N N 364 
TRP   CB  CG   sing N N 365 
TRP   CB  HB2  sing N N 366 
TRP   CB  HB3  sing N N 367 
TRP   CG  CD1  doub Y N 368 
TRP   CG  CD2  sing Y N 369 
TRP   CD1 NE1  sing Y N 370 
TRP   CD1 HD1  sing N N 371 
TRP   CD2 CE2  doub Y N 372 
TRP   CD2 CE3  sing Y N 373 
TRP   NE1 CE2  sing Y N 374 
TRP   NE1 HE1  sing N N 375 
TRP   CE2 CZ2  sing Y N 376 
TRP   CE3 CZ3  doub Y N 377 
TRP   CE3 HE3  sing N N 378 
TRP   CZ2 CH2  doub Y N 379 
TRP   CZ2 HZ2  sing N N 380 
TRP   CZ3 CH2  sing Y N 381 
TRP   CZ3 HZ3  sing N N 382 
TRP   CH2 HH2  sing N N 383 
TRP   OXT HXT  sing N N 384 
TYR   N   CA   sing N N 385 
TYR   N   H    sing N N 386 
TYR   N   H2   sing N N 387 
TYR   CA  C    sing N N 388 
TYR   CA  CB   sing N N 389 
TYR   CA  HA   sing N N 390 
TYR   C   O    doub N N 391 
TYR   C   OXT  sing N N 392 
TYR   CB  CG   sing N N 393 
TYR   CB  HB2  sing N N 394 
TYR   CB  HB3  sing N N 395 
TYR   CG  CD1  doub Y N 396 
TYR   CG  CD2  sing Y N 397 
TYR   CD1 CE1  sing Y N 398 
TYR   CD1 HD1  sing N N 399 
TYR   CD2 CE2  doub Y N 400 
TYR   CD2 HD2  sing N N 401 
TYR   CE1 CZ   doub Y N 402 
TYR   CE1 HE1  sing N N 403 
TYR   CE2 CZ   sing Y N 404 
TYR   CE2 HE2  sing N N 405 
TYR   CZ  OH   sing N N 406 
TYR   OH  HH   sing N N 407 
TYR   OXT HXT  sing N N 408 
VAL   N   CA   sing N N 409 
VAL   N   H    sing N N 410 
VAL   N   H2   sing N N 411 
VAL   CA  C    sing N N 412 
VAL   CA  CB   sing N N 413 
VAL   CA  HA   sing N N 414 
VAL   C   O    doub N N 415 
VAL   C   OXT  sing N N 416 
VAL   CB  CG1  sing N N 417 
VAL   CB  CG2  sing N N 418 
VAL   CB  HB   sing N N 419 
VAL   CG1 HG11 sing N N 420 
VAL   CG1 HG12 sing N N 421 
VAL   CG1 HG13 sing N N 422 
VAL   CG2 HG21 sing N N 423 
VAL   CG2 HG22 sing N N 424 
VAL   CG2 HG23 sing N N 425 
VAL   OXT HXT  sing N N 426 
# 
_pdbx_audit_support.funding_organization   'German Research Foundation (DFG)' 
_pdbx_audit_support.country                Germany 
_pdbx_audit_support.grant_number           RTG2202 
_pdbx_audit_support.ordinal                1 
# 
_pdbx_initial_refinement_model.id               1 
_pdbx_initial_refinement_model.entity_id_list   ? 
_pdbx_initial_refinement_model.type             'in silico model' 
_pdbx_initial_refinement_model.source_name      AlphaFold 
_pdbx_initial_refinement_model.accession_code   ? 
_pdbx_initial_refinement_model.details          ? 
# 
_atom_sites.entry_id                    9HGF 
_atom_sites.Cartn_transf_matrix[1][1]   ? 
_atom_sites.Cartn_transf_matrix[1][2]   ? 
_atom_sites.Cartn_transf_matrix[1][3]   ? 
_atom_sites.Cartn_transf_matrix[2][1]   ? 
_atom_sites.Cartn_transf_matrix[2][2]   ? 
_atom_sites.Cartn_transf_matrix[2][3]   ? 
_atom_sites.Cartn_transf_matrix[3][1]   ? 
_atom_sites.Cartn_transf_matrix[3][2]   ? 
_atom_sites.Cartn_transf_matrix[3][3]   ? 
_atom_sites.Cartn_transf_vector[1]      ? 
_atom_sites.Cartn_transf_vector[2]      ? 
_atom_sites.Cartn_transf_vector[3]      ? 
_atom_sites.Cartn_transform_axes        ? 
_atom_sites.fract_transf_matrix[1][1]   -0.01143290 
_atom_sites.fract_transf_matrix[1][2]   0.00275341 
_atom_sites.fract_transf_matrix[1][3]   -0.00406732 
_atom_sites.fract_transf_matrix[2][1]   -0.00175146 
_atom_sites.fract_transf_matrix[2][2]   0.00977993 
_atom_sites.fract_transf_matrix[2][3]   -0.00749090 
_atom_sites.fract_transf_matrix[3][1]   0.00201973 
_atom_sites.fract_transf_matrix[3][2]   -0.00828021 
_atom_sites.fract_transf_matrix[3][3]   -0.01128266 
_atom_sites.fract_transf_vector[1]      0.135807 
_atom_sites.fract_transf_vector[2]      -0.276562 
_atom_sites.fract_transf_vector[3]      -0.005567 
_atom_sites.solution_primary            ? 
_atom_sites.solution_secondary          ? 
_atom_sites.solution_hydrogens          ? 
_atom_sites.special_details             ? 
# 
loop_
_atom_type.symbol 
C  
CL 
N  
O  
S  
# 
loop_
_atom_site.group_PDB 
_atom_site.id 
_atom_site.type_symbol 
_atom_site.label_atom_id 
_atom_site.label_alt_id 
_atom_site.label_comp_id 
_atom_site.label_asym_id 
_atom_site.label_entity_id 
_atom_site.label_seq_id 
_atom_site.pdbx_PDB_ins_code 
_atom_site.Cartn_x 
_atom_site.Cartn_y 
_atom_site.Cartn_z 
_atom_site.occupancy 
_atom_site.B_iso_or_equiv 
_atom_site.pdbx_formal_charge 
_atom_site.auth_seq_id 
_atom_site.auth_comp_id 
_atom_site.auth_asym_id 
_atom_site.auth_atom_id 
_atom_site.pdbx_PDB_model_num 
ATOM   1    N  N   . SER   A 1 1   ? -13.16839 3.02330   -19.50794 1.000 40.70381 ? 1   SER   A N   1 
ATOM   2    C  CA  . SER   A 1 1   ? -12.12304 3.95963   -19.90575 1.000 44.31590 ? 1   SER   A CA  1 
ATOM   3    C  C   . SER   A 1 1   ? -10.79470 3.71838   -19.15077 1.000 43.42691 ? 1   SER   A C   1 
ATOM   4    O  O   . SER   A 1 1   ? -10.71582 2.88642   -18.25649 1.000 43.14571 ? 1   SER   A O   1 
ATOM   5    C  CB  . SER   A 1 1   ? -12.58999 5.39297   -19.68200 1.000 42.30921 ? 1   SER   A CB  1 
ATOM   6    O  OG  . SER   A 1 1   ? -12.67947 5.69674   -18.30160 1.000 49.26457 ? 1   SER   A OG  1 
ATOM   7    N  N   . PHE   A 1 2   ? -9.77990  4.50378   -19.50243 1.000 41.57435 ? 2   PHE   A N   1 
ATOM   8    C  CA  . PHE   A 1 2   ? -8.41677  4.25882   -19.02800 1.000 39.40864 ? 2   PHE   A CA  1 
ATOM   9    C  C   . PHE   A 1 2   ? -8.32527  4.32443   -17.50889 1.000 42.10822 ? 2   PHE   A C   1 
ATOM   10   O  O   . PHE   A 1 2   ? -7.82579  3.38921   -16.86260 1.000 41.88327 ? 2   PHE   A O   1 
ATOM   11   C  CB  . PHE   A 1 2   ? -7.46993  5.27573   -19.67040 1.000 36.61860 ? 2   PHE   A CB  1 
ATOM   12   C  CG  . PHE   A 1 2   ? -6.01091  5.13563   -19.23364 1.000 37.60667 ? 2   PHE   A CG  1 
ATOM   13   C  CD1 . PHE   A 1 2   ? -5.20374  4.16192   -19.79066 1.000 39.13082 ? 2   PHE   A CD1 1 
ATOM   14   C  CD2 . PHE   A 1 2   ? -5.46452  5.99058   -18.29378 1.000 38.34811 ? 2   PHE   A CD2 1 
ATOM   15   C  CE1 . PHE   A 1 2   ? -3.85617  4.02524   -19.39925 1.000 43.21363 ? 2   PHE   A CE1 1 
ATOM   16   C  CE2 . PHE   A 1 2   ? -4.10806  5.86639   -17.90679 1.000 39.32770 ? 2   PHE   A CE2 1 
ATOM   17   C  CZ  . PHE   A 1 2   ? -3.32353  4.88811   -18.47147 1.000 40.55528 ? 2   PHE   A CZ  1 
ATOM   18   N  N   . ASN   A 1 3   ? -8.79088  5.42636   -16.91650 1.000 38.41430 ? 3   ASN   A N   1 
ATOM   19   C  CA  . ASN   A 1 3   ? -8.69284  5.58094   -15.46902 1.000 41.67825 ? 3   ASN   A CA  1 
ATOM   20   C  C   . ASN   A 1 3   ? -9.60129  4.60616   -14.72749 1.000 41.53219 ? 3   ASN   A C   1 
ATOM   21   O  O   . ASN   A 1 3   ? -9.20397  4.05754   -13.68519 1.000 40.86102 ? 3   ASN   A O   1 
ATOM   22   C  CB  . ASN   A 1 3   ? -9.00340  7.01414   -15.07567 1.000 34.82124 ? 3   ASN   A CB  1 
ATOM   23   C  CG  . ASN   A 1 3   ? -7.94041  7.95376   -15.53339 1.000 41.23349 ? 3   ASN   A CG  1 
ATOM   24   O  OD1 . ASN   A 1 3   ? -6.76000  7.62611   -15.49173 1.000 42.47913 ? 3   ASN   A OD1 1 
ATOM   25   N  ND2 . ASN   A 1 3   ? -8.34441  9.12015   -16.02349 1.000 39.11463 ? 3   ASN   A ND2 1 
ATOM   26   N  N   . LYS   A 1 4   ? -10.81473 4.37403   -15.23928 1.000 38.60445 ? 4   LYS   A N   1 
ATOM   27   C  CA  . LYS   A 1 4   ? -11.69125 3.36966   -14.62421 1.000 41.09348 ? 4   LYS   A CA  1 
ATOM   28   C  C   . LYS   A 1 4   ? -11.02610 1.99968   -14.59207 1.000 41.81965 ? 4   LYS   A C   1 
ATOM   29   O  O   . LYS   A 1 4   ? -11.16174 1.25245   -13.61229 1.000 43.11554 ? 4   LYS   A O   1 
ATOM   30   C  CB  . LYS   A 1 4   ? -13.02424 3.27295   -15.37299 1.000 41.33222 ? 4   LYS   A CB  1 
ATOM   31   C  CG  . LYS   A 1 4   ? -13.90418 4.50068   -15.28715 1.000 49.04284 ? 4   LYS   A CG  1 
ATOM   32   C  CD  . LYS   A 1 4   ? -15.18498 4.30309   -16.12026 1.000 47.31887 ? 4   LYS   A CD  1 
ATOM   33   C  CE  . LYS   A 1 4   ? -16.03112 5.58133   -16.24730 1.000 61.50598 ? 4   LYS   A CE  1 
ATOM   34   N  NZ  . LYS   A 1 4   ? -17.27684 5.57792   -15.40492 1.000 66.54692 ? 4   LYS   A NZ  1 
ATOM   35   N  N   . GLN   A 1 5   ? -10.27361 1.65623   -15.63973 1.000 42.10568 ? 5   GLN   A N   1 
ATOM   36   C  CA  . GLN   A 1 5   ? -9.69475  0.31467   -15.70194 1.000 44.22262 ? 5   GLN   A CA  1 
ATOM   37   C  C   . GLN   A 1 5   ? -8.58090  0.11559   -14.67019 1.000 41.81093 ? 5   GLN   A C   1 
ATOM   38   O  O   . GLN   A 1 5   ? -8.52852  -0.92858  -14.01146 1.000 40.42236 ? 5   GLN   A O   1 
ATOM   39   C  CB  . GLN   A 1 5   ? -9.20605  0.02212   -17.12257 1.000 45.32753 ? 5   GLN   A CB  1 
ATOM   40   C  CG  . GLN   A 1 5   ? -10.36456 -0.37003  -18.06301 1.000 48.36995 ? 5   GLN   A CG  1 
ATOM   41   C  CD  . GLN   A 1 5   ? -11.33100 -1.36671  -17.39928 1.000 55.40884 ? 5   GLN   A CD  1 
ATOM   42   O  OE1 . GLN   A 1 5   ? -12.49255 -1.03518  -17.12066 1.000 58.11516 ? 5   GLN   A OE1 1 
ATOM   43   N  NE2 . GLN   A 1 5   ? -10.84835 -2.58997  -17.13450 1.000 55.00169 ? 5   GLN   A NE2 1 
ATOM   44   N  N   . TRP   A 1 6   ? -7.67938  1.08231   -14.49724 1.000 40.48525 ? 6   TRP   A N   1 
ATOM   45   C  CA  . TRP   A 1 6   ? -6.67098  0.82061   -13.47076 1.000 40.07185 ? 6   TRP   A CA  1 
ATOM   46   C  C   . TRP   A 1 6   ? -7.19721  1.06140   -12.05856 1.000 42.07964 ? 6   TRP   A C   1 
ATOM   47   O  O   . TRP   A 1 6   ? -6.67592  0.45605   -11.10647 1.000 40.25941 ? 6   TRP   A O   1 
ATOM   48   C  CB  . TRP   A 1 6   ? -5.38851  1.60930   -13.72749 1.000 37.12127 ? 6   TRP   A CB  1 
ATOM   49   C  CG  . TRP   A 1 6   ? -5.45589  3.09654   -13.73993 1.000 37.98782 ? 6   TRP   A CG  1 
ATOM   50   C  CD1 . TRP   A 1 6   ? -5.46561  3.90671   -14.84745 1.000 40.31522 ? 6   TRP   A CD1 1 
ATOM   51   C  CD2 . TRP   A 1 6   ? -5.40525  3.96937   -12.60441 1.000 39.09161 ? 6   TRP   A CD2 1 
ATOM   52   N  NE1 . TRP   A 1 6   ? -5.43991  5.23215   -14.46354 1.000 39.80218 ? 6   TRP   A NE1 1 
ATOM   53   C  CE2 . TRP   A 1 6   ? -5.41221  5.29783   -13.09491 1.000 42.30794 ? 6   TRP   A CE2 1 
ATOM   54   C  CE3 . TRP   A 1 6   ? -5.35307  3.75801   -11.21853 1.000 41.69588 ? 6   TRP   A CE3 1 
ATOM   55   C  CZ2 . TRP   A 1 6   ? -5.39828  6.40889   -12.25122 1.000 39.94656 ? 6   TRP   A CZ2 1 
ATOM   56   C  CZ3 . TRP   A 1 6   ? -5.32337  4.86284   -10.38120 1.000 39.96063 ? 6   TRP   A CZ3 1 
ATOM   57   C  CH2 . TRP   A 1 6   ? -5.35229  6.17163   -10.90145 1.000 39.09041 ? 6   TRP   A CH2 1 
ATOM   58   N  N   . TYR   A 1 7   ? -8.24213  1.87691   -11.89676 1.000 35.07257 ? 7   TYR   A N   1 
ATOM   59   C  CA  . TYR   A 1 7   ? -8.90572  1.93943   -10.60265 1.000 36.39160 ? 7   TYR   A CA  1 
ATOM   60   C  C   . TYR   A 1 7   ? -9.46771  0.58077   -10.22034 1.000 38.63961 ? 7   TYR   A C   1 
ATOM   61   O  O   . TYR   A 1 7   ? -9.36003  0.16464   -9.06119  1.000 39.77584 ? 7   TYR   A O   1 
ATOM   62   C  CB  . TYR   A 1 7   ? -10.03454 2.96584   -10.62283 1.000 36.57210 ? 7   TYR   A CB  1 
ATOM   63   C  CG  . TYR   A 1 7   ? -9.69830  4.28586   -10.00612 1.000 34.48926 ? 7   TYR   A CG  1 
ATOM   64   C  CD1 . TYR   A 1 7   ? -8.85779  5.17373   -10.66606 1.000 32.30173 ? 7   TYR   A CD1 1 
ATOM   65   C  CD2 . TYR   A 1 7   ? -10.28107 4.68441   -8.80461  1.000 32.45194 ? 7   TYR   A CD2 1 
ATOM   66   C  CE1 . TYR   A 1 7   ? -8.57172  6.41441   -10.14210 1.000 35.69245 ? 7   TYR   A CE1 1 
ATOM   67   C  CE2 . TYR   A 1 7   ? -9.97743  5.92862   -8.25684  1.000 33.38565 ? 7   TYR   A CE2 1 
ATOM   68   C  CZ  . TYR   A 1 7   ? -9.15206  6.79292   -8.94745  1.000 32.53723 ? 7   TYR   A CZ  1 
ATOM   69   O  OH  . TYR   A 1 7   ? -8.82823  8.02955   -8.43875  1.000 36.82576 ? 7   TYR   A OH  1 
ATOM   70   N  N   A LEU   A 1 8   ? -10.09380 -0.11958  -11.17507 0.546 36.55130 ? 8   LEU   A N   1 
ATOM   71   N  N   B LEU   A 1 8   ? -10.09092 -0.11486  -11.17721 0.454 36.57580 ? 8   LEU   A N   1 
ATOM   72   C  CA  A LEU   A 1 8   ? -10.60125 -1.46142  -10.89428 0.546 38.67753 ? 8   LEU   A CA  1 
ATOM   73   C  CA  B LEU   A 1 8   ? -10.59791 -1.45751  -10.91139 0.454 38.61232 ? 8   LEU   A CA  1 
ATOM   74   C  C   A LEU   A 1 8   ? -9.46708  -2.40343  -10.52174 0.546 38.82494 ? 8   LEU   A C   1 
ATOM   75   C  C   B LEU   A 1 8   ? -9.46756  -2.39656  -10.52366 0.454 38.82772 ? 8   LEU   A C   1 
ATOM   76   O  O   A LEU   A 1 8   ? -9.60936  -3.24022  -9.62211  0.546 37.81193 ? 8   LEU   A O   1 
ATOM   77   O  O   B LEU   A 1 8   ? -9.61234  -3.22223  -9.61413  0.454 37.85490 ? 8   LEU   A O   1 
ATOM   78   C  CB  A LEU   A 1 8   ? -11.35113 -2.02356  -12.10143 0.546 37.32827 ? 8   LEU   A CB  1 
ATOM   79   C  CB  B LEU   A 1 8   ? -11.31595 -2.00393  -12.14105 0.454 37.36113 ? 8   LEU   A CB  1 
ATOM   80   C  CG  A LEU   A 1 8   ? -12.72689 -1.47187  -12.48155 0.546 38.90795 ? 8   LEU   A CG  1 
ATOM   81   C  CG  B LEU   A 1 8   ? -11.98015 -3.36547  -11.97136 0.454 40.67037 ? 8   LEU   A CG  1 
ATOM   82   C  CD1 A LEU   A 1 8   ? -13.19212 -2.19360  -13.72370 0.546 40.22569 ? 8   LEU   A CD1 1 
ATOM   83   C  CD1 B LEU   A 1 8   ? -13.36865 -3.18655  -11.36643 0.454 39.37412 ? 8   LEU   A CD1 1 
ATOM   84   C  CD2 A LEU   A 1 8   ? -13.73138 -1.63255  -11.34886 0.546 39.62149 ? 8   LEU   A CD2 1 
ATOM   85   C  CD2 B LEU   A 1 8   ? -12.04650 -4.06783  -13.30807 0.454 44.11364 ? 8   LEU   A CD2 1 
ATOM   86   N  N   . LEU   A 1 9   ? -8.33506  -2.28780  -11.21598 1.000 36.73062 ? 9   LEU   A N   1 
ATOM   87   C  CA  . LEU   A 1 9   ? -7.19474  -3.14350  -10.91487 1.000 36.79153 ? 9   LEU   A CA  1 
ATOM   88   C  C   . LEU   A 1 9   ? -6.63172  -2.82684  -9.53731  1.000 41.61475 ? 9   LEU   A C   1 
ATOM   89   O  O   . LEU   A 1 9   ? -6.35524  -3.74066  -8.73487  1.000 43.31090 ? 9   LEU   A O   1 
ATOM   90   C  CB  . LEU   A 1 9   ? -6.13561  -2.97738  -11.99461 1.000 44.10168 ? 9   LEU   A CB  1 
ATOM   91   C  CG  . LEU   A 1 9   ? -5.93210  -4.19973  -12.87707 1.000 51.88829 ? 9   LEU   A CG  1 
ATOM   92   C  CD1 . LEU   A 1 9   ? -4.63240  -4.03903  -13.61413 1.000 49.44589 ? 9   LEU   A CD1 1 
ATOM   93   C  CD2 . LEU   A 1 9   ? -5.89571  -5.45865  -12.01925 1.000 50.54922 ? 9   LEU   A CD2 1 
ATOM   94   N  N   . ALA   A 1 10  ? -6.45461  -1.53415  -9.24594  1.000 37.91756 ? 10  ALA   A N   1 
ATOM   95   C  CA  . ALA   A 1 10  ? -5.94814  -1.12087  -7.94018  1.000 37.81048 ? 10  ALA   A CA  1 
ATOM   96   C  C   . ALA   A 1 10  ? -6.83875  -1.64607  -6.81766  1.000 40.10062 ? 10  ALA   A C   1 
ATOM   97   O  O   . ALA   A 1 10  ? -6.33744  -2.13344  -5.79460  1.000 33.16851 ? 10  ALA   A O   1 
ATOM   98   C  CB  . ALA   A 1 10  ? -5.82175  0.41278   -7.89247  1.000 34.09112 ? 10  ALA   A CB  1 
ATOM   99   N  N   . ASN   A 1 11  ? -8.16562  -1.61029  -7.00659  1.000 35.23634 ? 11  ASN   A N   1 
ATOM   100  C  CA  . ASN   A 1 11  ? -9.05225  -2.14264  -5.96879  1.000 37.02785 ? 11  ASN   A CA  1 
ATOM   101  C  C   . ASN   A 1 11  ? -8.86887  -3.63872  -5.80074  1.000 37.90954 ? 11  ASN   A C   1 
ATOM   102  O  O   . ASN   A 1 11  ? -8.88474  -4.16655  -4.67867  1.000 41.06350 ? 11  ASN   A O   1 
ATOM   103  C  CB  . ASN   A 1 11  ? -10.51546 -1.82666  -6.30317  1.000 39.90585 ? 11  ASN   A CB  1 
ATOM   104  C  CG  . ASN   A 1 11  ? -10.94283 -0.50847  -5.74627  1.000 42.23580 ? 11  ASN   A CG  1 
ATOM   105  O  OD1 . ASN   A 1 11  ? -10.79162 -0.24719  -4.54653  1.000 44.96368 ? 11  ASN   A OD1 1 
ATOM   106  N  ND2 . ASN   A 1 11  ? -11.45625 0.35587   -6.61203  1.000 46.41528 ? 11  ASN   A ND2 1 
ATOM   107  N  N   . GLN   A 1 12  ? -8.70311  -4.34464  -6.90370  1.000 35.71726 ? 12  GLN   A N   1 
ATOM   108  C  CA  . GLN   A 1 12  ? -8.46665  -5.77336  -6.82317  1.000 37.03928 ? 12  GLN   A CA  1 
ATOM   109  C  C   . GLN   A 1 12  ? -7.16825  -6.06776  -6.06623  1.000 39.73420 ? 12  GLN   A C   1 
ATOM   110  O  O   . GLN   A 1 12  ? -7.12537  -6.94358  -5.18357  1.000 34.66884 ? 12  GLN   A O   1 
ATOM   111  C  CB  . GLN   A 1 12  ? -8.45022  -6.31282  -8.24672  1.000 44.12167 ? 12  GLN   A CB  1 
ATOM   112  C  CG  . GLN   A 1 12  ? -8.13386  -7.76346  -8.46278  1.000 52.38585 ? 12  GLN   A CG  1 
ATOM   113  C  CD  . GLN   A 1 12  ? -8.01636  -8.05358  -9.95265  1.000 60.19484 ? 12  GLN   A CD  1 
ATOM   114  O  OE1 . GLN   A 1 12  ? -8.85978  -7.59095  -10.74988 1.000 60.08391 ? 12  GLN   A OE1 1 
ATOM   115  N  NE2 . GLN   A 1 12  ? -6.95651  -8.78791  -10.34693 1.000 52.07875 ? 12  GLN   A NE2 1 
ATOM   116  N  N   . ILE   A 1 13  ? -6.11608  -5.30625  -6.35762  1.000 36.60323 ? 13  ILE   A N   1 
ATOM   117  C  CA  . ILE   A 1 13  ? -4.81345  -5.57922  -5.75366  1.000 38.02571 ? 13  ILE   A CA  1 
ATOM   118  C  C   . ILE   A 1 13  ? -4.82015  -5.25064  -4.27308  1.000 37.49488 ? 13  ILE   A C   1 
ATOM   119  O  O   . ILE   A 1 13  ? -4.27692  -6.00575  -3.45959  1.000 39.18386 ? 13  ILE   A O   1 
ATOM   120  C  CB  . ILE   A 1 13  ? -3.71456  -4.80169  -6.47875  1.000 35.12582 ? 13  ILE   A CB  1 
ATOM   121  C  CG1 . ILE   A 1 13  ? -3.53573  -5.31093  -7.90005  1.000 35.51330 ? 13  ILE   A CG1 1 
ATOM   122  C  CG2 . ILE   A 1 13  ? -2.40025  -4.90227  -5.69924  1.000 33.57521 ? 13  ILE   A CG2 1 
ATOM   123  C  CD1 . ILE   A 1 13  ? -2.58801  -4.42185  -8.68727  1.000 39.96231 ? 13  ILE   A CD1 1 
ATOM   124  N  N   . ILE   A 1 14  ? -5.40325  -4.11393  -3.89120  1.000 34.52462 ? 14  ILE   A N   1 
ATOM   125  C  CA  . ILE   A 1 14  ? -5.41583  -3.75934  -2.47338  1.000 37.84823 ? 14  ILE   A CA  1 
ATOM   126  C  C   . ILE   A 1 14  ? -6.21189  -4.79390  -1.67491  1.000 33.70365 ? 14  ILE   A C   1 
ATOM   127  O  O   . ILE   A 1 14  ? -5.83830  -5.16092  -0.54982  1.000 35.23640 ? 14  ILE   A O   1 
ATOM   128  C  CB  . ILE   A 1 14  ? -5.94895  -2.32626  -2.28086  1.000 33.58268 ? 14  ILE   A CB  1 
ATOM   129  C  CG1 . ILE   A 1 14  ? -5.50742  -1.74642  -0.93547  1.000 33.97917 ? 14  ILE   A CG1 1 
ATOM   130  C  CG2 . ILE   A 1 14  ? -7.47921  -2.26440  -2.44658  1.000 33.16020 ? 14  ILE   A CG2 1 
ATOM   131  C  CD1 . ILE   A 1 14  ? -3.95579  -1.56617  -0.78290  1.000 32.91469 ? 14  ILE   A CD1 1 
ATOM   132  N  N   . GLN   A 1 15  ? -7.28002  -5.33395  -2.26789  1.000 39.47391 ? 15  GLN   A N   1 
ATOM   133  C  CA  . GLN   A 1 15  ? -8.06116  -6.34849  -1.57051  1.000 36.10427 ? 15  GLN   A CA  1 
ATOM   134  C  C   . GLN   A 1 15  ? -7.25689  -7.64009  -1.41375  1.000 39.61802 ? 15  GLN   A C   1 
ATOM   135  O  O   . GLN   A 1 15  ? -7.35133  -8.32208  -0.38075  1.000 38.82667 ? 15  GLN   A O   1 
ATOM   136  C  CB  . GLN   A 1 15  ? -9.37697  -6.57993  -2.31681  1.000 41.26277 ? 15  GLN   A CB  1 
ATOM   137  C  CG  . GLN   A 1 15  ? -10.44356 -7.29182  -1.47686  1.000 54.40927 ? 15  GLN   A CG  1 
ATOM   138  C  CD  . GLN   A 1 15  ? -10.80397 -6.53168  -0.18714  1.000 61.12845 ? 15  GLN   A CD  1 
ATOM   139  O  OE1 . GLN   A 1 15  ? -10.16932 -6.72634  0.87029   1.000 55.93223 ? 15  GLN   A OE1 1 
ATOM   140  N  NE2 . GLN   A 1 15  ? -11.82726 -5.65664  -0.27237  1.000 62.69621 ? 15  GLN   A NE2 1 
ATOM   141  N  N   . SER   A 1 16  ? -6.44513  -7.99189  -2.41677  1.000 37.43684 ? 16  SER   A N   1 
ATOM   142  C  CA  . SER   A 1 16  ? -5.61253  -9.18251  -2.26384  1.000 36.40479 ? 16  SER   A CA  1 
ATOM   143  C  C   . SER   A 1 16  ? -4.57263  -8.99886  -1.15585  1.000 38.92470 ? 16  SER   A C   1 
ATOM   144  O  O   . SER   A 1 16  ? -4.26356  -9.96078  -0.42636  1.000 38.08500 ? 16  SER   A O   1 
ATOM   145  C  CB  . SER   A 1 16  ? -4.95616  -9.56117  -3.60529  1.000 38.34447 ? 16  SER   A CB  1 
ATOM   146  O  OG  . SER   A 1 16  ? -3.81203  -8.77983  -3.94442  1.000 41.08080 ? 16  SER   A OG  1 
ATOM   147  N  N   . LEU   A 1 17  ? -4.04677  -7.77963  -0.98689  1.000 34.88702 ? 17  LEU   A N   1 
ATOM   148  C  CA  . LEU   A 1 17  ? -3.11968  -7.52161  0.11890   1.000 33.36154 ? 17  LEU   A CA  1 
ATOM   149  C  C   . LEU   A 1 17  ? -3.81804  -7.67525  1.47114   1.000 37.03768 ? 17  LEU   A C   1 
ATOM   150  O  O   . LEU   A 1 17  ? -3.26822  -8.28677  2.39755   1.000 34.17583 ? 17  LEU   A O   1 
ATOM   151  C  CB  . LEU   A 1 17  ? -2.52680  -6.12502  -0.01379  1.000 31.85472 ? 17  LEU   A CB  1 
ATOM   152  C  CG  . LEU   A 1 17  ? -1.82249  -5.79602  -1.33465  1.000 34.75977 ? 17  LEU   A CG  1 
ATOM   153  C  CD1 . LEU   A 1 17  ? -1.08399  -4.45326  -1.23274  1.000 30.98979 ? 17  LEU   A CD1 1 
ATOM   154  C  CD2 . LEU   A 1 17  ? -0.83571  -6.86635  -1.74891  1.000 37.92442 ? 17  LEU   A CD2 1 
ATOM   155  N  N   . SER   A 1 18  ? -5.03237  -7.12474  1.60006   1.000 34.85693 ? 18  SER   A N   1 
ATOM   156  C  CA  . SER   A 1 18  ? -5.79628  -7.26059  2.83378   1.000 33.35627 ? 18  SER   A CA  1 
ATOM   157  C  C   . SER   A 1 18  ? -6.02614  -8.72034  3.20128   1.000 39.16234 ? 18  SER   A C   1 
ATOM   158  O  O   . SER   A 1 18  ? -6.12101  -9.04144  4.39399   1.000 38.33692 ? 18  SER   A O   1 
ATOM   159  C  CB  . SER   A 1 18  ? -7.18277  -6.58538  2.71362   1.000 38.68271 ? 18  SER   A CB  1 
ATOM   160  O  OG  . SER   A 1 18  ? -7.08656  -5.17314  2.53894   1.000 38.26543 ? 18  SER   A OG  1 
ATOM   161  N  N   . LYS   A 1 19  ? -6.19700  -9.60352  2.20806   1.000 35.85340 ? 19  LYS   A N   1 
ATOM   162  C  CA  . LYS   A 1 19  ? -6.44409  -11.01975 2.51173   1.000 36.58487 ? 19  LYS   A CA  1 
ATOM   163  C  C   . LYS   A 1 19  ? -5.16543  -11.83250 2.66160   1.000 35.86478 ? 19  LYS   A C   1 
ATOM   164  O  O   . LYS   A 1 19  ? -5.24869  -13.03219 2.95019   1.000 37.66498 ? 19  LYS   A O   1 
ATOM   165  C  CB  . LYS   A 1 19  ? -7.27268  -11.68912 1.41563   1.000 40.24601 ? 19  LYS   A CB  1 
ATOM   166  C  CG  . LYS   A 1 19  ? -8.59745  -11.01698 1.11863   1.000 46.78095 ? 19  LYS   A CG  1 
ATOM   167  C  CD  . LYS   A 1 19  ? -9.26547  -11.60990 -0.13196  1.000 57.54928 ? 19  LYS   A CD  1 
ATOM   168  C  CE  . LYS   A 1 19  ? -10.69121 -11.04981 -0.34148  1.000 67.38978 ? 19  LYS   A CE  1 
ATOM   169  N  NZ  . LYS   A 1 19  ? -11.75046 -11.86871 0.35082   1.000 77.75862 ? 19  LYS   A NZ  1 
ATOM   170  N  N   . TYR   A 1 20  ? -4.01194  -11.23860 2.40311   1.000 33.71362 ? 20  TYR   A N   1 
ATOM   171  C  CA  . TYR   A 1 20  ? -2.75501  -11.96979 2.46878   1.000 36.17235 ? 20  TYR   A CA  1 
ATOM   172  C  C   . TYR   A 1 20  ? -2.44216  -12.32117 3.91329   1.000 37.01186 ? 20  TYR   A C   1 
ATOM   173  O  O   . TYR   A 1 20  ? -2.90613  -11.66650 4.85410   1.000 36.89958 ? 20  TYR   A O   1 
ATOM   174  C  CB  . TYR   A 1 20  ? -1.60519  -11.15338 1.87815   1.000 38.89474 ? 20  TYR   A CB  1 
ATOM   175  C  CG  . TYR   A 1 20  ? -0.42994  -12.00282 1.46701   1.000 37.59698 ? 20  TYR   A CG  1 
ATOM   176  C  CD1 . TYR   A 1 20  ? -0.43397  -12.67176 0.24763   1.000 40.15319 ? 20  TYR   A CD1 1 
ATOM   177  C  CD2 . TYR   A 1 20  ? 0.67804   -12.14480 2.29262   1.000 42.01538 ? 20  TYR   A CD2 1 
ATOM   178  C  CE1 . TYR   A 1 20  ? 0.64207   -13.44794 -0.13933  1.000 46.50353 ? 20  TYR   A CE1 1 
ATOM   179  C  CE2 . TYR   A 1 20  ? 1.74989   -12.94579 1.92098   1.000 43.43441 ? 20  TYR   A CE2 1 
ATOM   180  C  CZ  . TYR   A 1 20  ? 1.72506   -13.58008 0.69219   1.000 42.45838 ? 20  TYR   A CZ  1 
ATOM   181  O  OH  . TYR   A 1 20  ? 2.78005   -14.37212 0.29212   1.000 53.34940 ? 20  TYR   A OH  1 
ATOM   182  N  N   . GLU   A 1 21  ? -1.65025  -13.36926 4.08930   1.000 40.96114 ? 21  GLU   A N   1 
ATOM   183  C  CA  . GLU   A 1 21  ? -1.39794  -13.84469 5.44019   1.000 40.97511 ? 21  GLU   A CA  1 
ATOM   184  C  C   . GLU   A 1 21  ? -0.70548  -12.76386 6.25346   1.000 35.15371 ? 21  GLU   A C   1 
ATOM   185  O  O   . GLU   A 1 21  ? 0.36802   -12.28207 5.87928   1.000 37.12063 ? 21  GLU   A O   1 
ATOM   186  C  CB  . GLU   A 1 21  ? -0.55601  -15.11720 5.41103   1.000 40.09308 ? 21  GLU   A CB  1 
ATOM   187  C  CG  . GLU   A 1 21  ? -0.27013  -15.61415 6.78788   1.000 46.43428 ? 21  GLU   A CG  1 
ATOM   188  C  CD  . GLU   A 1 21  ? 0.29645   -17.01238 6.77059   1.000 45.97539 ? 21  GLU   A CD  1 
ATOM   189  O  OE1 . GLU   A 1 21  ? 1.46566   -17.15768 6.33631   1.000 49.45874 ? 21  GLU   A OE1 1 
ATOM   190  O  OE2 . GLU   A 1 21  ? -0.44458  -17.94579 7.15435   1.000 47.18625 ? 21  GLU   A OE2 1 
ATOM   191  N  N   . GLY   A 1 22  ? -1.32357  -12.38807 7.37069   1.000 32.98895 ? 22  GLY   A N   1 
ATOM   192  C  CA  . GLY   A 1 22  ? -0.82117  -11.32019 8.20568   1.000 33.92322 ? 22  GLY   A CA  1 
ATOM   193  C  C   . GLY   A 1 22  ? -1.13931  -9.92727  7.69443   1.000 35.03539 ? 22  GLY   A C   1 
ATOM   194  O  O   . GLY   A 1 22  ? -0.70934  -8.93982  8.31262   1.000 32.13980 ? 22  GLY   A O   1 
ATOM   195  N  N   . GLY   A 1 23  ? -1.88054  -9.81848  6.59100   1.000 33.65508 ? 23  GLY   A N   1 
ATOM   196  C  CA  . GLY   A 1 23  ? -2.17603  -8.50096  6.01193   1.000 33.62941 ? 23  GLY   A CA  1 
ATOM   197  C  C   . GLY   A 1 23  ? -3.01800  -7.61285  6.90734   1.000 33.17168 ? 23  GLY   A C   1 
ATOM   198  O  O   . GLY   A 1 23  ? -3.04846  -6.38903  6.70858   1.000 31.99144 ? 23  GLY   A O   1 
ATOM   199  N  N   . HIS   A 1 24  ? -3.68243  -8.19683  7.91007   1.000 31.54224 ? 24  HIS   A N   1 
ATOM   200  C  CA  . HIS   A 1 24  ? -4.52989  -7.42388  8.81064   1.000 30.59361 ? 24  HIS   A CA  1 
ATOM   201  C  C   . HIS   A 1 24  ? -3.73829  -6.39344  9.58338   1.000 32.19039 ? 24  HIS   A C   1 
ATOM   202  O  O   . HIS   A 1 24  ? -4.32174  -5.40562  10.03854  1.000 34.77270 ? 24  HIS   A O   1 
ATOM   203  C  CB  . HIS   A 1 24  ? -5.24675  -8.34276  9.80281   1.000 30.47747 ? 24  HIS   A CB  1 
ATOM   204  C  CG  . HIS   A 1 24  ? -4.30414  -9.09754  10.69782  1.000 32.23627 ? 24  HIS   A CG  1 
ATOM   205  N  ND1 . HIS   A 1 24  ? -3.66585  -10.24686 10.29352  1.000 33.76228 ? 24  HIS   A ND1 1 
ATOM   206  C  CD2 . HIS   A 1 24  ? -3.89047  -8.85985  11.96710  1.000 31.13375 ? 24  HIS   A CD2 1 
ATOM   207  C  CE1 . HIS   A 1 24  ? -2.88162  -10.68148 11.27238  1.000 32.85402 ? 24  HIS   A CE1 1 
ATOM   208  N  NE2 . HIS   A 1 24  ? -2.98907  -9.84768  12.29353  1.000 32.60771 ? 24  HIS   A NE2 1 
ATOM   209  N  N   . ILE   A 1 25  ? -2.43155  -6.60060  9.77172   1.000 28.78487 ? 25  ILE   A N   1 
ATOM   210  C  CA  . ILE   A 1 25  ? -1.67525  -5.60272  10.51227  1.000 24.48175 ? 25  ILE   A CA  1 
ATOM   211  C  C   . ILE   A 1 25  ? -1.55815  -4.31320  9.74032   1.000 28.89592 ? 25  ILE   A C   1 
ATOM   212  O  O   . ILE   A 1 25  ? -1.22474  -3.28050  10.33861  1.000 30.41461 ? 25  ILE   A O   1 
ATOM   213  C  CB  . ILE   A 1 25  ? -0.28367  -6.12154  10.93284  1.000 28.19940 ? 25  ILE   A CB  1 
ATOM   214  C  CG1 . ILE   A 1 25  ? 0.71821   -6.21475  9.77885   1.000 25.33407 ? 25  ILE   A CG1 1 
ATOM   215  C  CG2 . ILE   A 1 25  ? -0.46221  -7.48309  11.63385  1.000 28.38230 ? 25  ILE   A CG2 1 
ATOM   216  C  CD1 . ILE   A 1 25  ? 2.22224   -6.55827  10.28728  1.000 26.22304 ? 25  ILE   A CD1 1 
ATOM   217  N  N   . PHE   A 1 26  ? -1.80560  -4.33920  8.42968   1.000 28.60076 ? 26  PHE   A N   1 
ATOM   218  C  CA  . PHE   A 1 26  ? -1.72120  -3.11538  7.61667   1.000 25.80897 ? 26  PHE   A CA  1 
ATOM   219  C  C   . PHE   A 1 26  ? -3.07081  -2.52089  7.28907   1.000 30.96940 ? 26  PHE   A C   1 
ATOM   220  O  O   . PHE   A 1 26  ? -3.11194  -1.47747  6.60093   1.000 32.91990 ? 26  PHE   A O   1 
ATOM   221  C  CB  . PHE   A 1 26  ? -0.98368  -3.38455  6.31250   1.000 27.96132 ? 26  PHE   A CB  1 
ATOM   222  C  CG  . PHE   A 1 26  ? 0.44708   -3.83391  6.53848   1.000 31.79391 ? 26  PHE   A CG  1 
ATOM   223  C  CD1 . PHE   A 1 26  ? 1.30860   -3.04030  7.26233   1.000 29.67609 ? 26  PHE   A CD1 1 
ATOM   224  C  CD2 . PHE   A 1 26  ? 0.89844   -5.07148  6.07505   1.000 33.44549 ? 26  PHE   A CD2 1 
ATOM   225  C  CE1 . PHE   A 1 26  ? 2.65983   -3.47956  7.52162   1.000 31.11516 ? 26  PHE   A CE1 1 
ATOM   226  C  CE2 . PHE   A 1 26  ? 2.26494   -5.49820  6.31366   1.000 30.63307 ? 26  PHE   A CE2 1 
ATOM   227  C  CZ  . PHE   A 1 26  ? 3.09798   -4.70480  7.03532   1.000 28.92805 ? 26  PHE   A CZ  1 
ATOM   228  N  N   . GLU   A 1 27  ? -4.15921  -3.13314  7.77335   1.000 31.73501 ? 27  GLU   A N   1 
ATOM   229  C  CA  . GLU   A 1 27  ? -5.49973  -2.71990  7.35028   1.000 30.26761 ? 27  GLU   A CA  1 
ATOM   230  C  C   . GLU   A 1 27  ? -5.85188  -1.35109  7.90284   1.000 30.59802 ? 27  GLU   A C   1 
ATOM   231  O  O   . GLU   A 1 27  ? -6.34507  -0.48561  7.16778   1.000 32.23106 ? 27  GLU   A O   1 
ATOM   232  C  CB  . GLU   A 1 27  ? -6.54442  -3.76365  7.77732   1.000 32.72249 ? 27  GLU   A CB  1 
ATOM   233  C  CG  . GLU   A 1 27  ? -7.93958  -3.52173  7.11305   1.000 31.75708 ? 27  GLU   A CG  1 
ATOM   234  C  CD  . GLU   A 1 27  ? -7.89019  -3.64168  5.57923   1.000 38.03099 ? 27  GLU   A CD  1 
ATOM   235  O  OE1 . GLU   A 1 27  ? -7.06774  -4.44410  5.08424   1.000 35.98074 ? 27  GLU   A OE1 1 
ATOM   236  O  OE2 . GLU   A 1 27  ? -8.64612  -2.92516  4.85820   1.000 35.57851 ? 27  GLU   A OE2 1 
ATOM   237  N  N   . LYS   A 1 28  ? -5.66326  -1.15134  9.20399   1.000 30.57906 ? 28  LYS   A N   1 
ATOM   238  C  CA  . LYS   A 1 28  ? -5.96174  0.09962   9.89861   1.000 32.90658 ? 28  LYS   A CA  1 
ATOM   239  C  C   . LYS   A 1 28  ? -4.67974  0.79545   10.33755  1.000 33.89415 ? 28  LYS   A C   1 
ATOM   240  O  O   . LYS   A 1 28  ? -3.64935  0.14768   10.52147  1.000 33.92645 ? 28  LYS   A O   1 
ATOM   241  C  CB  . LYS   A 1 28  ? -6.83302  -0.16483  11.12857  1.000 27.11172 ? 28  LYS   A CB  1 
ATOM   242  C  CG  . LYS   A 1 28  ? -8.09680  -0.91999  10.79381  1.000 37.67903 ? 28  LYS   A CG  1 
ATOM   243  C  CD  . LYS   A 1 28  ? -8.92511  -0.17146  9.70253   1.000 34.12339 ? 28  LYS   A CD  1 
ATOM   244  C  CE  . LYS   A 1 28  ? -10.32820 -0.81871  9.55943   1.000 43.23127 ? 28  LYS   A CE  1 
ATOM   245  N  NZ  . LYS   A 1 28  ? -11.11638 -0.33019  8.38746   1.000 43.09062 ? 28  LYS   A NZ  1 
ATOM   246  N  N   . LEU   A 1 29  ? -4.74819  2.12200   10.52851  1.000 31.38350 ? 29  LEU   A N   1 
ATOM   247  C  CA  . LEU   A 1 29  ? -3.58749  2.82429   11.07650  1.000 33.83010 ? 29  LEU   A CA  1 
ATOM   248  C  C   . LEU   A 1 29  ? -3.29764  2.33123   12.49043  1.000 32.82680 ? 29  LEU   A C   1 
ATOM   249  O  O   . LEU   A 1 29  ? -4.19775  1.93052   13.23642  1.000 30.86941 ? 29  LEU   A O   1 
ATOM   250  C  CB  . LEU   A 1 29  ? -3.81461  4.33872   11.10113  1.000 33.92457 ? 29  LEU   A CB  1 
ATOM   251  C  CG  . LEU   A 1 29  ? -3.93096  5.00963   9.73627   1.000 36.50074 ? 29  LEU   A CG  1 
ATOM   252  C  CD1 . LEU   A 1 29  ? -4.71346  6.33692   9.83847   1.000 32.04120 ? 29  LEU   A CD1 1 
ATOM   253  C  CD2 . LEU   A 1 29  ? -2.52149  5.21481   9.23123   1.000 35.55795 ? 29  LEU   A CD2 1 
ATOM   254  N  N   . VAL   A 1 30  ? -2.01149  2.34665   12.83813  1.000 32.40872 ? 30  VAL   A N   1 
ATOM   255  C  CA  . VAL   A 1 30  ? -1.56784  1.97220   14.17010  1.000 31.30048 ? 30  VAL   A CA  1 
ATOM   256  C  C   . VAL   A 1 30  ? -2.21068  2.88529   15.20044  1.000 33.08571 ? 30  VAL   A C   1 
ATOM   257  O  O   . VAL   A 1 30  ? -2.30378  4.10496   15.00494  1.000 34.37316 ? 30  VAL   A O   1 
ATOM   258  C  CB  . VAL   A 1 30  ? -0.02537  2.06659   14.19577  1.000 32.82352 ? 30  VAL   A CB  1 
ATOM   259  C  CG1 . VAL   A 1 30  ? 0.52043   1.94098   15.59291  1.000 34.32131 ? 30  VAL   A CG1 1 
ATOM   260  C  CG2 . VAL   A 1 30  ? 0.59632   0.97912   13.31113  1.000 34.42074 ? 30  VAL   A CG2 1 
ATOM   261  N  N   . ASP   A 1 31  ? -2.68749  2.30488   16.28129  1.000 29.31717 ? 31  ASP   A N   1 
ATOM   262  C  CA  . ASP   A 1 31  ? -3.18158  3.04686   17.43815  1.000 33.94902 ? 31  ASP   A CA  1 
ATOM   263  C  C   . ASP   A 1 31  ? -2.05075  3.06256   18.47517  1.000 38.53530 ? 31  ASP   A C   1 
ATOM   264  O  O   . ASP   A 1 31  ? -1.68871  2.00964   19.02478  1.000 38.89350 ? 31  ASP   A O   1 
ATOM   265  C  CB  . ASP   A 1 31  ? -4.47023  2.39857   17.96908  1.000 35.34569 ? 31  ASP   A CB  1 
ATOM   266  C  CG  . ASP   A 1 31  ? -5.09575  3.16300   19.14758  1.000 37.77404 ? 31  ASP   A CG  1 
ATOM   267  O  OD1 . ASP   A 1 31  ? -4.37401  3.57900   20.08350  1.000 42.13269 ? 31  ASP   A OD1 1 
ATOM   268  O  OD2 . ASP   A 1 31  ? -6.32291  3.35668   19.15784  1.000 38.25331 ? 31  ASP   A OD2 1 
ATOM   269  N  N   . ALA   A 1 32  ? -1.45989  4.24767   18.71084  1.000 35.51058 ? 32  ALA   A N   1 
ATOM   270  C  CA  . ALA   A 1 32  ? -0.22837  4.31943   19.51765  1.000 36.66860 ? 32  ALA   A CA  1 
ATOM   271  C  C   . ALA   A 1 32  ? -0.41591  3.69148   20.90894  1.000 43.79312 ? 32  ALA   A C   1 
ATOM   272  O  O   . ALA   A 1 32  ? 0.46841   2.97563   21.41411  1.000 39.00624 ? 32  ALA   A O   1 
ATOM   273  C  CB  . ALA   A 1 32  ? 0.22170   5.77489   19.63908  1.000 38.41594 ? 32  ALA   A CB  1 
ATOM   274  N  N   . LYS   A 1 33  ? -1.55726  3.95468   21.54378  1.000 44.41834 ? 33  LYS   A N   1 
ATOM   275  C  CA  . LYS   A 1 33  ? -1.82528  3.41708   22.87276  1.000 45.62726 ? 33  LYS   A CA  1 
ATOM   276  C  C   . LYS   A 1 33  ? -2.17973  1.93990   22.80547  1.000 49.54633 ? 33  LYS   A C   1 
ATOM   277  O  O   . LYS   A 1 33  ? -1.63717  1.12169   23.55493  1.000 46.32165 ? 33  LYS   A O   1 
ATOM   278  C  CB  . LYS   A 1 33  ? -2.96452  4.19473   23.53655  1.000 44.69324 ? 33  LYS   A CB  1 
ATOM   279  C  CG  . LYS   A 1 33  ? -3.02352  4.03007   25.04648  1.000 53.19265 ? 33  LYS   A CG  1 
ATOM   280  N  N   . LYS   A 1 34  ? -3.07550  1.57911   21.89582  1.000 44.45657 ? 34  LYS   A N   1 
ATOM   281  C  CA  . LYS   A 1 34  ? -3.61121  0.22422   21.90191  1.000 45.53770 ? 34  LYS   A CA  1 
ATOM   282  C  C   . LYS   A 1 34  ? -2.58423  -0.79999  21.41682  1.000 39.41511 ? 34  LYS   A C   1 
ATOM   283  O  O   . LYS   A 1 34  ? -2.60758  -1.94795  21.84787  1.000 38.67426 ? 34  LYS   A O   1 
ATOM   284  C  CB  . LYS   A 1 34  ? -4.88502  0.19411   21.05361  1.000 39.27684 ? 34  LYS   A CB  1 
ATOM   285  C  CG  . LYS   A 1 34  ? -5.34947  -1.19351  20.65227  1.000 48.24845 ? 34  LYS   A CG  1 
ATOM   286  N  N   . GLN   A 1 35  ? -1.70278  -0.41916  20.51011  1.000 34.54196 ? 35  GLN   A N   1 
ATOM   287  C  CA  . GLN   A 1 35  ? -0.67732  -1.29616  19.98497  1.000 36.77467 ? 35  GLN   A CA  1 
ATOM   288  C  C   . GLN   A 1 35  ? 0.63835   -1.14799  20.74202  1.000 36.52811 ? 35  GLN   A C   1 
ATOM   289  O  O   . GLN   A 1 35  ? 1.68166   -1.53144  20.21077  1.000 37.86150 ? 35  GLN   A O   1 
ATOM   290  C  CB  . GLN   A 1 35  ? -0.45182  -1.01762  18.48763  1.000 34.59125 ? 35  GLN   A CB  1 
ATOM   291  C  CG  . GLN   A 1 35  ? -1.23766  -1.95761  17.53956  1.000 36.82294 ? 35  GLN   A CG  1 
ATOM   292  C  CD  . GLN   A 1 35  ? -2.69481  -1.58613  17.39722  1.000 40.87587 ? 35  GLN   A CD  1 
ATOM   293  O  OE1 . GLN   A 1 35  ? -3.03905  -0.47681  16.93275  1.000 35.85295 ? 35  GLN   A OE1 1 
ATOM   294  N  NE2 . GLN   A 1 35  ? -3.57608  -2.51890  17.77178  1.000 36.90997 ? 35  GLN   A NE2 1 
ATOM   295  N  N   . ASN   A 1 36  ? 0.62489   -0.48639  21.89676  1.000 34.92707 ? 36  ASN   A N   1 
ATOM   296  C  CA  . ASN   A 1 36  ? 1.80847   -0.34522  22.75001  1.000 40.36508 ? 36  ASN   A CA  1 
ATOM   297  C  C   . ASN   A 1 36  ? 3.01505   0.22348   22.01297  1.000 45.31395 ? 36  ASN   A C   1 
ATOM   298  O  O   . ASN   A 1 36  ? 4.13884   -0.29232  22.12132  1.000 37.78633 ? 36  ASN   A O   1 
ATOM   299  C  CB  . ASN   A 1 36  ? 2.17320   -1.69144  23.37665  1.000 38.92161 ? 36  ASN   A CB  1 
ATOM   300  C  CG  . ASN   A 1 36  ? 1.09710   -2.21113  24.22226  1.000 46.13327 ? 36  ASN   A CG  1 
ATOM   301  O  OD1 . ASN   A 1 36  ? 0.58547   -1.49293  25.08248  1.000 54.49737 ? 36  ASN   A OD1 1 
ATOM   302  N  ND2 . ASN   A 1 36  ? 0.67548   -3.45220  23.96325  1.000 50.47460 ? 36  ASN   A ND2 1 
ATOM   303  N  N   . CYS   A 1 37  ? 2.79540   1.29475   21.24891  1.000 36.80662 ? 37  CYS   A N   1 
ATOM   304  C  CA  A CYS   A 1 37  ? 3.89209   1.98458   20.56697  0.548 38.48941 ? 37  CYS   A CA  1 
ATOM   305  C  CA  B CYS   A 1 37  ? 3.86086   1.98397   20.52550  0.452 38.47745 ? 37  CYS   A CA  1 
ATOM   306  C  C   . CYS   A 1 37  ? 3.67336   3.48660   20.67812  1.000 38.86690 ? 37  CYS   A C   1 
ATOM   307  O  O   . CYS   A 1 37  ? 3.33262   4.17932   19.70831  1.000 39.42190 ? 37  CYS   A O   1 
ATOM   308  C  CB  A CYS   A 1 37  ? 4.04526   1.51602   19.11976  0.548 37.91645 ? 37  CYS   A CB  1 
ATOM   309  C  CB  B CYS   A 1 37  ? 3.84751   1.59729   19.04594  0.452 37.84290 ? 37  CYS   A CB  1 
ATOM   310  S  SG  A CYS   A 1 37  ? 2.55819   1.20465   18.22174  0.548 35.64742 ? 37  CYS   A SG  1 
ATOM   311  S  SG  B CYS   A 1 37  ? 4.07790   -0.13556  18.67673  0.452 38.65139 ? 37  CYS   A SG  1 
ATOM   312  N  N   . PRO   A 1 38  ? 3.89410   4.02802   21.87798  1.000 38.99880 ? 38  PRO   A N   1 
ATOM   313  C  CA  . PRO   A 1 38  ? 3.58881   5.44584   22.10105  1.000 37.88326 ? 38  PRO   A CA  1 
ATOM   314  C  C   . PRO   A 1 38  ? 4.39100   6.38257   21.21453  1.000 39.82014 ? 38  PRO   A C   1 
ATOM   315  O  O   . PRO   A 1 38  ? 3.91453   7.48327   20.94059  1.000 38.77515 ? 38  PRO   A O   1 
ATOM   316  C  CB  . PRO   A 1 38  ? 3.89232   5.64779   23.59057  1.000 41.10111 ? 38  PRO   A CB  1 
ATOM   317  C  CG  . PRO   A 1 38  ? 4.86215   4.53805   23.94703  1.000 43.15480 ? 38  PRO   A CG  1 
ATOM   318  C  CD  . PRO   A 1 38  ? 4.54057   3.38313   23.04126  1.000 39.79457 ? 38  PRO   A CD  1 
ATOM   319  N  N   . ASP   A 1 39  ? 5.53681   5.95072   20.69039  1.000 39.30461 ? 39  ASP   A N   1 
ATOM   320  C  CA  . ASP   A 1 39  ? 6.39989   6.79230   19.87590  1.000 42.64262 ? 39  ASP   A CA  1 
ATOM   321  C  C   . ASP   A 1 39  ? 6.16770   6.62776   18.38060  1.000 40.32423 ? 39  ASP   A C   1 
ATOM   322  O  O   . ASP   A 1 39  ? 6.91268   7.20892   17.60059  1.000 37.95734 ? 39  ASP   A O   1 
ATOM   323  C  CB  . ASP   A 1 39  ? 7.87016   6.51732   20.20245  1.000 39.87102 ? 39  ASP   A CB  1 
ATOM   324  C  CG  . ASP   A 1 39  ? 8.33017   5.09882   19.82055  1.000 41.41740 ? 39  ASP   A CG  1 
ATOM   325  O  OD1 . ASP   A 1 39  ? 7.48896   4.16804   19.69044  1.000 42.49191 ? 39  ASP   A OD1 1 
ATOM   326  O  OD2 . ASP   A 1 39  ? 9.57171   4.91196   19.66743  1.000 42.98984 ? 39  ASP   A OD2 1 
ATOM   327  N  N   . TYR   A 1 40  ? 5.12653   5.88966   17.96794  1.000 34.80360 ? 40  TYR   A N   1 
ATOM   328  C  CA  . TYR   A 1 40  ? 4.94485   5.55681   16.55398  1.000 33.15803 ? 40  TYR   A CA  1 
ATOM   329  C  C   . TYR   A 1 40  ? 4.87563   6.80606   15.67276  1.000 34.70752 ? 40  TYR   A C   1 
ATOM   330  O  O   . TYR   A 1 40  ? 5.56186   6.89135   14.64895  1.000 36.39761 ? 40  TYR   A O   1 
ATOM   331  C  CB  . TYR   A 1 40  ? 3.67843   4.70465   16.36153  1.000 33.50072 ? 40  TYR   A CB  1 
ATOM   332  C  CG  . TYR   A 1 40  ? 3.52315   4.24089   14.93249  1.000 34.72680 ? 40  TYR   A CG  1 
ATOM   333  C  CD1 . TYR   A 1 40  ? 4.27497   3.18033   14.44579  1.000 31.17369 ? 40  TYR   A CD1 1 
ATOM   334  C  CD2 . TYR   A 1 40  ? 2.65664   4.90323   14.04136  1.000 31.31278 ? 40  TYR   A CD2 1 
ATOM   335  C  CE1 . TYR   A 1 40  ? 4.16846   2.75266   13.13821  1.000 33.40937 ? 40  TYR   A CE1 1 
ATOM   336  C  CE2 . TYR   A 1 40  ? 2.55188   4.48405   12.72485  1.000 31.67611 ? 40  TYR   A CE2 1 
ATOM   337  C  CZ  . TYR   A 1 40  ? 3.29297   3.41623   12.26872  1.000 35.63546 ? 40  TYR   A CZ  1 
ATOM   338  O  OH  . TYR   A 1 40  ? 3.18440   2.97116   10.96329  1.000 31.09870 ? 40  TYR   A OH  1 
ATOM   339  N  N   . TYR   A 1 41  ? 4.06204   7.78670   16.05140  1.000 32.47587 ? 41  TYR   A N   1 
ATOM   340  C  CA  . TYR   A 1 41  ? 3.84979   8.93536   15.17870  1.000 34.90049 ? 41  TYR   A CA  1 
ATOM   341  C  C   . TYR   A 1 41  ? 4.92255   9.99633   15.35985  1.000 39.96024 ? 41  TYR   A C   1 
ATOM   342  O  O   . TYR   A 1 41  ? 4.95321   10.96202  14.59175  1.000 42.68368 ? 41  TYR   A O   1 
ATOM   343  C  CB  . TYR   A 1 41  ? 2.43426   9.51131   15.38718  1.000 33.28464 ? 41  TYR   A CB  1 
ATOM   344  C  CG  . TYR   A 1 41  ? 1.41200   8.50912   14.88065  1.000 34.82343 ? 41  TYR   A CG  1 
ATOM   345  C  CD1 . TYR   A 1 41  ? 1.31078   8.25280   13.51898  1.000 33.07431 ? 41  TYR   A CD1 1 
ATOM   346  C  CD2 . TYR   A 1 41  ? 0.61579   7.74895   15.76161  1.000 32.33829 ? 41  TYR   A CD2 1 
ATOM   347  C  CE1 . TYR   A 1 41  ? 0.38745   7.32706   13.01228  1.000 34.13634 ? 41  TYR   A CE1 1 
ATOM   348  C  CE2 . TYR   A 1 41  ? -0.30963  6.81363   15.26065  1.000 31.48110 ? 41  TYR   A CE2 1 
ATOM   349  C  CZ  . TYR   A 1 41  ? -0.40026  6.60427   13.87902  1.000 30.36624 ? 41  TYR   A CZ  1 
ATOM   350  O  OH  . TYR   A 1 41  ? -1.25941  5.68294   13.33947  1.000 32.09088 ? 41  TYR   A OH  1 
ATOM   351  N  N   . ASP   A 1 42  ? 5.81672   9.81037   16.33241  1.000 40.69295 ? 42  ASP   A N   1 
ATOM   352  C  CA  . ASP   A 1 42  ? 7.06687   10.56583  16.38932  1.000 43.35084 ? 42  ASP   A CA  1 
ATOM   353  C  C   . ASP   A 1 42  ? 8.08749   10.07082  15.37489  1.000 40.94240 ? 42  ASP   A C   1 
ATOM   354  O  O   . ASP   A 1 42  ? 8.95322   10.84932  14.95380  1.000 45.39252 ? 42  ASP   A O   1 
ATOM   355  C  CB  . ASP   A 1 42  ? 7.63700   10.48913  17.81062  1.000 42.55282 ? 42  ASP   A CB  1 
ATOM   356  C  CG  . ASP   A 1 42  ? 6.75160   11.20506  18.80632  1.000 44.33214 ? 42  ASP   A CG  1 
ATOM   357  O  OD1 . ASP   A 1 42  ? 6.18487   12.24959  18.41226  1.000 46.39484 ? 42  ASP   A OD1 1 
ATOM   358  O  OD2 . ASP   A 1 42  ? 6.60385   10.73872  19.95290  1.000 48.00846 ? 42  ASP   A OD2 1 
ATOM   359  N  N   . VAL   A 1 43  ? 7.99642   8.80599   14.96969  1.000 35.81150 ? 43  VAL   A N   1 
ATOM   360  C  CA  . VAL   A 1 43  ? 8.89604   8.22065   13.97953  1.000 35.11809 ? 43  VAL   A CA  1 
ATOM   361  C  C   . VAL   A 1 43  ? 8.29342   8.23655   12.57238  1.000 38.73979 ? 43  VAL   A C   1 
ATOM   362  O  O   . VAL   A 1 43  ? 9.00430   8.47202   11.59107  1.000 40.06526 ? 43  VAL   A O   1 
ATOM   363  C  CB  . VAL   A 1 43  ? 9.26962   6.78615   14.40664  1.000 35.66171 ? 43  VAL   A CB  1 
ATOM   364  C  CG1 . VAL   A 1 43  ? 10.11831  6.12479   13.33748  1.000 34.50575 ? 43  VAL   A CG1 1 
ATOM   365  C  CG2 . VAL   A 1 43  ? 9.97360   6.82166   15.73958  1.000 35.62180 ? 43  VAL   A CG2 1 
ATOM   366  N  N   . ILE   A 1 44  ? 7.00199   7.94066   12.45844  1.000 37.28256 ? 44  ILE   A N   1 
ATOM   367  C  CA  . ILE   A 1 44  ? 6.32117   7.76126   11.18211  1.000 36.02360 ? 44  ILE   A CA  1 
ATOM   368  C  C   . ILE   A 1 44  ? 5.52610   9.04375   10.93268  1.000 32.93030 ? 44  ILE   A C   1 
ATOM   369  O  O   . ILE   A 1 44  ? 4.54389   9.31076   11.62764  1.000 35.57612 ? 44  ILE   A O   1 
ATOM   370  C  CB  . ILE   A 1 44  ? 5.41132   6.51799   11.20227  1.000 30.92249 ? 44  ILE   A CB  1 
ATOM   371  C  CG1 . ILE   A 1 44  ? 6.23686   5.22805   11.28970  1.000 27.84303 ? 44  ILE   A CG1 1 
ATOM   372  C  CG2 . ILE   A 1 44  ? 4.52399   6.45634   9.98215   1.000 34.62991 ? 44  ILE   A CG2 1 
ATOM   373  C  CD1 . ILE   A 1 44  ? 7.49250   5.19576   10.38601  1.000 31.03329 ? 44  ILE   A CD1 1 
ATOM   374  N  N   . LYS   A 1 45  ? 5.99071   9.88078   10.00207  1.000 33.79823 ? 45  LYS   A N   1 
ATOM   375  C  CA  . LYS   A 1 45  ? 5.34596   11.18183  9.78308   1.000 39.01100 ? 45  LYS   A CA  1 
ATOM   376  C  C   . LYS   A 1 45  ? 4.27337   11.14603  8.71061   1.000 37.26399 ? 45  LYS   A C   1 
ATOM   377  O  O   . LYS   A 1 45  ? 3.40946   12.03378  8.68849   1.000 37.25429 ? 45  LYS   A O   1 
ATOM   378  C  CB  . LYS   A 1 45  ? 6.37465   12.24973  9.40290   1.000 41.53743 ? 45  LYS   A CB  1 
ATOM   379  C  CG  . LYS   A 1 45  ? 7.51228   12.40978  10.40768  1.000 47.42229 ? 45  LYS   A CG  1 
ATOM   380  C  CD  . LYS   A 1 45  ? 7.23051   13.47235  11.47441  1.000 52.23712 ? 45  LYS   A CD  1 
ATOM   381  C  CE  . LYS   A 1 45  ? 6.31341   12.97200  12.59598  1.000 49.12748 ? 45  LYS   A CE  1 
ATOM   382  N  NZ  . LYS   A 1 45  ? 6.80428   13.42903  13.94080  1.000 49.67353 ? 45  LYS   A NZ  1 
ATOM   383  N  N   . ASN   A 1 46  ? 4.30334   10.14718  7.82494   1.000 35.59670 ? 46  ASN   A N   1 
ATOM   384  C  CA  . ASN   A 1 46  ? 3.31623   10.00210  6.75839   1.000 34.69354 ? 46  ASN   A CA  1 
ATOM   385  C  C   . ASN   A 1 46  ? 2.71538   8.60912   6.89450   1.000 32.52223 ? 46  ASN   A C   1 
ATOM   386  O  O   . ASN   A 1 46  ? 3.05658   7.69012   6.13252   1.000 31.56243 ? 46  ASN   A O   1 
ATOM   387  C  CB  . ASN   A 1 46  ? 3.92597   10.21008  5.37477   1.000 34.67985 ? 46  ASN   A CB  1 
ATOM   388  C  CG  . ASN   A 1 46  ? 4.54047   11.60532  5.20689   1.000 43.47909 ? 46  ASN   A CG  1 
ATOM   389  O  OD1 . ASN   A 1 46  ? 3.83611   12.61219  5.13146   1.000 50.15514 ? 46  ASN   A OD1 1 
ATOM   390  N  ND2 . ASN   A 1 46  ? 5.85231   11.65746  5.17176   1.000 48.98047 ? 46  ASN   A ND2 1 
ATOM   391  N  N   . PRO   A 1 47  ? 1.80862   8.41665   7.84083   1.000 35.02290 ? 47  PRO   A N   1 
ATOM   392  C  CA  . PRO   A 1 47  ? 1.24021   7.08378   8.03921   1.000 34.37261 ? 47  PRO   A CA  1 
ATOM   393  C  C   . PRO   A 1 47  ? 0.25986   6.73069   6.92588   1.000 36.76013 ? 47  PRO   A C   1 
ATOM   394  O  O   . PRO   A 1 47  ? -0.31177  7.59960   6.25276   1.000 34.07574 ? 47  PRO   A O   1 
ATOM   395  C  CB  . PRO   A 1 47  ? 0.55090   7.19573   9.40440   1.000 37.75046 ? 47  PRO   A CB  1 
ATOM   396  C  CG  . PRO   A 1 47  ? 0.20567   8.62185   9.52896   1.000 37.10264 ? 47  PRO   A CG  1 
ATOM   397  C  CD  . PRO   A 1 47  ? 1.30489   9.38011   8.83327   1.000 36.91023 ? 47  PRO   A CD  1 
ATOM   398  N  N   . MET   A 1 48  ? 0.08207   5.42022   6.73344   1.000 31.60875 ? 48  MET   A N   1 
ATOM   399  C  CA  . MET   A 1 48  ? -0.68644  4.87988   5.62103   1.000 33.64555 ? 48  MET   A CA  1 
ATOM   400  C  C   . MET   A 1 48  ? -1.09926  3.45417   5.93980   1.000 35.79751 ? 48  MET   A C   1 
ATOM   401  O  O   . MET   A 1 48  ? -0.32212  2.69800   6.52503   1.000 29.93613 ? 48  MET   A O   1 
ATOM   402  C  CB  . MET   A 1 48  ? 0.11867   4.89374   4.31661   1.000 33.44477 ? 48  MET   A CB  1 
ATOM   403  C  CG  . MET   A 1 48  ? -0.69261  4.53842   3.08684   1.000 31.98404 ? 48  MET   A CG  1 
ATOM   404  S  SD  . MET   A 1 48  ? -1.98084  5.82271   2.73482   1.000 34.99061 ? 48  MET   A SD  1 
ATOM   405  C  CE  . MET   A 1 48  ? -0.90781  7.28183   2.49873   1.000 34.18483 ? 48  MET   A CE  1 
ATOM   406  N  N   . SER   A 1 49  ? -2.31316  3.08654   5.51939   1.000 32.07881 ? 49  SER   A N   1 
ATOM   407  C  CA  . SER   A 1 49  ? -2.85749  1.74414   5.72387   1.000 31.97568 ? 49  SER   A CA  1 
ATOM   408  C  C   . SER   A 1 49  ? -3.65353  1.32663   4.49559   1.000 31.69473 ? 49  SER   A C   1 
ATOM   409  O  O   . SER   A 1 49  ? -4.03835  2.16616   3.66542   1.000 32.64215 ? 49  SER   A O   1 
ATOM   410  C  CB  . SER   A 1 49  ? -3.78506  1.68708   6.93769   1.000 34.69022 ? 49  SER   A CB  1 
ATOM   411  O  OG  . SER   A 1 49  ? -4.95563  2.45856   6.66554   1.000 35.38261 ? 49  SER   A OG  1 
ATOM   412  N  N   . PHE   A 1 50  ? -3.94865  0.02913   4.40520   1.000 29.99719 ? 50  PHE   A N   1 
ATOM   413  C  CA  . PHE   A 1 50  ? -4.79148  -0.46345  3.31116   1.000 35.58104 ? 50  PHE   A CA  1 
ATOM   414  C  C   . PHE   A 1 50  ? -6.12887  0.27361   3.27030   1.000 34.41228 ? 50  PHE   A C   1 
ATOM   415  O  O   . PHE   A 1 50  ? -6.66590  0.56394   2.18879   1.000 30.75136 ? 50  PHE   A O   1 
ATOM   416  C  CB  . PHE   A 1 50  ? -5.04343  -1.97019  3.43989   1.000 33.87826 ? 50  PHE   A CB  1 
ATOM   417  C  CG  . PHE   A 1 50  ? -3.81291  -2.81763  3.28142   1.000 33.31488 ? 50  PHE   A CG  1 
ATOM   418  C  CD1 . PHE   A 1 50  ? -2.66464  -2.30960  2.69167   1.000 31.67160 ? 50  PHE   A CD1 1 
ATOM   419  C  CD2 . PHE   A 1 50  ? -3.82403  -4.14597  3.70818   1.000 32.12421 ? 50  PHE   A CD2 1 
ATOM   420  C  CE1 . PHE   A 1 50  ? -1.50097  -3.09020  2.54802   1.000 33.18225 ? 50  PHE   A CE1 1 
ATOM   421  C  CE2 . PHE   A 1 50  ? -2.66967  -4.95055  3.57772   1.000 31.98700 ? 50  PHE   A CE2 1 
ATOM   422  C  CZ  . PHE   A 1 50  ? -1.52124  -4.43283  2.99710   1.000 33.62290 ? 50  PHE   A CZ  1 
ATOM   423  N  N   . SER   A 1 51  ? -6.68017  0.59214   4.44325   1.000 32.40801 ? 51  SER   A N   1 
ATOM   424  C  CA  . SER   A 1 51  ? -7.98277  1.24511   4.46537   1.000 35.37480 ? 51  SER   A CA  1 
ATOM   425  C  C   . SER   A 1 51  ? -7.89657  2.68414   3.95457   1.000 35.07984 ? 51  SER   A C   1 
ATOM   426  O  O   . SER   A 1 51  ? -8.85730  3.17307   3.34162   1.000 32.90333 ? 51  SER   A O   1 
ATOM   427  C  CB  . SER   A 1 51  ? -8.57816  1.18189   5.87081   1.000 32.70932 ? 51  SER   A CB  1 
ATOM   428  O  OG  . SER   A 1 51  ? -7.86729  1.98080   6.79123   1.000 37.45116 ? 51  SER   A OG  1 
ATOM   429  N  N   . CYS   A 1 52  ? -6.76664  3.37031   4.17453   1.000 35.75425 ? 52  CYS   A N   1 
ATOM   430  C  CA  . CYS   A 1 52  ? -6.57117  4.70055   3.58639   1.000 31.38434 ? 52  CYS   A CA  1 
ATOM   431  C  C   . CYS   A 1 52  ? -6.55019  4.62062   2.07469   1.000 37.93620 ? 52  CYS   A C   1 
ATOM   432  O  O   . CYS   A 1 52  ? -7.13875  5.46464   1.37833   1.000 36.13355 ? 52  CYS   A O   1 
ATOM   433  C  CB  . CYS   A 1 52  ? -5.25045  5.31875   4.06270   1.000 39.16227 ? 52  CYS   A CB  1 
ATOM   434  S  SG  . CYS   A 1 52  ? -5.00733  5.44786   5.87787   1.000 42.85582 ? 52  CYS   A SG  1 
ATOM   435  N  N   . VAL   A 1 53  ? -5.81945  3.64988   1.53829   1.000 33.25499 ? 53  VAL   A N   1 
ATOM   436  C  CA  . VAL   A 1 53  ? -5.77267  3.50429   0.08736   1.000 35.32645 ? 53  VAL   A CA  1 
ATOM   437  C  C   . VAL   A 1 53  ? -7.16838  3.20138   -0.47569  1.000 36.17581 ? 53  VAL   A C   1 
ATOM   438  O  O   . VAL   A 1 53  ? -7.60300  3.81363   -1.46316  1.000 32.65986 ? 53  VAL   A O   1 
ATOM   439  C  CB  . VAL   A 1 53  ? -4.73639  2.43154   -0.28633  1.000 37.06746 ? 53  VAL   A CB  1 
ATOM   440  C  CG1 . VAL   A 1 53  ? -4.75968  2.17660   -1.77656  1.000 39.05471 ? 53  VAL   A CG1 1 
ATOM   441  C  CG2 . VAL   A 1 53  ? -3.30213  2.85869   0.20983   1.000 30.14291 ? 53  VAL   A CG2 1 
ATOM   442  N  N   . LYS   A 1 54  ? -7.90846  2.28122   0.15593   1.000 29.34833 ? 54  LYS   A N   1 
ATOM   443  C  CA  . LYS   A 1 54  ? -9.27464  1.98969   -0.29386  1.000 30.32307 ? 54  LYS   A CA  1 
ATOM   444  C  C   . LYS   A 1 54  ? -10.16140 3.23511   -0.28247  1.000 35.98276 ? 54  LYS   A C   1 
ATOM   445  O  O   . LYS   A 1 54  ? -11.01927 3.41995   -1.16721  1.000 32.73644 ? 54  LYS   A O   1 
ATOM   446  C  CB  . LYS   A 1 54  ? -9.88250  0.89371   0.60219   1.000 34.21122 ? 54  LYS   A CB  1 
ATOM   447  C  CG  . LYS   A 1 54  ? -9.16240  -0.43425  0.47648   1.000 29.38859 ? 54  LYS   A CG  1 
ATOM   448  C  CD  . LYS   A 1 54  ? -9.72705  -1.43756  1.52438   1.000 32.75820 ? 54  LYS   A CD  1 
ATOM   449  C  CE  . LYS   A 1 54  ? -9.12085  -2.80721  1.34233   1.000 33.39819 ? 54  LYS   A CE  1 
ATOM   450  N  NZ  . LYS   A 1 54  ? -9.70220  -3.80006  2.36242   1.000 34.25130 ? 54  LYS   A NZ  1 
ATOM   451  N  N   . THR   A 1 55  ? -9.99362  4.09413   0.72038   1.000 33.35619 ? 55  THR   A N   1 
ATOM   452  C  CA  . THR   A 1 55  ? -10.78079 5.32456   0.75711   1.000 36.05778 ? 55  THR   A CA  1 
ATOM   453  C  C   . THR   A 1 55  ? -10.43619 6.24484   -0.41872  1.000 35.08434 ? 55  THR   A C   1 
ATOM   454  O  O   . THR   A 1 55  ? -11.33545 6.82599   -1.05378  1.000 34.02066 ? 55  THR   A O   1 
ATOM   455  C  CB  . THR   A 1 55  ? -10.54883 6.01582   2.10015   1.000 36.88843 ? 55  THR   A CB  1 
ATOM   456  O  OG1 . THR   A 1 55  ? -11.20287 5.24008   3.12093   1.000 33.84591 ? 55  THR   A OG1 1 
ATOM   457  C  CG2 . THR   A 1 55  ? -11.10761 7.45075   2.08132   1.000 39.16267 ? 55  THR   A CG2 1 
ATOM   458  N  N   . LYS   A 1 56  ? -9.14415  6.38066   -0.72771  1.000 31.13505 ? 56  LYS   A N   1 
ATOM   459  C  CA  . LYS   A 1 56  ? -8.72284  7.19390   -1.86468  1.000 32.85099 ? 56  LYS   A CA  1 
ATOM   460  C  C   . LYS   A 1 56  ? -9.23457  6.61955   -3.17975  1.000 34.71724 ? 56  LYS   A C   1 
ATOM   461  O  O   . LYS   A 1 56  ? -9.64824  7.36796   -4.07872  1.000 34.93270 ? 56  LYS   A O   1 
ATOM   462  C  CB  . LYS   A 1 56  ? -7.19654  7.30610   -1.87088  1.000 32.09164 ? 56  LYS   A CB  1 
ATOM   463  C  CG  . LYS   A 1 56  ? -6.64992  8.13261   -0.72033  1.000 36.51129 ? 56  LYS   A CG  1 
ATOM   464  C  CD  . LYS   A 1 56  ? -5.11396  8.17806   -0.81041  1.000 37.28590 ? 56  LYS   A CD  1 
ATOM   465  C  CE  . LYS   A 1 56  ? -4.52594  9.45887   -0.26607  1.000 44.05362 ? 56  LYS   A CE  1 
ATOM   466  N  NZ  . LYS   A 1 56  ? -3.03298  9.53086   -0.51714  1.000 36.80395 ? 56  LYS   A NZ  1 
ATOM   467  N  N   . LEU   A 1 57  ? -9.23818  5.29308   -3.31022  1.000 30.49219 ? 57  LEU   A N   1 
ATOM   468  C  CA  . LEU   A 1 57  ? -9.80415  4.68748   -4.50929  1.000 34.00562 ? 57  LEU   A CA  1 
ATOM   469  C  C   . LEU   A 1 57  ? -11.32195 4.89156   -4.57024  1.000 37.33173 ? 57  LEU   A C   1 
ATOM   470  O  O   . LEU   A 1 57  ? -11.86772 5.18131   -5.64154  1.000 34.97119 ? 57  LEU   A O   1 
ATOM   471  C  CB  . LEU   A 1 57  ? -9.45845  3.20818   -4.56498  1.000 33.33260 ? 57  LEU   A CB  1 
ATOM   472  C  CG  . LEU   A 1 57  ? -8.00865  2.88520   -4.86745  1.000 36.77957 ? 57  LEU   A CG  1 
ATOM   473  C  CD1 . LEU   A 1 57  ? -7.83145  1.39990   -4.43611  1.000 33.22139 ? 57  LEU   A CD1 1 
ATOM   474  C  CD2 . LEU   A 1 57  ? -7.72963  3.06072   -6.34267  1.000 30.40518 ? 57  LEU   A CD2 1 
ATOM   475  N  N   . LYS   A 1 58  ? -12.01321 4.77945   -3.43178  1.000 29.94383 ? 58  LYS   A N   1 
ATOM   476  C  CA  . LYS   A 1 58  ? -13.46722 4.94698   -3.43529  1.000 35.35257 ? 58  LYS   A CA  1 
ATOM   477  C  C   . LYS   A 1 58  ? -13.85480 6.36694   -3.82575  1.000 34.03339 ? 58  LYS   A C   1 
ATOM   478  O  O   . LYS   A 1 58  ? -14.76556 6.57133   -4.65202  1.000 35.73350 ? 58  LYS   A O   1 
ATOM   479  C  CB  . LYS   A 1 58  ? -14.04662 4.58401   -2.05651  1.000 31.85577 ? 58  LYS   A CB  1 
ATOM   480  C  CG  . LYS   A 1 58  ? -15.55271 4.88356   -1.87065  1.000 34.24178 ? 58  LYS   A CG  1 
ATOM   481  C  CD  . LYS   A 1 58  ? -15.96993 4.72732   -0.39965  1.000 36.69648 ? 58  LYS   A CD  1 
ATOM   482  C  CE  . LYS   A 1 58  ? -17.48164 4.79015   -0.18258  1.000 45.67784 ? 58  LYS   A CE  1 
ATOM   483  N  NZ  . LYS   A 1 58  ? -17.86717 4.87325   1.26237   1.000 49.83998 ? 58  LYS   A NZ  1 
ATOM   484  N  N   . LYS   A 1 59  ? -13.15297 7.36027   -3.27440  1.000 32.00437 ? 59  LYS   A N   1 
ATOM   485  C  CA  . LYS   A 1 59  ? -13.50033 8.76782   -3.41340  1.000 37.06925 ? 59  LYS   A CA  1 
ATOM   486  C  C   . LYS   A 1 59  ? -13.00437 9.40032   -4.71683  1.000 37.40661 ? 59  LYS   A C   1 
ATOM   487  O  O   . LYS   A 1 59  ? -13.39646 10.53443  -5.01138  1.000 33.37567 ? 59  LYS   A O   1 
ATOM   488  C  CB  . LYS   A 1 59  ? -12.91648 9.56167   -2.23600  1.000 36.93102 ? 59  LYS   A CB  1 
ATOM   489  C  CG  . LYS   A 1 59  ? -13.37948 9.11753   -0.86234  1.000 32.75230 ? 59  LYS   A CG  1 
ATOM   490  C  CD  . LYS   A 1 59  ? -14.74583 9.53481   -0.50569  1.000 37.75870 ? 59  LYS   A CD  1 
ATOM   491  C  CE  . LYS   A 1 59  ? -14.96352 9.32312   0.98641   1.000 40.47211 ? 59  LYS   A CE  1 
ATOM   492  N  NZ  . LYS   A 1 59  ? -16.38311 9.55787   1.30584   1.000 40.35095 ? 59  LYS   A NZ  1 
ATOM   493  N  N   . GLY   A 1 60  ? -12.12970 8.72507   -5.46110  1.000 34.80688 ? 60  GLY   A N   1 
ATOM   494  C  CA  . GLY   A 1 60  ? -11.51198 9.29487   -6.64399  1.000 35.93780 ? 60  GLY   A CA  1 
ATOM   495  C  C   . GLY   A 1 60  ? -10.35000 10.22192  -6.38105  1.000 39.44691 ? 60  GLY   A C   1 
ATOM   496  O  O   . GLY   A 1 60  ? -10.16208 11.20413  -7.12440  1.000 37.54198 ? 60  GLY   A O   1 
ATOM   497  N  N   . GLN   A 1 61  ? -9.51407  9.92197   -5.37508  1.000 35.22973 ? 61  GLN   A N   1 
ATOM   498  C  CA  . GLN   A 1 61  ? -8.45055  10.84255  -5.00516  1.000 34.20664 ? 61  GLN   A CA  1 
ATOM   499  C  C   . GLN   A 1 61  ? -7.17508  10.63993  -5.80179  1.000 41.01844 ? 61  GLN   A C   1 
ATOM   500  O  O   . GLN   A 1 61  ? -6.27968  11.48575  -5.71387  1.000 44.24664 ? 61  GLN   A O   1 
ATOM   501  C  CB  . GLN   A 1 61  ? -8.09962  10.73705  -3.51751  1.000 38.06348 ? 61  GLN   A CB  1 
ATOM   502  C  CG  . GLN   A 1 61  ? -9.19279  11.09582  -2.53079  1.000 40.19521 ? 61  GLN   A CG  1 
ATOM   503  C  CD  . GLN   A 1 61  ? -8.66151  11.18559  -1.10606  1.000 37.38854 ? 61  GLN   A CD  1 
ATOM   504  O  OE1 . GLN   A 1 61  ? -7.59214  11.75149  -0.86526  1.000 40.28564 ? 61  GLN   A OE1 1 
ATOM   505  N  NE2 . GLN   A 1 61  ? -9.39113  10.59308  -0.15993  1.000 38.93946 ? 61  GLN   A NE2 1 
ATOM   506  N  N   . TYR   A 1 62  ? -7.05894  9.57670   -6.58874  1.000 35.54250 ? 62  TYR   A N   1 
ATOM   507  C  CA  . TYR   A 1 62  ? -5.84871  9.35576   -7.38514  1.000 35.49704 ? 62  TYR   A CA  1 
ATOM   508  C  C   . TYR   A 1 62  ? -6.07654  9.86183   -8.81521  1.000 32.46111 ? 62  TYR   A C   1 
ATOM   509  O  O   . TYR   A 1 62  ? -7.10815  9.54426   -9.41909  1.000 37.41908 ? 62  TYR   A O   1 
ATOM   510  C  CB  . TYR   A 1 62  ? -5.49445  7.87780   -7.44305  1.000 39.14254 ? 62  TYR   A CB  1 
ATOM   511  C  CG  . TYR   A 1 62  ? -5.04208  7.27198   -6.13069  1.000 35.15236 ? 62  TYR   A CG  1 
ATOM   512  C  CD1 . TYR   A 1 62  ? -4.04190  7.88066   -5.38522  1.000 37.77986 ? 62  TYR   A CD1 1 
ATOM   513  C  CD2 . TYR   A 1 62  ? -5.59242  6.09443   -5.66804  1.000 35.18229 ? 62  TYR   A CD2 1 
ATOM   514  C  CE1 . TYR   A 1 62  ? -3.57095  7.31298   -4.19603  1.000 35.10845 ? 62  TYR   A CE1 1 
ATOM   515  C  CE2 . TYR   A 1 62  ? -5.11879  5.49801   -4.46362  1.000 36.03328 ? 62  TYR   A CE2 1 
ATOM   516  C  CZ  . TYR   A 1 62  ? -4.12963  6.13013   -3.74135  1.000 37.38967 ? 62  TYR   A CZ  1 
ATOM   517  O  OH  . TYR   A 1 62  ? -3.65109  5.59183   -2.55464  1.000 34.87571 ? 62  TYR   A OH  1 
ATOM   518  N  N   . GLY   A 1 63  ? -5.09086  10.57711  -9.35979  1.000 35.57519 ? 63  GLY   A N   1 
ATOM   519  C  CA  . GLY   A 1 63  ? -5.10368  10.98247  -10.75925 1.000 41.07694 ? 63  GLY   A CA  1 
ATOM   520  C  C   . GLY   A 1 63  ? -4.22408  10.17827  -11.70578 1.000 42.53125 ? 63  GLY   A C   1 
ATOM   521  O  O   . GLY   A 1 63  ? -4.45494  10.16758  -12.92194 1.000 40.62394 ? 63  GLY   A O   1 
ATOM   522  N  N   . LEU   A 1 64  ? -3.22893  9.47663   -11.16949 1.000 37.24496 ? 64  LEU   A N   1 
ATOM   523  C  CA  . LEU   A 1 64  ? -2.23194  8.73125   -11.92861 1.000 36.03487 ? 64  LEU   A CA  1 
ATOM   524  C  C   . LEU   A 1 64  ? -2.03094  7.37343   -11.27183 1.000 40.95787 ? 64  LEU   A C   1 
ATOM   525  O  O   . LEU   A 1 64  ? -2.09187  7.27548   -10.04347 1.000 40.57954 ? 64  LEU   A O   1 
ATOM   526  C  CB  . LEU   A 1 64  ? -0.89784  9.47935   -11.94675 1.000 41.17692 ? 64  LEU   A CB  1 
ATOM   527  C  CG  . LEU   A 1 64  ? -0.95187  10.82028  -12.68140 1.000 43.37325 ? 64  LEU   A CG  1 
ATOM   528  C  CD1 . LEU   A 1 64  ? 0.40642   11.51379  -12.56821 1.000 47.96329 ? 64  LEU   A CD1 1 
ATOM   529  C  CD2 . LEU   A 1 64  ? -1.30160  10.53996  -14.11843 1.000 40.44695 ? 64  LEU   A CD2 1 
ATOM   530  N  N   . PRO   A 1 65  ? -1.80493  6.31001   -12.05174 1.000 39.40130 ? 65  PRO   A N   1 
ATOM   531  C  CA  . PRO   A 1 65  ? -1.72709  4.96991   -11.44541 1.000 41.77150 ? 65  PRO   A CA  1 
ATOM   532  C  C   . PRO   A 1 65  ? -0.53771  4.81547   -10.52158 1.000 38.32677 ? 65  PRO   A C   1 
ATOM   533  O  O   . PRO   A 1 65  ? -0.59383  3.97392   -9.61077  1.000 37.26714 ? 65  PRO   A O   1 
ATOM   534  C  CB  . PRO   A 1 65  ? -1.62818  4.02775   -12.65639 1.000 43.47557 ? 65  PRO   A CB  1 
ATOM   535  C  CG  . PRO   A 1 65  ? -1.88797  4.92614   -13.90112 1.000 43.39740 ? 65  PRO   A CG  1 
ATOM   536  C  CD  . PRO   A 1 65  ? -1.46196  6.28832   -13.48163 1.000 44.14252 ? 65  PRO   A CD  1 
ATOM   537  N  N   . THR   A 1 66  ? 0.51531   5.61335   -10.71705 1.000 38.98410 ? 66  THR   A N   1 
ATOM   538  C  CA  . THR   A 1 66  ? 1.68617   5.55653   -9.84305  1.000 39.87049 ? 66  THR   A CA  1 
ATOM   539  C  C   . THR   A 1 66  ? 1.38640   6.06299   -8.43911  1.000 38.31127 ? 66  THR   A C   1 
ATOM   540  O  O   . THR   A 1 66  ? 2.11566   5.70986   -7.49719  1.000 37.51255 ? 66  THR   A O   1 
ATOM   541  C  CB  . THR   A 1 66  ? 2.86796   6.36523   -10.41404 1.000 40.18879 ? 66  THR   A CB  1 
ATOM   542  O  OG1 . THR   A 1 66  ? 2.42508   7.66985   -10.81887 1.000 48.32298 ? 66  THR   A OG1 1 
ATOM   543  C  CG2 . THR   A 1 66  ? 3.50718   5.65240   -11.58275 1.000 39.25715 ? 66  THR   A CG2 1 
ATOM   544  N  N   . GLU   A 1 67  ? 0.34280   6.88397   -8.27604  1.000 36.24478 ? 67  GLU   A N   1 
ATOM   545  C  CA  . GLU   A 1 67  ? 0.02388   7.38077   -6.94592  1.000 36.42308 ? 67  GLU   A CA  1 
ATOM   546  C  C   . GLU   A 1 67  ? -0.44299  6.23970   -6.04630  1.000 37.42810 ? 67  GLU   A C   1 
ATOM   547  O  O   . GLU   A 1 67  ? -0.15954  6.23987   -4.84610  1.000 36.18790 ? 67  GLU   A O   1 
ATOM   548  C  CB  . GLU   A 1 67  ? -1.03643  8.47213   -7.02730  1.000 34.59158 ? 67  GLU   A CB  1 
ATOM   549  C  CG  . GLU   A 1 67  ? -0.54430  9.72686   -7.72118  1.000 37.64254 ? 67  GLU   A CG  1 
ATOM   550  C  CD  . GLU   A 1 67  ? -1.67616  10.64816  -8.17757  1.000 43.63471 ? 67  GLU   A CD  1 
ATOM   551  O  OE1 . GLU   A 1 67  ? -2.79220  10.60168  -7.63397  1.000 43.98523 ? 67  GLU   A OE1 1 
ATOM   552  O  OE2 . GLU   A 1 67  ? -1.43662  11.44595  -9.08686  1.000 49.22024 ? 67  GLU   A OE2 1 
ATOM   553  N  N   . PHE   A 1 68  ? -1.17196  5.27810   -6.61426  1.000 32.56503 ? 68  PHE   A N   1 
ATOM   554  C  CA  . PHE   A 1 68  ? -1.54869  4.08588   -5.86306  1.000 34.73391 ? 68  PHE   A CA  1 
ATOM   555  C  C   . PHE   A 1 68  ? -0.31095  3.33224   -5.38774  1.000 37.47113 ? 68  PHE   A C   1 
ATOM   556  O  O   . PHE   A 1 68  ? -0.21006  2.95468   -4.21199  1.000 36.03627 ? 68  PHE   A O   1 
ATOM   557  C  CB  . PHE   A 1 68  ? -2.43411  3.19487   -6.73850  1.000 36.24951 ? 68  PHE   A CB  1 
ATOM   558  C  CG  . PHE   A 1 68  ? -2.68210  1.79075   -6.17920  1.000 35.23612 ? 68  PHE   A CG  1 
ATOM   559  C  CD1 . PHE   A 1 68  ? -3.51654  1.58503   -5.09172  1.000 32.57882 ? 68  PHE   A CD1 1 
ATOM   560  C  CD2 . PHE   A 1 68  ? -2.11556  0.68203   -6.79600  1.000 36.16667 ? 68  PHE   A CD2 1 
ATOM   561  C  CE1 . PHE   A 1 68  ? -3.76682  0.27887   -4.61798  1.000 33.50798 ? 68  PHE   A CE1 1 
ATOM   562  C  CE2 . PHE   A 1 68  ? -2.34735  -0.62549  -6.31845  1.000 35.09898 ? 68  PHE   A CE2 1 
ATOM   563  C  CZ  . PHE   A 1 68  ? -3.17570  -0.82512  -5.23512  1.000 30.18449 ? 68  PHE   A CZ  1 
ATOM   564  N  N   . ILE   A 1 69  ? 0.63834   3.09517   -6.29412  1.000 35.11072 ? 69  ILE   A N   1 
ATOM   565  C  CA  . ILE   A 1 69  ? 1.85987   2.38445   -5.91543  1.000 37.08780 ? 69  ILE   A CA  1 
ATOM   566  C  C   . ILE   A 1 69  ? 2.59996   3.13358   -4.81244  1.000 39.52312 ? 69  ILE   A C   1 
ATOM   567  O  O   . ILE   A 1 69  ? 3.07694   2.53157   -3.84263  1.000 34.61881 ? 69  ILE   A O   1 
ATOM   568  C  CB  . ILE   A 1 69  ? 2.76068   2.16951   -7.14937  1.000 41.98117 ? 69  ILE   A CB  1 
ATOM   569  C  CG1 . ILE   A 1 69  ? 2.06779   1.24893   -8.16243  1.000 38.06856 ? 69  ILE   A CG1 1 
ATOM   570  C  CG2 . ILE   A 1 69  ? 4.11175   1.54420   -6.73661  1.000 35.92176 ? 69  ILE   A CG2 1 
ATOM   571  C  CD1 . ILE   A 1 69  ? 2.76590   1.20332   -9.53606  1.000 38.51384 ? 69  ILE   A CD1 1 
ATOM   572  N  N   . LYS   A 1 70  ? 2.72972   4.45160   -4.94772  1.000 37.72702 ? 70  LYS   A N   1 
ATOM   573  C  CA  . LYS   A 1 70  ? 3.47931   5.21219   -3.94626  1.000 36.52074 ? 70  LYS   A CA  1 
ATOM   574  C  C   . LYS   A 1 70  ? 2.88911   5.03159   -2.55021  1.000 35.82102 ? 70  LYS   A C   1 
ATOM   575  O  O   . LYS   A 1 70  ? 3.63147   4.86368   -1.57854  1.000 35.05225 ? 70  LYS   A O   1 
ATOM   576  C  CB  . LYS   A 1 70  ? 3.52265   6.69776   -4.32113  1.000 37.65491 ? 70  LYS   A CB  1 
ATOM   577  C  CG  . LYS   A 1 70  ? 4.72651   7.06712   -5.12980  1.000 50.43325 ? 70  LYS   A CG  1 
ATOM   578  C  CD  . LYS   A 1 70  ? 4.98905   6.05223   -6.24617  1.000 48.75216 ? 70  LYS   A CD  1 
ATOM   579  N  N   . ASP   A 1 71  ? 1.55354   5.09193   -2.42957  1.000 32.42255 ? 71  ASP   A N   1 
ATOM   580  C  CA  . ASP   A 1 71  ? 0.92683   4.95828   -1.12231  1.000 33.03280 ? 71  ASP   A CA  1 
ATOM   581  C  C   . ASP   A 1 71  ? 1.13088   3.55227   -0.56025  1.000 33.53663 ? 71  ASP   A C   1 
ATOM   582  O  O   . ASP   A 1 71  ? 1.40659   3.39494   0.63077   1.000 33.81577 ? 71  ASP   A O   1 
ATOM   583  C  CB  . ASP   A 1 71  ? -0.57185  5.26551   -1.19830  1.000 34.45150 ? 71  ASP   A CB  1 
ATOM   584  C  CG  . ASP   A 1 71  ? -0.86708  6.75881   -1.24931  1.000 33.73031 ? 71  ASP   A CG  1 
ATOM   585  O  OD1 . ASP   A 1 71  ? 0.09045   7.55319   -1.11061  1.000 37.41649 ? 71  ASP   A OD1 1 
ATOM   586  O  OD2 . ASP   A 1 71  ? -2.05988  7.11320   -1.39749  1.000 33.89014 ? 71  ASP   A OD2 1 
ATOM   587  N  N   . VAL   A 1 72  ? 0.96669   2.51979   -1.39068  1.000 30.66800 ? 72  VAL   A N   1 
ATOM   588  C  CA  . VAL   A 1 72  ? 1.14082   1.16316   -0.87348  1.000 31.31668 ? 72  VAL   A CA  1 
ATOM   589  C  C   . VAL   A 1 72  ? 2.58539   0.95704   -0.45602  1.000 34.67988 ? 72  VAL   A C   1 
ATOM   590  O  O   . VAL   A 1 72  ? 2.86659   0.38670   0.61085   1.000 32.82308 ? 72  VAL   A O   1 
ATOM   591  C  CB  . VAL   A 1 72  ? 0.70032   0.10996   -1.90840  1.000 30.69899 ? 72  VAL   A CB  1 
ATOM   592  C  CG1 . VAL   A 1 72  ? 1.02942   -1.34176  -1.41330  1.000 29.81111 ? 72  VAL   A CG1 1 
ATOM   593  C  CG2 . VAL   A 1 72  ? -0.80864  0.24961   -2.22480  1.000 32.48869 ? 72  VAL   A CG2 1 
ATOM   594  N  N   . GLN   A 1 73  ? 3.53358   1.43404   -1.27360  1.000 34.56216 ? 73  GLN   A N   1 
ATOM   595  C  CA  . GLN   A 1 73  ? 4.94196   1.27018   -0.89747  1.000 33.71859 ? 73  GLN   A CA  1 
ATOM   596  C  C   . GLN   A 1 73  ? 5.25858   2.02611   0.39238   1.000 33.00305 ? 73  GLN   A C   1 
ATOM   597  O  O   . GLN   A 1 73  ? 6.09604   1.58523   1.18217   1.000 35.18700 ? 73  GLN   A O   1 
ATOM   598  C  CB  . GLN   A 1 73  ? 5.85187   1.74327   -2.04938  1.000 34.94061 ? 73  GLN   A CB  1 
ATOM   599  C  CG  . GLN   A 1 73  ? 7.34767   1.44848   -1.77080  1.000 37.31751 ? 73  GLN   A CG  1 
ATOM   600  C  CD  . GLN   A 1 73  ? 7.64846   -0.03335  -1.57995  1.000 38.83995 ? 73  GLN   A CD  1 
ATOM   601  O  OE1 . GLN   A 1 73  ? 7.07876   -0.89216  -2.26865  1.000 41.01557 ? 73  GLN   A OE1 1 
ATOM   602  N  NE2 . GLN   A 1 73  ? 8.55344   -0.34752  -0.62962  1.000 37.62082 ? 73  GLN   A NE2 1 
ATOM   603  N  N   . LEU   A 1 74  ? 4.57388   3.14795   0.63562   1.000 33.34246 ? 74  LEU   A N   1 
ATOM   604  C  CA  . LEU   A 1 74  ? 4.77022   3.91678   1.86425   1.000 33.16909 ? 74  LEU   A CA  1 
ATOM   605  C  C   . LEU   A 1 74  ? 4.42750   3.09206   3.10570   1.000 33.69668 ? 74  LEU   A C   1 
ATOM   606  O  O   . LEU   A 1 74  ? 5.10947   3.20602   4.13650   1.000 34.01267 ? 74  LEU   A O   1 
ATOM   607  C  CB  . LEU   A 1 74  ? 3.93083   5.20730   1.80864   1.000 33.25004 ? 74  LEU   A CB  1 
ATOM   608  C  CG  . LEU   A 1 74  ? 3.80084   6.09008   3.06533   1.000 34.98423 ? 74  LEU   A CG  1 
ATOM   609  C  CD1 . LEU   A 1 74  ? 5.16009   6.56998   3.59729   1.000 33.82664 ? 74  LEU   A CD1 1 
ATOM   610  C  CD2 . LEU   A 1 74  ? 2.84303   7.28202   2.85701   1.000 30.60847 ? 74  LEU   A CD2 1 
ATOM   611  N  N   . ILE   A 1 75  ? 3.39127   2.24646   3.02276   1.000 30.24622 ? 75  ILE   A N   1 
ATOM   612  C  CA  . ILE   A 1 75  ? 3.07212   1.33847   4.12598   1.000 28.43202 ? 75  ILE   A CA  1 
ATOM   613  C  C   . ILE   A 1 75  ? 4.28328   0.46129   4.44670   1.000 31.26227 ? 75  ILE   A C   1 
ATOM   614  O  O   . ILE   A 1 75  ? 4.68336   0.30368   5.61449   1.000 32.10277 ? 75  ILE   A O   1 
ATOM   615  C  CB  . ILE   A 1 75  ? 1.84374   0.48225   3.77511   1.000 31.18232 ? 75  ILE   A CB  1 
ATOM   616  C  CG1 . ILE   A 1 75  ? 0.63660   1.35686   3.40491   1.000 27.62871 ? 75  ILE   A CG1 1 
ATOM   617  C  CG2 . ILE   A 1 75  ? 1.45667   -0.45467  4.94367   1.000 30.80415 ? 75  ILE   A CG2 1 
ATOM   618  C  CD1 . ILE   A 1 75  ? -0.56872  0.53370   2.93957   1.000 30.67172 ? 75  ILE   A CD1 1 
ATOM   619  N  N   . PHE   A 1 76  ? 4.87413   -0.13936  3.41115   1.000 30.89403 ? 76  PHE   A N   1 
ATOM   620  C  CA  . PHE   A 1 76  ? 6.01414   -1.03049  3.64460   1.000 34.68298 ? 76  PHE   A CA  1 
ATOM   621  C  C   . PHE   A 1 76  ? 7.25446   -0.27117  4.09118   1.000 34.84032 ? 76  PHE   A C   1 
ATOM   622  O  O   . PHE   A 1 76  ? 8.06304   -0.80685  4.87460   1.000 31.72460 ? 76  PHE   A O   1 
ATOM   623  C  CB  . PHE   A 1 76  ? 6.31802   -1.85307  2.39187   1.000 36.77093 ? 76  PHE   A CB  1 
ATOM   624  C  CG  . PHE   A 1 76  ? 5.13157   -2.58902  1.87301   1.000 38.89719 ? 76  PHE   A CG  1 
ATOM   625  C  CD1 . PHE   A 1 76  ? 4.28084   -3.24188  2.75024   1.000 35.03160 ? 76  PHE   A CD1 1 
ATOM   626  C  CD2 . PHE   A 1 76  ? 4.82531   -2.59537  0.50679   1.000 38.39696 ? 76  PHE   A CD2 1 
ATOM   627  C  CE1 . PHE   A 1 76  ? 3.14061   -3.91424  2.29016   1.000 42.36532 ? 76  PHE   A CE1 1 
ATOM   628  C  CE2 . PHE   A 1 76  ? 3.67469   -3.28063  0.03915   1.000 34.50242 ? 76  PHE   A CE2 1 
ATOM   629  C  CZ  . PHE   A 1 76  ? 2.84655   -3.92815  0.93304   1.000 38.29600 ? 76  PHE   A CZ  1 
ATOM   630  N  N   . ASP   A 1 77  ? 7.45991   0.95396   3.59317   1.000 30.65515 ? 77  ASP   A N   1 
ATOM   631  C  CA  . ASP   A 1 77  ? 8.61372   1.72807   4.03481   1.000 32.06235 ? 77  ASP   A CA  1 
ATOM   632  C  C   . ASP   A 1 77  ? 8.45146   2.19743   5.46785   1.000 33.50604 ? 77  ASP   A C   1 
ATOM   633  O  O   . ASP   A 1 77  ? 9.43166   2.25258   6.22197   1.000 36.92345 ? 77  ASP   A O   1 
ATOM   634  C  CB  . ASP   A 1 77  ? 8.84571   2.94643   3.11830   1.000 35.95115 ? 77  ASP   A CB  1 
ATOM   635  C  CG  . ASP   A 1 77  ? 9.30834   2.56328   1.72340   1.000 36.37580 ? 77  ASP   A CG  1 
ATOM   636  O  OD1 . ASP   A 1 77  ? 9.85540   1.45541   1.53313   1.000 36.53010 ? 77  ASP   A OD1 1 
ATOM   637  O  OD2 . ASP   A 1 77  ? 9.14057   3.40278   0.80598   1.000 44.09768 ? 77  ASP   A OD2 1 
ATOM   638  N  N   . ASN   A 1 78  ? 7.22675   2.53150   5.87048   1.000 31.59205 ? 78  ASN   A N   1 
ATOM   639  C  CA  . ASN   A 1 78  ? 6.97184   2.83338   7.27426   1.000 29.93712 ? 78  ASN   A CA  1 
ATOM   640  C  C   . ASN   A 1 78  ? 7.27156   1.61708   8.13086   1.000 33.01812 ? 78  ASN   A C   1 
ATOM   641  O  O   . ASN   A 1 78  ? 7.87542   1.72996   9.20631   1.000 32.89294 ? 78  ASN   A O   1 
ATOM   642  C  CB  . ASN   A 1 78  ? 5.51842   3.26073   7.48814   1.000 28.23206 ? 78  ASN   A CB  1 
ATOM   643  C  CG  . ASN   A 1 78  ? 5.23834   4.63684   6.89610   1.000 35.10185 ? 78  ASN   A CG  1 
ATOM   644  O  OD1 . ASN   A 1 78  ? 6.17056   5.34535   6.55426   1.000 30.97383 ? 78  ASN   A OD1 1 
ATOM   645  N  ND2 . ASN   A 1 78  ? 3.95150   5.00916   6.77507   1.000 30.40797 ? 78  ASN   A ND2 1 
ATOM   646  N  N   . CYS   A 1 79  ? 6.82968   0.45225   7.65997   1.000 30.38383 ? 79  CYS   A N   1 
ATOM   647  C  CA  . CYS   A 1 79  ? 7.03637   -0.79455  8.37797   1.000 29.94191 ? 79  CYS   A CA  1 
ATOM   648  C  C   . CYS   A 1 79  ? 8.52232   -1.03819  8.63287   1.000 32.89340 ? 79  CYS   A C   1 
ATOM   649  O  O   . CYS   A 1 79  ? 8.93116   -1.29444  9.77242   1.000 32.74435 ? 79  CYS   A O   1 
ATOM   650  C  CB  . CYS   A 1 79  ? 6.44104   -1.93326  7.57402   1.000 29.01085 ? 79  CYS   A CB  1 
ATOM   651  S  SG  . CYS   A 1 79  ? 6.50771   -3.53071  8.47538   1.000 32.03247 ? 79  CYS   A SG  1 
ATOM   652  N  N   . SER   A 1 80  ? 9.34423   -0.98641  7.57804   1.000 32.11917 ? 80  SER   A N   1 
ATOM   653  C  CA  . SER   A 1 80  ? 10.76884  -1.29028  7.75570   1.000 33.48033 ? 80  SER   A CA  1 
ATOM   654  C  C   . SER   A 1 80  ? 11.49545  -0.19950  8.53403   1.000 39.40694 ? 80  SER   A C   1 
ATOM   655  O  O   . SER   A 1 80  ? 12.50578  -0.47433  9.20645   1.000 40.39178 ? 80  SER   A O   1 
ATOM   656  C  CB  . SER   A 1 80  ? 11.42293  -1.50990  6.40220   1.000 37.45929 ? 80  SER   A CB  1 
ATOM   657  O  OG  . SER   A 1 80  ? 11.28458  -0.34916  5.63495   1.000 40.46933 ? 80  SER   A OG  1 
ATOM   658  N  N   . LEU   A 1 81  ? 10.99856  1.03070   8.48559   1.000 33.92256 ? 81  LEU   A N   1 
ATOM   659  C  CA  . LEU   A 1 81  ? 11.60049  2.09489   9.28191   1.000 35.68882 ? 81  LEU   A CA  1 
ATOM   660  C  C   . LEU   A 1 81  ? 11.34275  1.88940   10.77380  1.000 39.77205 ? 81  LEU   A C   1 
ATOM   661  O  O   . LEU   A 1 81  ? 12.28277  1.85588   11.58057  1.000 35.01753 ? 81  LEU   A O   1 
ATOM   662  C  CB  . LEU   A 1 81  ? 11.07643  3.45947   8.80520   1.000 33.01962 ? 81  LEU   A CB  1 
ATOM   663  C  CG  . LEU   A 1 81  ? 11.41678  4.67420   9.66460   1.000 35.50520 ? 81  LEU   A CG  1 
ATOM   664  C  CD1 . LEU   A 1 81  ? 12.93058  4.80205   9.84821   1.000 40.73058 ? 81  LEU   A CD1 1 
ATOM   665  C  CD2 . LEU   A 1 81  ? 10.83262  5.95529   9.05291   1.000 36.77409 ? 81  LEU   A CD2 1 
ATOM   666  N  N   . TYR   A 1 82  ? 10.07741  1.68937   11.16208  1.000 33.47210 ? 82  TYR   A N   1 
ATOM   667  C  CA  . TYR   A 1 82  ? 9.75838   1.59943   12.58404  1.000 32.36289 ? 82  TYR   A CA  1 
ATOM   668  C  C   . TYR   A 1 82  ? 10.18575  0.26774   13.18887  1.000 35.89744 ? 82  TYR   A C   1 
ATOM   669  O  O   . TYR   A 1 82  ? 10.57810  0.22374   14.35728  1.000 34.25755 ? 82  TYR   A O   1 
ATOM   670  C  CB  . TYR   A 1 82  ? 8.25234   1.81197   12.83197  1.000 33.80330 ? 82  TYR   A CB  1 
ATOM   671  C  CG  . TYR   A 1 82  ? 7.90660   1.85933   14.31981  1.000 32.84964 ? 82  TYR   A CG  1 
ATOM   672  C  CD1 . TYR   A 1 82  ? 8.06730   3.03721   15.04228  1.000 36.05913 ? 82  TYR   A CD1 1 
ATOM   673  C  CD2 . TYR   A 1 82  ? 7.48152   0.71585   15.01071  1.000 30.74973 ? 82  TYR   A CD2 1 
ATOM   674  C  CE1 . TYR   A 1 82  ? 7.78291   3.10555   16.38767  1.000 34.80308 ? 82  TYR   A CE1 1 
ATOM   675  C  CE2 . TYR   A 1 82  ? 7.20118   0.77297   16.37803  1.000 34.66672 ? 82  TYR   A CE2 1 
ATOM   676  C  CZ  . TYR   A 1 82  ? 7.36577   1.98542   17.05167  1.000 35.36602 ? 82  TYR   A CZ  1 
ATOM   677  O  OH  . TYR   A 1 82  ? 7.11617   2.07919   18.39807  1.000 39.35662 ? 82  TYR   A OH  1 
ATOM   678  N  N   . ASN   A 1 83  ? 10.08913  -0.83216  12.44268  1.000 32.44763 ? 83  ASN   A N   1 
ATOM   679  C  CA  . ASN   A 1 83  ? 10.20378  -2.15515  13.04664  1.000 32.64379 ? 83  ASN   A CA  1 
ATOM   680  C  C   . ASN   A 1 83  ? 11.58552  -2.74423  12.82209  1.000 31.93237 ? 83  ASN   A C   1 
ATOM   681  O  O   . ASN   A 1 83  ? 12.20443  -2.53366  11.77448  1.000 33.62409 ? 83  ASN   A O   1 
ATOM   682  C  CB  . ASN   A 1 83  ? 9.13688   -3.11452  12.51355  1.000 27.37045 ? 83  ASN   A CB  1 
ATOM   683  C  CG  . ASN   A 1 83  ? 7.75374   -2.65389  12.86815  1.000 31.11345 ? 83  ASN   A CG  1 
ATOM   684  O  OD1 . ASN   A 1 83  ? 7.28895   -2.87064  13.97522  1.000 32.17940 ? 83  ASN   A OD1 1 
ATOM   685  N  ND2 . ASN   A 1 83  ? 7.12195   -1.90247  11.94632  1.000 31.42421 ? 83  ASN   A ND2 1 
ATOM   686  N  N   . THR   A 1 84  ? 12.06221  -3.48699  13.82253  1.000 33.72095 ? 84  THR   A N   1 
ATOM   687  C  CA  . THR   A 1 84  ? 13.39114  -4.07091  13.74126  1.000 36.30863 ? 84  THR   A CA  1 
ATOM   688  C  C   . THR   A 1 84  ? 13.39145  -5.18248  12.70528  1.000 33.34467 ? 84  THR   A C   1 
ATOM   689  O  O   . THR   A 1 84  ? 12.45114  -5.96939  12.62616  1.000 33.01560 ? 84  THR   A O   1 
ATOM   690  C  CB  . THR   A 1 84  ? 13.80513  -4.60212  15.11716  1.000 40.62451 ? 84  THR   A CB  1 
ATOM   691  O  OG1 . THR   A 1 84  ? 13.83857  -3.49798  16.02927  1.000 40.03850 ? 84  THR   A OG1 1 
ATOM   692  C  CG2 . THR   A 1 84  ? 15.18103  -5.26538  15.05014  1.000 38.46167 ? 84  THR   A CG2 1 
ATOM   693  N  N   . SER   A 1 85  ? 14.45926  -5.24504  11.91153  1.000 35.03701 ? 85  SER   A N   1 
ATOM   694  C  CA  . SER   A 1 85  ? 14.52690  -6.20129  10.80722  1.000 39.69214 ? 85  SER   A CA  1 
ATOM   695  C  C   . SER   A 1 85  ? 14.19076  -7.65679  11.20107  1.000 46.23559 ? 85  SER   A C   1 
ATOM   696  O  O   . SER   A 1 85  ? 13.54571  -8.37992  10.42956  1.000 49.84755 ? 85  SER   A O   1 
ATOM   697  C  CB  . SER   A 1 85  ? 15.90002  -6.12323  10.16466  1.000 42.88974 ? 85  SER   A CB  1 
ATOM   698  O  OG  . SER   A 1 85  ? 15.99501  -7.09351  9.14823   1.000 49.65776 ? 85  SER   A OG  1 
ATOM   699  N  N   . GLY   A 1 86  ? 14.59895  -8.12412  12.36756  1.000 38.43540 ? 86  GLY   A N   1 
ATOM   700  C  CA  . GLY   A 1 86  ? 14.08646  -9.51752  12.44412  1.000 50.33469 ? 86  GLY   A CA  1 
ATOM   701  C  C   . GLY   A 1 86  ? 12.62458  -9.79303  12.85236  1.000 42.03510 ? 86  GLY   A C   1 
ATOM   702  O  O   . GLY   A 1 86  ? 12.18420  -10.95783 12.91939  1.000 35.92647 ? 86  GLY   A O   1 
ATOM   703  N  N   . SER   A 1 87  ? 11.85320  -8.75660  13.15237  1.000 32.55732 ? 87  SER   A N   1 
ATOM   704  C  CA  . SER   A 1 87  ? 10.62906  -8.88953  13.92653  1.000 30.90833 ? 87  SER   A CA  1 
ATOM   705  C  C   . SER   A 1 87  ? 9.47239   -9.47687  13.09580  1.000 31.04374 ? 87  SER   A C   1 
ATOM   706  O  O   . SER   A 1 87  ? 9.50922   -9.52994  11.86299  1.000 30.30520 ? 87  SER   A O   1 
ATOM   707  C  CB  . SER   A 1 87  ? 10.22797  -7.52688  14.46240  1.000 32.72264 ? 87  SER   A CB  1 
ATOM   708  O  OG  . SER   A 1 87  ? 9.95785   -6.68785  13.34544  1.000 33.72094 ? 87  SER   A OG  1 
ATOM   709  N  N   . LEU   A 1 88  ? 8.44276   -9.95888  13.79753  1.000 26.47776 ? 88  LEU   A N   1 
ATOM   710  C  CA  . LEU   A 1 88  ? 7.29559   -10.53141 13.10054  1.000 29.32453 ? 88  LEU   A CA  1 
ATOM   711  C  C   . LEU   A 1 88  ? 6.66133   -9.47558  12.19497  1.000 30.79999 ? 88  LEU   A C   1 
ATOM   712  O  O   . LEU   A 1 88  ? 6.25601   -9.76292  11.05929  1.000 30.20354 ? 88  LEU   A O   1 
ATOM   713  C  CB  . LEU   A 1 88  ? 6.25283   -11.03560 14.08802  1.000 28.08253 ? 88  LEU   A CB  1 
ATOM   714  C  CG  . LEU   A 1 88  ? 6.66232   -12.21670 15.00621  1.000 34.56677 ? 88  LEU   A CG  1 
ATOM   715  C  CD1 . LEU   A 1 88  ? 5.41296   -12.77470 15.66896  1.000 29.92334 ? 88  LEU   A CD1 1 
ATOM   716  C  CD2 . LEU   A 1 88  ? 7.40793   -13.26709 14.20191  1.000 31.35194 ? 88  LEU   A CD2 1 
ATOM   717  N  N   . VAL   A 1 89  ? 6.60558   -8.23802  12.67115  1.000 28.97401 ? 89  VAL   A N   1 
ATOM   718  C  CA  . VAL   A 1 89  ? 5.95225   -7.21093  11.84956  1.000 32.18289 ? 89  VAL   A CA  1 
ATOM   719  C  C   . VAL   A 1 89  ? 6.81407   -6.90573  10.62471  1.000 31.73579 ? 89  VAL   A C   1 
ATOM   720  O  O   . VAL   A 1 89  ? 6.30986   -6.84295  9.49526   1.000 31.52484 ? 89  VAL   A O   1 
ATOM   721  C  CB  . VAL   A 1 89  ? 5.65046   -5.96089  12.69655  1.000 28.93979 ? 89  VAL   A CB  1 
ATOM   722  C  CG1 . VAL   A 1 89  ? 5.18667   -4.77049  11.81620  1.000 29.10347 ? 89  VAL   A CG1 1 
ATOM   723  C  CG2 . VAL   A 1 89  ? 4.58508   -6.29904  13.73069  1.000 27.04711 ? 89  VAL   A CG2 1 
ATOM   724  N  N   . ALA   A 1 90  ? 8.14360   -6.81918  10.80881  1.000 29.76992 ? 90  ALA   A N   1 
ATOM   725  C  CA  . ALA   A 1 90  ? 9.00931   -6.48718  9.67547   1.000 32.08508 ? 90  ALA   A CA  1 
ATOM   726  C  C   . ALA   A 1 90  ? 9.01617   -7.60799  8.64218   1.000 34.13210 ? 90  ALA   A C   1 
ATOM   727  O  O   . ALA   A 1 90  ? 9.01536   -7.34994  7.43467   1.000 33.82254 ? 90  ALA   A O   1 
ATOM   728  C  CB  . ALA   A 1 90  ? 10.44256  -6.17375  10.14590  1.000 31.64852 ? 90  ALA   A CB  1 
ATOM   729  N  N   . ILE   A 1 91  ? 9.01164   -8.85623  9.09707   1.000 32.85146 ? 91  ILE   A N   1 
ATOM   730  C  CA  . ILE   A 1 91  ? 8.90795   -9.99311  8.18853   1.000 30.61845 ? 91  ILE   A CA  1 
ATOM   731  C  C   . ILE   A 1 91  ? 7.64252   -9.88740  7.35370   1.000 33.33520 ? 91  ILE   A C   1 
ATOM   732  O  O   . ILE   A 1 91  ? 7.65823   -10.03424 6.12364   1.000 35.36923 ? 91  ILE   A O   1 
ATOM   733  C  CB  . ILE   A 1 91  ? 8.92695   -11.30380 8.98915   1.000 26.62649 ? 91  ILE   A CB  1 
ATOM   734  C  CG1 . ILE   A 1 91  ? 10.33688  -11.53967 9.60086   1.000 32.89427 ? 91  ILE   A CG1 1 
ATOM   735  C  CG2 . ILE   A 1 91  ? 8.49763   -12.45576 8.10291   1.000 33.24069 ? 91  ILE   A CG2 1 
ATOM   736  C  CD1 . ILE   A 1 91  ? 10.31875  -12.73911 10.60398  1.000 32.53408 ? 91  ILE   A CD1 1 
ATOM   737  N  N   . THR   A 1 92  ? 6.52997   -9.63505  8.01757   1.000 30.70796 ? 92  THR   A N   1 
ATOM   738  C  CA  . THR   A 1 92  ? 5.25087   -9.56189  7.31190   1.000 30.72926 ? 92  THR   A CA  1 
ATOM   739  C  C   . THR   A 1 92  ? 5.26689   -8.49641  6.23048   1.000 31.88058 ? 92  THR   A C   1 
ATOM   740  O  O   . THR   A 1 92  ? 4.78816   -8.74369  5.12176   1.000 37.82730 ? 92  THR   A O   1 
ATOM   741  C  CB  . THR   A 1 92  ? 4.14173   -9.31816  8.30826   1.000 29.70909 ? 92  THR   A CB  1 
ATOM   742  O  OG1 . THR   A 1 92  ? 4.11699   -10.42301 9.22175   1.000 31.45603 ? 92  THR   A OG1 1 
ATOM   743  C  CG2 . THR   A 1 92  ? 2.79083   -9.24765  7.57339   1.000 32.82566 ? 92  THR   A CG2 1 
ATOM   744  N  N   . GLY   A 1 93  ? 5.84456   -7.32701  6.52136   1.000 30.73681 ? 93  GLY   A N   1 
ATOM   745  C  CA  . GLY   A 1 93  ? 5.92721   -6.27343  5.51443   1.000 29.41046 ? 93  GLY   A CA  1 
ATOM   746  C  C   . GLY   A 1 93  ? 6.75087   -6.68213  4.31257   1.000 36.23902 ? 93  GLY   A C   1 
ATOM   747  O  O   . GLY   A 1 93  ? 6.36247   -6.43520  3.16744   1.000 34.09871 ? 93  GLY   A O   1 
ATOM   748  N  N   . LYS   A 1 94  ? 7.92171   -7.28654  4.55316   1.000 31.63964 ? 94  LYS   A N   1 
ATOM   749  C  CA  . LYS   A 1 94  ? 8.74266   -7.78904  3.45504   1.000 32.78033 ? 94  LYS   A CA  1 
ATOM   750  C  C   . LYS   A 1 94  ? 8.00007   -8.82524  2.62686   1.000 34.22185 ? 94  LYS   A C   1 
ATOM   751  O  O   . LYS   A 1 94  ? 8.14804   -8.86486  1.40233   1.000 35.86784 ? 94  LYS   A O   1 
ATOM   752  C  CB  . LYS   A 1 94  ? 10.03166  -8.41453  4.01319   1.000 36.19576 ? 94  LYS   A CB  1 
ATOM   753  C  CG  . LYS   A 1 94  ? 11.04865  -7.40270  4.49534   1.000 37.65687 ? 94  LYS   A CG  1 
ATOM   754  C  CD  . LYS   A 1 94  ? 11.35358  -6.35670  3.43148   1.000 38.74994 ? 94  LYS   A CD  1 
ATOM   755  C  CE  . LYS   A 1 94  ? 12.72987  -5.70478  3.66433   1.000 49.15435 ? 94  LYS   A CE  1 
ATOM   756  N  NZ  . LYS   A 1 94  ? 12.64448  -4.25465  4.02758   1.000 49.76207 ? 94  LYS   A NZ  1 
ATOM   757  N  N   . ASN   A 1 95  ? 7.25463   -9.71949  3.28181   1.000 31.29143 ? 95  ASN   A N   1 
ATOM   758  C  CA  . ASN   A 1 95  ? 6.48157   -10.72470 2.55023   1.000 36.62756 ? 95  ASN   A CA  1 
ATOM   759  C  C   . ASN   A 1 95  ? 5.44969   -10.06925 1.64206   1.000 36.77580 ? 95  ASN   A C   1 
ATOM   760  O  O   . ASN   A 1 95  ? 5.26015   -10.46917 0.48540   1.000 35.01771 ? 95  ASN   A O   1 
ATOM   761  C  CB  . ASN   A 1 95  ? 5.75319   -11.66283 3.51375   1.000 33.02842 ? 95  ASN   A CB  1 
ATOM   762  C  CG  . ASN   A 1 95  ? 6.70691   -12.64351 4.20211   1.000 37.67261 ? 95  ASN   A CG  1 
ATOM   763  O  OD1 . ASN   A 1 95  ? 7.80331   -12.87805 3.71302   1.000 38.44515 ? 95  ASN   A OD1 1 
ATOM   764  N  ND2 . ASN   A 1 95  ? 6.26761   -13.23819 5.31326   1.000 36.55183 ? 95  ASN   A ND2 1 
ATOM   765  N  N   . ILE   A 1 96  ? 4.71584   -9.11725  2.18805   1.000 38.12336 ? 96  ILE   A N   1 
ATOM   766  C  CA  . ILE   A 1 96  ? 3.60662   -8.56277  1.41988   1.000 36.29303 ? 96  ILE   A CA  1 
ATOM   767  C  C   . ILE   A 1 96  ? 4.12835   -7.60357  0.36435   1.000 36.19404 ? 96  ILE   A C   1 
ATOM   768  O  O   . ILE   A 1 96  ? 3.51077   -7.42962  -0.70625  1.000 35.74389 ? 96  ILE   A O   1 
ATOM   769  C  CB  . ILE   A 1 96  ? 2.59252   -7.90847  2.36591   1.000 35.46511 ? 96  ILE   A CB  1 
ATOM   770  C  CG1 . ILE   A 1 96  ? 2.02526   -8.97955  3.28281   1.000 36.07695 ? 96  ILE   A CG1 1 
ATOM   771  C  CG2 . ILE   A 1 96  ? 1.45519   -7.25908  1.56031   1.000 32.82670 ? 96  ILE   A CG2 1 
ATOM   772  C  CD1 . ILE   A 1 96  ? 0.88041   -8.56197  4.12624   1.000 34.04882 ? 96  ILE   A CD1 1 
ATOM   773  N  N   . GLU   A 1 97  ? 5.24037   -6.94404  0.64198   1.000 32.79884 ? 97  GLU   A N   1 
ATOM   774  C  CA  . GLU   A 1 97  ? 5.84301   -6.08781  -0.36981  1.000 32.78778 ? 97  GLU   A CA  1 
ATOM   775  C  C   . GLU   A 1 97  ? 6.24509   -6.91136  -1.58783  1.000 38.64819 ? 97  GLU   A C   1 
ATOM   776  O  O   . GLU   A 1 97  ? 5.97533   -6.53301  -2.73768  1.000 35.79192 ? 97  GLU   A O   1 
ATOM   777  C  CB  . GLU   A 1 97  ? 7.03716   -5.37169  0.24045   1.000 35.55605 ? 97  GLU   A CB  1 
ATOM   778  C  CG  . GLU   A 1 97  ? 7.90888   -4.60433  -0.72027  1.000 37.37067 ? 97  GLU   A CG  1 
ATOM   779  C  CD  . GLU   A 1 97  ? 9.12092   -4.07562  0.00084   1.000 39.30576 ? 97  GLU   A CD  1 
ATOM   780  O  OE1 . GLU   A 1 97  ? 9.92296   -4.89339  0.54795   1.000 43.81662 ? 97  GLU   A OE1 1 
ATOM   781  O  OE2 . GLU   A 1 97  ? 9.23445   -2.84046  0.07671   1.000 39.41139 ? 97  GLU   A OE2 1 
ATOM   782  N  N   . ALA   A 1 98  ? 6.89597   -8.05363  -1.33993  1.000 39.11185 ? 98  ALA   A N   1 
ATOM   783  C  CA  . ALA   A 1 98  ? 7.27949   -8.97847  -2.40323  1.000 37.50374 ? 98  ALA   A CA  1 
ATOM   784  C  C   . ALA   A 1 98  ? 6.06337   -9.41744  -3.20127  1.000 36.64938 ? 98  ALA   A C   1 
ATOM   785  O  O   . ALA   A 1 98  ? 6.08525   -9.42172  -4.43932  1.000 40.01667 ? 98  ALA   A O   1 
ATOM   786  C  CB  . ALA   A 1 98  ? 7.98496   -10.20769 -1.80390  1.000 36.35041 ? 98  ALA   A CB  1 
ATOM   787  N  N   . TYR   A 1 99  ? 4.99896   -9.81810  -2.49954  1.000 35.07769 ? 99  TYR   A N   1 
ATOM   788  C  CA  . TYR   A 1 99  ? 3.75670   -10.21499 -3.15982  1.000 35.86542 ? 99  TYR   A CA  1 
ATOM   789  C  C   . TYR   A 1 99  ? 3.18912   -9.07390  -3.99807  1.000 40.52460 ? 99  TYR   A C   1 
ATOM   790  O  O   . TYR   A 1 99  ? 2.84670   -9.26431  -5.16938  1.000 41.34153 ? 99  TYR   A O   1 
ATOM   791  C  CB  . TYR   A 1 99  ? 2.74223   -10.65920 -2.10970  1.000 34.33857 ? 99  TYR   A CB  1 
ATOM   792  C  CG  . TYR   A 1 99  ? 1.39204   -11.06424 -2.63964  1.000 38.47301 ? 99  TYR   A CG  1 
ATOM   793  C  CD1 . TYR   A 1 99  ? 1.20378   -12.30581 -3.21674  1.000 42.70380 ? 99  TYR   A CD1 1 
ATOM   794  C  CD2 . TYR   A 1 99  ? 0.30669   -10.21498 -2.52981  1.000 39.22643 ? 99  TYR   A CD2 1 
ATOM   795  C  CE1 . TYR   A 1 99  ? -0.05726  -12.70835 -3.68348  1.000 44.70924 ? 99  TYR   A CE1 1 
ATOM   796  C  CE2 . TYR   A 1 99  ? -0.96873  -10.59101 -3.01339  1.000 42.37833 ? 99  TYR   A CE2 1 
ATOM   797  C  CZ  . TYR   A 1 99  ? -1.13627  -11.84211 -3.58646  1.000 47.82025 ? 99  TYR   A CZ  1 
ATOM   798  O  OH  . TYR   A 1 99  ? -2.37216  -12.26157 -4.05870  1.000 49.05407 ? 99  TYR   A OH  1 
ATOM   799  N  N   . PHE   A 1 100 ? 3.08654   -7.88358  -3.40084  1.000 40.19224 ? 100 PHE   A N   1 
ATOM   800  C  CA  . PHE   A 1 100 ? 2.54475   -6.70324  -4.08756  1.000 35.31036 ? 100 PHE   A CA  1 
ATOM   801  C  C   . PHE   A 1 100 ? 3.29965   -6.40923  -5.38117  1.000 41.78122 ? 100 PHE   A C   1 
ATOM   802  O  O   . PHE   A 1 100 ? 2.68162   -6.15812  -6.43032  1.000 42.32550 ? 100 PHE   A O   1 
ATOM   803  C  CB  . PHE   A 1 100 ? 2.59117   -5.49856  -3.13988  1.000 32.99804 ? 100 PHE   A CB  1 
ATOM   804  C  CG  . PHE   A 1 100 ? 2.23068   -4.16595  -3.79354  1.000 35.31248 ? 100 PHE   A CG  1 
ATOM   805  C  CD1 . PHE   A 1 100 ? 0.94305   -3.92830  -4.25524  1.000 38.47356 ? 100 PHE   A CD1 1 
ATOM   806  C  CD2 . PHE   A 1 100 ? 3.16187   -3.15157  -3.87089  1.000 34.76438 ? 100 PHE   A CD2 1 
ATOM   807  C  CE1 . PHE   A 1 100 ? 0.61065   -2.68287  -4.85155  1.000 35.63157 ? 100 PHE   A CE1 1 
ATOM   808  C  CE2 . PHE   A 1 100 ? 2.87064   -1.91677  -4.44811  1.000 36.60232 ? 100 PHE   A CE2 1 
ATOM   809  C  CZ  . PHE   A 1 100 ? 1.55322   -1.67934  -4.93834  1.000 34.53235 ? 100 PHE   A CZ  1 
ATOM   810  N  N   . ASN   A 1 101 ? 4.64441   -6.43594  -5.33000  1.000 37.20547 ? 101 ASN   A N   1 
ATOM   811  C  CA  . ASN   A 1 101 ? 5.42151   -6.11467  -6.52221  1.000 39.97102 ? 101 ASN   A CA  1 
ATOM   812  C  C   . ASN   A 1 101 ? 5.25336   -7.15903  -7.61193  1.000 40.86561 ? 101 ASN   A C   1 
ATOM   813  O  O   . ASN   A 1 101 ? 5.22705   -6.81278  -8.80128  1.000 46.19995 ? 101 ASN   A O   1 
ATOM   814  C  CB  . ASN   A 1 101 ? 6.89079   -5.93416  -6.17655  1.000 41.45842 ? 101 ASN   A CB  1 
ATOM   815  C  CG  . ASN   A 1 101 ? 7.14523   -4.63806  -5.46584  1.000 39.63846 ? 101 ASN   A CG  1 
ATOM   816  O  OD1 . ASN   A 1 101 ? 6.46456   -3.62302  -5.70954  1.000 44.56106 ? 101 ASN   A OD1 1 
ATOM   817  N  ND2 . ASN   A 1 101 ? 8.09847   -4.65696  -4.56739  1.000 37.26116 ? 101 ASN   A ND2 1 
ATOM   818  N  N   . ASN   A 1 102 ? 5.10267   -8.42062  -7.23807  1.000 39.41031 ? 102 ASN   A N   1 
ATOM   819  C  CA  . ASN   A 1 102 ? 4.78177   -9.43561  -8.23288  1.000 44.92201 ? 102 ASN   A CA  1 
ATOM   820  C  C   . ASN   A 1 102 ? 3.38928   -9.22129  -8.83004  1.000 46.11951 ? 102 ASN   A C   1 
ATOM   821  O  O   . ASN   A 1 102 ? 3.18948   -9.42933  -10.03513 1.000 45.91206 ? 102 ASN   A O   1 
ATOM   822  C  CB  . ASN   A 1 102 ? 4.87245   -10.82942 -7.62210  1.000 45.42127 ? 102 ASN   A CB  1 
ATOM   823  C  CG  . ASN   A 1 102 ? 4.80471   -11.90456 -8.67175  1.000 47.77141 ? 102 ASN   A CG  1 
ATOM   824  O  OD1 . ASN   A 1 102 ? 5.72288   -12.03570 -9.48520  1.000 55.45645 ? 102 ASN   A OD1 1 
ATOM   825  N  ND2 . ASN   A 1 102 ? 3.70890   -12.66265 -8.68813  1.000 48.32816 ? 102 ASN   A ND2 1 
ATOM   826  N  N   . GLN   A 1 103 ? 2.41529   -8.81321  -8.00995  1.000 42.48475 ? 103 GLN   A N   1 
ATOM   827  C  CA  . GLN   A 1 103 ? 1.06625   -8.59386  -8.53925  1.000 44.22735 ? 103 GLN   A CA  1 
ATOM   828  C  C   . GLN   A 1 103 ? 1.04790   -7.47101  -9.57535  1.000 44.59442 ? 103 GLN   A C   1 
ATOM   829  O  O   . GLN   A 1 103 ? 0.29404   -7.54523  -10.55572 1.000 45.34174 ? 103 GLN   A O   1 
ATOM   830  C  CB  . GLN   A 1 103 ? 0.07439   -8.28767  -7.41537  1.000 37.79859 ? 103 GLN   A CB  1 
ATOM   831  C  CG  . GLN   A 1 103 ? -0.26849  -9.46965  -6.54197  1.000 42.77570 ? 103 GLN   A CG  1 
ATOM   832  C  CD  . GLN   A 1 103 ? -0.72265  -10.67704 -7.34738  1.000 48.61548 ? 103 GLN   A CD  1 
ATOM   833  O  OE1 . GLN   A 1 103 ? -0.11104  -11.75136 -7.28435  1.000 48.27688 ? 103 GLN   A OE1 1 
ATOM   834  N  NE2 . GLN   A 1 103 ? -1.79254  -10.50710 -8.11689  1.000 46.73569 ? 103 GLN   A NE2 1 
ATOM   835  N  N   . LEU   A 1 104 ? 1.86815   -6.42325  -9.37900  1.000 42.19017 ? 104 LEU   A N   1 
ATOM   836  C  CA  . LEU   A 1 104 ? 1.90935   -5.32887  -10.34452 1.000 44.55525 ? 104 LEU   A CA  1 
ATOM   837  C  C   . LEU   A 1 104 ? 2.32106   -5.80857  -11.73154 1.000 49.43484 ? 104 LEU   A C   1 
ATOM   838  O  O   . LEU   A 1 104 ? 1.89139   -5.23402  -12.74399 1.000 49.79205 ? 104 LEU   A O   1 
ATOM   839  C  CB  . LEU   A 1 104 ? 2.86661   -4.22375  -9.88335  1.000 44.62091 ? 104 LEU   A CB  1 
ATOM   840  C  CG  . LEU   A 1 104 ? 2.44169   -3.47937  -8.61680  1.000 43.90682 ? 104 LEU   A CG  1 
ATOM   841  C  CD1 . LEU   A 1 104 ? 3.57208   -2.55443  -8.16146  1.000 33.37169 ? 104 LEU   A CD1 1 
ATOM   842  C  CD2 . LEU   A 1 104 ? 1.11108   -2.70766  -8.82159  1.000 40.55374 ? 104 LEU   A CD2 1 
ATOM   843  N  N   . ILE   A 1 105 ? 3.16165   -6.83774  -11.79478 1.000 46.40722 ? 105 ILE   A N   1 
ATOM   844  C  CA  . ILE   A 1 105 ? 3.50948   -7.47877  -13.05765 1.000 47.33562 ? 105 ILE   A CA  1 
ATOM   845  C  C   . ILE   A 1 105 ? 2.36703   -8.36521  -13.54884 1.000 48.31031 ? 105 ILE   A C   1 
ATOM   846  O  O   . ILE   A 1 105 ? 1.87826   -8.21121  -14.67668 1.000 53.63065 ? 105 ILE   A O   1 
ATOM   847  C  CB  . ILE   A 1 105 ? 4.81563   -8.28531  -12.88684 1.000 48.38223 ? 105 ILE   A CB  1 
ATOM   848  C  CG1 . ILE   A 1 105 ? 5.94628   -7.38976  -12.39284 1.000 42.42742 ? 105 ILE   A CG1 1 
ATOM   849  C  CG2 . ILE   A 1 105 ? 5.21306   -8.94032  -14.18548 1.000 50.81510 ? 105 ILE   A CG2 1 
ATOM   850  C  CD1 . ILE   A 1 105 ? 7.17759   -8.17104  -11.95523 1.000 45.62463 ? 105 ILE   A CD1 1 
ATOM   851  N  N   . VAL   A 1 106 ? 1.89115   -9.27018  -12.69271 1.000 44.16719 ? 106 VAL   A N   1 
ATOM   852  C  CA  . VAL   A 1 106 ? 1.00830   -10.34045 -13.13186 1.000 46.49682 ? 106 VAL   A CA  1 
ATOM   853  C  C   . VAL   A 1 106 ? -0.33248  -9.78682  -13.61802 1.000 50.64216 ? 106 VAL   A C   1 
ATOM   854  O  O   . VAL   A 1 106 ? -0.94058  -10.32927 -14.54925 1.000 52.01343 ? 106 VAL   A O   1 
ATOM   855  C  CB  . VAL   A 1 106 ? 0.82787   -11.36275 -11.98709 1.000 46.99696 ? 106 VAL   A CB  1 
ATOM   856  C  CG1 . VAL   A 1 106 ? -0.18632  -12.40038 -12.35267 1.000 44.85503 ? 106 VAL   A CG1 1 
ATOM   857  C  CG2 . VAL   A 1 106 ? 2.16100   -12.01614 -11.65115 1.000 54.77964 ? 106 VAL   A CG2 1 
ATOM   858  N  N   . THR   A 1 107 ? -0.81842  -8.70847  -12.99632 1.000 49.97065 ? 107 THR   A N   1 
ATOM   859  C  CA  . THR   A 1 107 ? -2.12057  -8.13939  -13.32955 1.000 47.61661 ? 107 THR   A CA  1 
ATOM   860  C  C   . THR   A 1 107 ? -2.07313  -7.19628  -14.52121 1.000 50.95394 ? 107 THR   A C   1 
ATOM   861  O  O   . THR   A 1 107 ? -3.12634  -6.68073  -14.92426 1.000 50.93368 ? 107 THR   A O   1 
ATOM   862  C  CB  . THR   A 1 107 ? -2.67977  -7.33809  -12.16022 1.000 43.90368 ? 107 THR   A CB  1 
ATOM   863  O  OG1 . THR   A 1 107 ? -1.71235  -6.34668  -11.79492 1.000 42.54811 ? 107 THR   A OG1 1 
ATOM   864  C  CG2 . THR   A 1 107 ? -3.00759  -8.21210  -10.98261 1.000 42.86005 ? 107 THR   A CG2 1 
ATOM   865  N  N   . GLY   A 1 108 ? -0.89073  -6.92075  -15.05345 1.000 48.10659 ? 108 GLY   A N   1 
ATOM   866  C  CA  . GLY   A 1 108 ? -0.70761  -5.89180  -16.04774 1.000 53.50697 ? 108 GLY   A CA  1 
ATOM   867  C  C   . GLY   A 1 108 ? -0.71903  -4.47942  -15.51357 1.000 50.04859 ? 108 GLY   A C   1 
ATOM   868  O  O   . GLY   A 1 108 ? -0.60896  -3.53617  -16.31318 1.000 49.39988 ? 108 GLY   A O   1 
ATOM   869  N  N   . TYR   A 1 109 ? -0.84732  -4.29688  -14.19280 1.000 45.84140 ? 109 TYR   A N   1 
ATOM   870  C  CA  . TYR   A 1 109 ? -0.96088  -2.94146  -13.66383 1.000 47.05217 ? 109 TYR   A CA  1 
ATOM   871  C  C   . TYR   A 1 109 ? 0.18525   -2.06161  -14.12813 1.000 46.32560 ? 109 TYR   A C   1 
ATOM   872  O  O   . TYR   A 1 109 ? -0.03633  -0.91291  -14.53317 1.000 44.09440 ? 109 TYR   A O   1 
ATOM   873  C  CB  . TYR   A 1 109 ? -1.03510  -2.95299  -12.13970 1.000 43.83024 ? 109 TYR   A CB  1 
ATOM   874  C  CG  . TYR   A 1 109 ? -1.39635  -1.60312  -11.55813 1.000 40.65302 ? 109 TYR   A CG  1 
ATOM   875  C  CD1 . TYR   A 1 109 ? -0.42056  -0.67595  -11.23404 1.000 36.90713 ? 109 TYR   A CD1 1 
ATOM   876  C  CD2 . TYR   A 1 109 ? -2.74498  -1.24540  -11.36032 1.000 39.20104 ? 109 TYR   A CD2 1 
ATOM   877  C  CE1 . TYR   A 1 109 ? -0.76570  0.57465   -10.70640 1.000 39.05320 ? 109 TYR   A CE1 1 
ATOM   878  C  CE2 . TYR   A 1 109 ? -3.09451  -0.00412  -10.83066 1.000 35.65614 ? 109 TYR   A CE2 1 
ATOM   879  C  CZ  . TYR   A 1 109 ? -2.11248  0.89562   -10.50732 1.000 38.01032 ? 109 TYR   A CZ  1 
ATOM   880  O  OH  . TYR   A 1 109 ? -2.46766  2.12070   -9.97978  1.000 36.50818 ? 109 TYR   A OH  1 
ATOM   881  N  N   . ASN   A 1 110 ? 1.42337   -2.58162  -14.10760 1.000 45.20826 ? 110 ASN   A N   1 
ATOM   882  C  CA  . ASN   A 1 110 ? 2.57095   -1.75939  -14.51866 1.000 47.76629 ? 110 ASN   A CA  1 
ATOM   883  C  C   . ASN   A 1 110 ? 2.42674   -1.20764  -15.93689 1.000 48.13868 ? 110 ASN   A C   1 
ATOM   884  O  O   . ASN   A 1 110 ? 3.06386   -0.20474  -16.27104 1.000 46.30137 ? 110 ASN   A O   1 
ATOM   885  C  CB  . ASN   A 1 110 ? 3.88684   -2.54991  -14.42147 1.000 45.17728 ? 110 ASN   A CB  1 
ATOM   886  C  CG  . ASN   A 1 110 ? 4.42286   -2.63902  -12.98899 1.000 51.60105 ? 110 ASN   A CG  1 
ATOM   887  O  OD1 . ASN   A 1 110 ? 4.03146   -1.85483  -12.12771 1.000 51.32875 ? 110 ASN   A OD1 1 
ATOM   888  N  ND2 . ASN   A 1 110 ? 5.33891   -3.58446  -12.73898 1.000 44.79343 ? 110 ASN   A ND2 1 
ATOM   889  N  N   . ASN   A 1 111 ? 1.61885   -1.85084  -16.77577 1.000 50.81286 ? 111 ASN   A N   1 
ATOM   890  C  CA  . ASN   A 1 111 ? 1.41318   -1.36074  -18.13134 1.000 53.80509 ? 111 ASN   A CA  1 
ATOM   891  C  C   . ASN   A 1 111 ? 0.59160   -0.07714  -18.13825 1.000 53.20780 ? 111 ASN   A C   1 
ATOM   892  O  O   . ASN   A 1 111 ? 0.83974   0.81487   -18.95866 1.000 50.00278 ? 111 ASN   A O   1 
ATOM   893  C  CB  . ASN   A 1 111 ? 0.75807   -2.45585  -18.97135 1.000 54.12001 ? 111 ASN   A CB  1 
ATOM   894  C  CG  . ASN   A 1 111 ? 1.68732   -3.63690  -19.17568 1.000 56.40141 ? 111 ASN   A CG  1 
ATOM   895  O  OD1 . ASN   A 1 111 ? 2.91167   -3.48746  -19.09278 1.000 60.84353 ? 111 ASN   A OD1 1 
ATOM   896  N  ND2 . ASN   A 1 111 ? 1.12792   -4.80211  -19.45310 1.000 55.54819 ? 111 ASN   A ND2 1 
ATOM   897  N  N   . PHE   A 1 112 ? -0.38515  0.04484   -17.22963 1.000 48.09857 ? 112 PHE   A N   1 
ATOM   898  C  CA  . PHE   A 1 112 ? -1.04200  1.34018   -17.05462 1.000 49.91434 ? 112 PHE   A CA  1 
ATOM   899  C  C   . PHE   A 1 112 ? -0.04325  2.40918   -16.61524 1.000 52.46541 ? 112 PHE   A C   1 
ATOM   900  O  O   . PHE   A 1 112 ? -0.15263  3.57661   -17.01308 1.000 48.08418 ? 112 PHE   A O   1 
ATOM   901  C  CB  . PHE   A 1 112 ? -2.18951  1.22987   -16.05143 1.000 46.91251 ? 112 PHE   A CB  1 
ATOM   902  C  CG  . PHE   A 1 112 ? -3.34648  0.41416   -16.54745 1.000 51.25119 ? 112 PHE   A CG  1 
ATOM   903  C  CD1 . PHE   A 1 112 ? -4.38743  1.00822   -17.25538 1.000 49.11238 ? 112 PHE   A CD1 1 
ATOM   904  C  CD2 . PHE   A 1 112 ? -3.39334  -0.94858  -16.31144 1.000 49.06408 ? 112 PHE   A CD2 1 
ATOM   905  C  CE1 . PHE   A 1 112 ? -5.45235  0.24957   -17.70148 1.000 46.56155 ? 112 PHE   A CE1 1 
ATOM   906  C  CE2 . PHE   A 1 112 ? -4.44431  -1.71824  -16.74942 1.000 51.27083 ? 112 PHE   A CE2 1 
ATOM   907  C  CZ  . PHE   A 1 112 ? -5.48894  -1.10909  -17.45886 1.000 55.94829 ? 112 PHE   A CZ  1 
ATOM   908  N  N   . VAL   A 1 113 ? 0.94159   2.03272   -15.79037 1.000 45.42845 ? 113 VAL   A N   1 
ATOM   909  C  CA  . VAL   A 1 113 ? 1.95000   2.99948   -15.39338 1.000 46.72497 ? 113 VAL   A CA  1 
ATOM   910  C  C   . VAL   A 1 113 ? 2.77403   3.40983   -16.60128 1.000 52.66558 ? 113 VAL   A C   1 
ATOM   911  O  O   . VAL   A 1 113 ? 3.12592   4.58252   -16.76027 1.000 51.30194 ? 113 VAL   A O   1 
ATOM   912  C  CB  . VAL   A 1 113 ? 2.84186   2.42725   -14.27108 1.000 46.83684 ? 113 VAL   A CB  1 
ATOM   913  C  CG1 . VAL   A 1 113 ? 4.08213   3.29786   -14.07212 1.000 42.19030 ? 113 VAL   A CG1 1 
ATOM   914  C  CG2 . VAL   A 1 113 ? 2.05898   2.32835   -12.98251 1.000 46.23796 ? 113 VAL   A CG2 1 
ATOM   915  N  N   . THR   A 1 114 ? 3.08825   2.45360   -17.47664 1.000 52.79125 ? 114 THR   A N   1 
ATOM   916  C  CA  . THR   A 1 114 ? 3.93373   2.77037   -18.62108 1.000 56.24192 ? 114 THR   A CA  1 
ATOM   917  C  C   . THR   A 1 114 ? 3.20185   3.68821   -19.58400 1.000 56.08821 ? 114 THR   A C   1 
ATOM   918  O  O   . THR   A 1 114 ? 3.78077   4.66111   -20.08277 1.000 64.40276 ? 114 THR   A O   1 
ATOM   919  C  CB  . THR   A 1 114 ? 4.37678   1.48897   -19.32952 1.000 57.70414 ? 114 THR   A CB  1 
ATOM   920  O  OG1 . THR   A 1 114 ? 4.87277   0.54418   -18.36118 1.000 54.67281 ? 114 THR   A OG1 1 
ATOM   921  C  CG2 . THR   A 1 114 ? 5.48209   1.80220   -20.32826 1.000 52.46839 ? 114 THR   A CG2 1 
ATOM   922  N  N   . LYS   A 1 115 ? 1.92230   3.39596   -19.82812 1.000 60.85810 ? 115 LYS   A N   1 
ATOM   923  C  CA  . LYS   A 1 115 ? 1.07471   4.23011   -20.67914 1.000 57.94360 ? 115 LYS   A CA  1 
ATOM   924  C  C   . LYS   A 1 115 ? 0.90661   5.62851   -20.09936 1.000 63.19565 ? 115 LYS   A C   1 
ATOM   925  O  O   . LYS   A 1 115 ? 0.92440   6.61839   -20.83854 1.000 68.40592 ? 115 LYS   A O   1 
ATOM   926  C  CB  . LYS   A 1 115 ? -0.28769  3.56665   -20.86327 1.000 52.11774 ? 115 LYS   A CB  1 
ATOM   927  C  CG  . LYS   A 1 115 ? -0.29253  2.34894   -21.76853 1.000 52.16665 ? 115 LYS   A CG  1 
ATOM   928  N  N   . ALA   A 1 116 ? 0.75179   5.73544   -18.77843 1.000 54.53439 ? 116 ALA   A N   1 
ATOM   929  C  CA  . ALA   A 1 116 ? 0.53392   7.04084   -18.16776 1.000 56.43958 ? 116 ALA   A CA  1 
ATOM   930  C  C   . ALA   A 1 116 ? 1.81133   7.87421   -18.13249 1.000 66.28882 ? 116 ALA   A C   1 
ATOM   931  O  O   . ALA   A 1 116 ? 1.74507   9.11128   -18.18990 1.000 61.77541 ? 116 ALA   A O   1 
ATOM   932  C  CB  . ALA   A 1 116 ? -0.04467  6.87353   -16.76280 1.000 49.72027 ? 116 ALA   A CB  1 
ATOM   933  N  N   . ASN   A 1 117 ? 2.97605   7.22442   -18.03696 1.000 61.34142 ? 117 ASN   A N   1 
ATOM   934  C  CA  . ASN   A 1 117 ? 4.23260   7.96500   -18.00842 1.000 66.64552 ? 117 ASN   A CA  1 
ATOM   935  C  C   . ASN   A 1 117 ? 4.48307   8.69106   -19.32367 1.000 72.96676 ? 117 ASN   A C   1 
ATOM   936  O  O   . ASN   A 1 117 ? 5.03614   9.79892   -19.32687 1.000 73.37174 ? 117 ASN   A O   1 
ATOM   937  C  CB  . ASN   A 1 117 ? 5.38936   7.01871   -17.68392 1.000 68.08824 ? 117 ASN   A CB  1 
ATOM   938  C  CG  . ASN   A 1 117 ? 5.35890   6.53574   -16.24158 1.000 68.20793 ? 117 ASN   A CG  1 
ATOM   939  O  OD1 . ASN   A 1 117 ? 4.81613   7.21455   -15.36648 1.000 68.34436 ? 117 ASN   A OD1 1 
ATOM   940  N  ND2 . ASN   A 1 117 ? 5.94942   5.36264   -15.98272 1.000 65.36227 ? 117 ASN   A ND2 1 
ATOM   941  N  N   . THR   A 1 118 ? 4.06611   8.09578   -20.44251 1.000 71.13275 ? 118 THR   A N   1 
ATOM   942  C  CA  . THR   A 1 118 ? 4.26529   8.73712   -21.73795 1.000 79.22432 ? 118 THR   A CA  1 
ATOM   943  C  C   . THR   A 1 118 ? 3.34739   9.94402   -21.90124 1.000 78.85240 ? 118 THR   A C   1 
ATOM   944  O  O   . THR   A 1 118 ? 3.74753   10.95997  -22.48562 1.000 78.56375 ? 118 THR   A O   1 
ATOM   945  C  CB  . THR   A 1 118 ? 4.03006   7.72312   -22.85883 1.000 82.50045 ? 118 THR   A CB  1 
ATOM   946  O  OG1 . THR   A 1 118 ? 4.81834   6.54949   -22.60660 1.000 82.18141 ? 118 THR   A OG1 1 
ATOM   947  C  CG2 . THR   A 1 118 ? 4.41600   8.32487   -24.21996 1.000 83.95242 ? 118 THR   A CG2 1 
ATOM   948  N  N   . ILE   A 1 119 ? 2.11950   9.84416   -21.37293 1.000 74.90414 ? 119 ILE   A N   1 
ATOM   949  C  CA  . ILE   A 1 119 ? 1.13104   10.92069  -21.47103 1.000 72.80976 ? 119 ILE   A CA  1 
ATOM   950  C  C   . ILE   A 1 119 ? 1.65063   12.19126  -20.80109 1.000 74.34002 ? 119 ILE   A C   1 
ATOM   951  O  O   . ILE   A 1 119 ? 1.71758   13.26284  -21.41734 1.000 72.69416 ? 119 ILE   A O   1 
ATOM   952  C  CB  . ILE   A 1 119 ? -0.20511  10.46379  -20.84884 1.000 67.50142 ? 119 ILE   A CB  1 
ATOM   953  C  CG1 . ILE   A 1 119 ? -0.71250  9.18416   -21.51875 1.000 64.26587 ? 119 ILE   A CG1 1 
ATOM   954  C  CG2 . ILE   A 1 119 ? -1.25209  11.56824  -20.89696 1.000 63.24825 ? 119 ILE   A CG2 1 
ATOM   955  C  CD1 . ILE   A 1 119 ? -0.32142  9.06803   -22.99586 1.000 72.65685 ? 119 ILE   A CD1 1 
ATOM   956  N  N   . ASN   A 1 120 ? 2.02600   12.08721  -19.52135 1.000 76.58010 ? 120 ASN   A N   1 
ATOM   957  C  CA  . ASN   A 1 120 ? 2.49581   13.21727  -18.72609 1.000 80.50977 ? 120 ASN   A CA  1 
ATOM   958  C  C   . ASN   A 1 120 ? 4.01323   13.41706  -18.82019 1.000 85.65666 ? 120 ASN   A C   1 
ATOM   959  O  O   . ASN   A 1 120 ? 4.62880   13.89659  -17.85585 1.000 89.41482 ? 120 ASN   A O   1 
ATOM   960  C  CB  . ASN   A 1 120 ? 2.07981   13.04896  -17.25619 1.000 78.43350 ? 120 ASN   A CB  1 
ATOM   961  C  CG  . ASN   A 1 120 ? 0.65848   12.48237  -17.08488 1.000 77.37940 ? 120 ASN   A CG  1 
ATOM   962  O  OD1 . ASN   A 1 120 ? -0.33670  13.21676  -17.15170 1.000 68.89829 ? 120 ASN   A OD1 1 
ATOM   963  N  ND2 . ASN   A 1 120 ? 0.56918   11.17150  -16.83087 1.000 68.75451 ? 120 ASN   A ND2 1 
ATOM   964  N  N   . GLU   A 1 121 ? 4.63367   13.05630  -19.94677 1.000 86.93765 ? 121 GLU   A N   1 
ATOM   965  C  CA  . GLU   A 1 121 ? 6.07265   13.26038  -20.14561 1.000 83.35334 ? 121 GLU   A CA  1 
ATOM   966  C  C   . GLU   A 1 121 ? 6.40156   14.74626  -20.27887 1.000 86.89868 ? 121 GLU   A C   1 
ATOM   967  O  O   . GLU   A 1 121 ? 6.54108   15.45660  -19.27960 1.000 86.77407 ? 121 GLU   A O   1 
ATOM   968  C  CB  . GLU   A 1 121 ? 6.56424   12.50128  -21.38316 1.000 78.66600 ? 121 GLU   A CB  1 
HETATM 969  C  C16 . A1IUH B 2 .   ? 1.62249   -2.55895  14.31421  1.000 32.84686 ? 201 A1IUH A C16 1 
HETATM 970  C  C17 . A1IUH B 2 .   ? 2.45086   -2.00696  13.26320  1.000 34.16050 ? 201 A1IUH A C17 1 
HETATM 971  C  C18 . A1IUH B 2 .   ? 1.89955   -2.46779  15.81485  1.000 31.83474 ? 201 A1IUH A C18 1 
HETATM 972  C  C19 . A1IUH B 2 .   ? 3.30170   -3.03341  16.30338  1.000 34.13613 ? 201 A1IUH A C19 1 
HETATM 973  C  C20 . A1IUH B 2 .   ? 4.51812   -2.23951  15.78625  1.000 34.49017 ? 201 A1IUH A C20 1 
HETATM 974  C  C15 . A1IUH B 2 .   ? 2.31657   -1.92011  10.62052  1.000 32.02430 ? 201 A1IUH A C15 1 
HETATM 975  C  C11 . A1IUH B 2 .   ? -0.63507  -3.86376  14.09427  1.000 33.88781 ? 201 A1IUH A C11 1 
HETATM 976  C  C12 . A1IUH B 2 .   ? 0.51552   -3.13771  13.64597  1.000 30.95369 ? 201 A1IUH A C12 1 
HETATM 977  C  C10 . A1IUH B 2 .   ? -2.05830  -1.80283  13.32213  1.000 30.76025 ? 201 A1IUH A C10 1 
HETATM 978  C  C01 . A1IUH B 2 .   ? 0.94787   -5.83865  14.77713  1.000 33.10826 ? 201 A1IUH A C01 1 
HETATM 979  C  C02 . A1IUH B 2 .   ? -0.46079  -5.18115  14.62085  1.000 36.78098 ? 201 A1IUH A C02 1 
HETATM 980  C  C03 . A1IUH B 2 .   ? -1.63411  -5.86764  15.00307  1.000 32.88793 ? 201 A1IUH A C03 1 
HETATM 981  C  C04 . A1IUH B 2 .   ? -2.91211  -5.27583  14.85160  1.000 35.16559 ? 201 A1IUH A C04 1 
HETATM 982  C  C05 . A1IUH B 2 .   ? -4.18335  -6.03035  15.24468  1.000 37.75164 ? 201 A1IUH A C05 1 
HETATM 983  C  C08 . A1IUH B 2 .   ? -3.02541  -3.96868  14.30793  1.000 37.23775 ? 201 A1IUH A C08 1 
HETATM 984  C  C09 . A1IUH B 2 .   ? -1.91247  -3.23705  13.89297  1.000 34.47915 ? 201 A1IUH A C09 1 
HETATM 985  C  C14 . A1IUH B 2 .   ? 1.86875   -2.27523  12.01979  1.000 31.65874 ? 201 A1IUH A C14 1 
HETATM 986  C  C21 . A1IUH B 2 .   ? 4.19652   -0.97690  14.95850  1.000 35.74263 ? 201 A1IUH A C21 1 
HETATM 987  C  C22 . A1IUH B 2 .   ? 3.70654   -1.27779  13.57219  1.000 33.23253 ? 201 A1IUH A C22 1 
HETATM 988  N  N07 . A1IUH B 2 .   ? -5.46655  -5.47254  15.11071  1.000 34.89685 ? 201 A1IUH A N07 1 
HETATM 989  N  N13 . A1IUH B 2 .   ? 0.72450   -2.96148  12.28840  1.000 29.90216 ? 201 A1IUH A N13 1 
HETATM 990  O  O06 . A1IUH B 2 .   ? -4.08539  -7.19053  15.68205  1.000 43.80211 ? 201 A1IUH A O06 1 
HETATM 991  O  O23 . A1IUH B 2 .   ? 4.38472   -0.88988  12.60328  1.000 32.76623 ? 201 A1IUH A O23 1 
HETATM 992  S  S   . SO4   C 3 .   ? -10.14894 2.56557   12.53530  1.000 59.07197 ? 202 SO4   A S   1 
HETATM 993  O  O1  . SO4   C 3 .   ? -11.34200 1.66807   12.36697  1.000 56.67582 ? 202 SO4   A O1  1 
HETATM 994  O  O2  . SO4   C 3 .   ? -10.40597 3.48801   13.69310  1.000 50.79915 ? 202 SO4   A O2  1 
HETATM 995  O  O3  . SO4   C 3 .   ? -8.99878  1.64411   12.83686  1.000 47.62755 ? 202 SO4   A O3  1 
HETATM 996  O  O4  . SO4   C 3 .   ? -9.82189  3.35059   11.28716  1.000 51.72232 ? 202 SO4   A O4  1 
HETATM 997  CL CL  . CL    D 4 .   ? -1.25488  -9.90800  15.00800  1.000 41.84711 ? 203 CL    A CL  1 
HETATM 998  O  O   . HOH   E 5 .   ? 7.83754   5.26668   0.74973   1.000 42.35913 ? 301 HOH   A O   1 
HETATM 999  O  O   . HOH   E 5 .   ? 4.53172   0.99816   10.42559  1.000 34.06766 ? 302 HOH   A O   1 
HETATM 1000 O  O   . HOH   E 5 .   ? -3.19480  -11.68116 -9.78109  1.000 49.97290 ? 303 HOH   A O   1 
HETATM 1001 O  O   . HOH   E 5 .   ? 7.85509   -4.42147  15.95047  1.000 39.86576 ? 304 HOH   A O   1 
HETATM 1002 O  O   . HOH   E 5 .   ? 12.70654  -8.18076  7.99375   1.000 47.07428 ? 305 HOH   A O   1 
HETATM 1003 O  O   . HOH   E 5 .   ? 10.74510  -4.03113  15.98335  1.000 38.20027 ? 306 HOH   A O   1 
HETATM 1004 O  O   . HOH   E 5 .   ? 14.11164  0.06547   12.01644  1.000 40.44251 ? 307 HOH   A O   1 
HETATM 1005 O  O   . HOH   E 5 .   ? 3.25579   8.58608   18.67139  1.000 40.84730 ? 308 HOH   A O   1 
HETATM 1006 O  O   . HOH   E 5 .   ? 10.27548  -7.43658  0.08601   1.000 37.78384 ? 309 HOH   A O   1 
HETATM 1007 O  O   . HOH   E 5 .   ? -4.56741  6.08440   20.90852  1.000 43.81273 ? 310 HOH   A O   1 
HETATM 1008 O  O   . HOH   E 5 .   ? 8.34912   -9.56661  -5.82263  1.000 47.70569 ? 311 HOH   A O   1 
HETATM 1009 O  O   . HOH   E 5 .   ? -10.66351 -1.65517  6.04360   1.000 39.11394 ? 312 HOH   A O   1 
HETATM 1010 O  O   . HOH   E 5 .   ? -4.86157  -3.04230  11.15616  1.000 39.39776 ? 313 HOH   A O   1 
HETATM 1011 O  O   . HOH   E 5 .   ? 11.21419  -0.47840  2.77512   1.000 42.31821 ? 314 HOH   A O   1 
HETATM 1012 O  O   . HOH   E 5 .   ? 6.20758   5.59579   -1.42775  1.000 37.20244 ? 315 HOH   A O   1 
HETATM 1013 O  O   . HOH   E 5 .   ? 6.02810   -0.80911  -4.73817  1.000 39.71287 ? 316 HOH   A O   1 
HETATM 1014 O  O   . HOH   E 5 .   ? 0.32809   8.62111   -3.69580  1.000 40.51664 ? 317 HOH   A O   1 
HETATM 1015 O  O   . HOH   E 5 .   ? 3.29700   0.14485   7.93179   1.000 31.25159 ? 318 HOH   A O   1 
HETATM 1016 O  O   . HOH   E 5 .   ? 1.87623   3.60100   8.68006   1.000 33.97387 ? 319 HOH   A O   1 
HETATM 1017 O  O   . HOH   E 5 .   ? -5.05787  -10.76507 6.22491   1.000 35.62863 ? 320 HOH   A O   1 
HETATM 1018 O  O   . HOH   E 5 .   ? -10.16948 5.96855   5.51327   1.000 49.63041 ? 321 HOH   A O   1 
HETATM 1019 O  O   . HOH   E 5 .   ? -8.73000  -9.12292  -5.22494  1.000 40.58079 ? 322 HOH   A O   1 
HETATM 1020 O  O   . HOH   E 5 .   ? 6.65256   -4.91542  -10.11061 1.000 45.50744 ? 323 HOH   A O   1 
HETATM 1021 O  O   . HOH   E 5 .   ? -4.29987  8.89768   -15.32193 1.000 40.57945 ? 324 HOH   A O   1 
HETATM 1022 O  O   . HOH   E 5 .   ? 0.06527   10.12574  5.31598   1.000 42.52085 ? 325 HOH   A O   1 
HETATM 1023 O  O   . HOH   E 5 .   ? -5.11469  0.03051   14.96064  1.000 38.98134 ? 326 HOH   A O   1 
HETATM 1024 O  O   . HOH   E 5 .   ? 9.98561   -11.76015 4.90683   1.000 48.57187 ? 327 HOH   A O   1 
HETATM 1025 O  O   . HOH   E 5 .   ? 0.63543   0.73662   8.16975   1.000 30.77434 ? 328 HOH   A O   1 
HETATM 1026 O  O   . HOH   E 5 .   ? -12.15232 1.35256   -2.56423  1.000 36.13343 ? 329 HOH   A O   1 
HETATM 1027 O  O   . HOH   E 5 .   ? 8.43163   -3.52817  4.75643   1.000 33.57714 ? 330 HOH   A O   1 
HETATM 1028 O  O   . HOH   E 5 .   ? -9.91584  0.02560   14.87109  1.000 56.57178 ? 331 HOH   A O   1 
HETATM 1029 O  O   . HOH   E 5 .   ? 2.96568   -12.97118 5.20528   1.000 46.11906 ? 332 HOH   A O   1 
HETATM 1030 O  O   . HOH   E 5 .   ? -0.99589  -0.50477  10.03118  1.000 32.77057 ? 333 HOH   A O   1 
HETATM 1031 O  O   . HOH   E 5 .   ? -6.79230  -7.05039  6.22757   1.000 34.28045 ? 334 HOH   A O   1 
HETATM 1032 O  O   . HOH   E 5 .   ? -12.87213 2.78512   -6.65533  1.000 47.78641 ? 335 HOH   A O   1 
HETATM 1033 O  O   . HOH   E 5 .   ? -7.23969  3.41627   10.22589  1.000 34.10177 ? 336 HOH   A O   1 
HETATM 1034 O  O   . HOH   E 5 .   ? -9.12615  -3.46220  -15.10158 1.000 53.07986 ? 337 HOH   A O   1 
HETATM 1035 O  O   . HOH   E 5 .   ? 16.53786  -3.36060  12.10006  1.000 42.61268 ? 338 HOH   A O   1 
HETATM 1036 O  O   . HOH   E 5 .   ? -1.50393  -15.38342 2.12705   1.000 45.15108 ? 339 HOH   A O   1 
HETATM 1037 O  O   . HOH   E 5 .   ? 10.48158  -2.99475  2.72084   1.000 43.77691 ? 340 HOH   A O   1 
HETATM 1038 O  O   . HOH   E 5 .   ? -12.06664 -4.35968  -8.74292  1.000 48.96231 ? 341 HOH   A O   1 
HETATM 1039 O  O   . HOH   E 5 .   ? 8.73131   5.86619   5.43543   1.000 40.99479 ? 342 HOH   A O   1 
HETATM 1040 O  O   . HOH   E 5 .   ? -13.30612 1.85759   -11.84616 1.000 41.50751 ? 343 HOH   A O   1 
HETATM 1041 O  O   . HOH   E 5 .   ? 9.73755   -4.67329  6.78833   1.000 30.20384 ? 344 HOH   A O   1 
HETATM 1042 O  O   . HOH   E 5 .   ? -3.11283  8.10404   6.08033   1.000 38.14762 ? 345 HOH   A O   1 
HETATM 1043 O  O   . HOH   E 5 .   ? 8.61518   9.28029   8.84283   1.000 37.73417 ? 346 HOH   A O   1 
HETATM 1044 O  O   . HOH   E 5 .   ? 6.42612   8.17517   7.11602   1.000 31.85079 ? 347 HOH   A O   1 
HETATM 1045 O  O   . HOH   E 5 .   ? -6.45958  -2.40269  17.47547  1.000 51.58817 ? 348 HOH   A O   1 
HETATM 1046 O  O   . HOH   E 5 .   ? 7.06482   -3.15569  -8.54736  1.000 41.72151 ? 349 HOH   A O   1 
HETATM 1047 O  O   . HOH   E 5 .   ? 13.35172  -3.40780  9.18769   1.000 39.47571 ? 350 HOH   A O   1 
HETATM 1048 O  O   . HOH   E 5 .   ? -4.05929  -12.68346 -1.60609  1.000 38.81684 ? 351 HOH   A O   1 
HETATM 1049 O  O   . HOH   E 5 .   ? -12.66463 -3.41556  2.31737   1.000 46.83386 ? 352 HOH   A O   1 
HETATM 1050 O  O   . HOH   E 5 .   ? 5.81209   -13.20370 -0.59385  1.000 46.70136 ? 353 HOH   A O   1 
HETATM 1051 O  O   . HOH   E 5 .   ? -11.67162 2.22634   3.79437   1.000 38.62335 ? 354 HOH   A O   1 
HETATM 1052 O  O   . HOH   E 5 .   ? 6.86844   -7.62008  15.62665  1.000 38.15180 ? 355 HOH   A O   1 
HETATM 1053 O  O   . HOH   E 5 .   ? -13.13885 0.71396   -9.15169  1.000 47.46927 ? 356 HOH   A O   1 
HETATM 1054 O  O   . HOH   E 5 .   ? 3.31273   13.16943  15.95134  1.000 48.46736 ? 357 HOH   A O   1 
HETATM 1055 O  O   . HOH   E 5 .   ? -7.62836  4.91620   7.76070   1.000 44.17300 ? 358 HOH   A O   1 
HETATM 1056 O  O   . HOH   E 5 .   ? -20.37560 6.42111   0.28171   1.000 57.88132 ? 359 HOH   A O   1 
HETATM 1057 O  O   . HOH   E 5 .   ? -7.11915  11.92290  2.30396   1.000 43.94702 ? 360 HOH   A O   1 
HETATM 1058 O  O   . HOH   E 5 .   ? 9.76822   -7.44256  -4.42471  1.000 44.66427 ? 361 HOH   A O   1 
HETATM 1059 O  O   . HOH   E 5 .   ? 1.60098   -16.70166 2.32011   1.000 55.24122 ? 362 HOH   A O   1 
HETATM 1060 O  O   . HOH   E 5 .   ? 12.40588  -4.82416  7.28262   1.000 41.83376 ? 363 HOH   A O   1 
HETATM 1061 O  O   . HOH   E 5 .   ? 9.97288   -12.02713 1.26857   1.000 48.59394 ? 364 HOH   A O   1 
HETATM 1062 O  O   . HOH   E 5 .   ? -3.88888  -5.42150  -18.00776 1.000 58.32414 ? 365 HOH   A O   1 
HETATM 1063 O  O   . HOH   E 5 .   ? -6.29582  -2.38448  13.69558  1.000 42.36320 ? 366 HOH   A O   1 
HETATM 1064 O  O   . HOH   E 5 .   ? 11.38251  5.02336   5.30706   1.000 49.29539 ? 367 HOH   A O   1 
HETATM 1065 O  O   . HOH   E 5 .   ? 8.31521   -9.06359  -8.59297  1.000 48.71128 ? 368 HOH   A O   1 
HETATM 1066 O  O   . HOH   E 5 .   ? -13.61952 2.12226   1.08873   1.000 45.86708 ? 369 HOH   A O   1 
HETATM 1067 O  O   . HOH   E 5 .   ? -18.92846 3.76054   -12.62464 1.000 64.00126 ? 370 HOH   A O   1 
HETATM 1068 O  O   . HOH   E 5 .   ? -15.71163 0.66246   -20.97294 1.000 49.43497 ? 371 HOH   A O   1 
HETATM 1069 O  O   . HOH   E 5 .   ? 7.49586   0.90438   -5.57054  1.000 42.17040 ? 372 HOH   A O   1 
HETATM 1070 O  O   . HOH   E 5 .   ? 8.70705   -13.33268 0.04826   1.000 46.70350 ? 373 HOH   A O   1 
HETATM 1071 O  O   . HOH   E 5 .   ? -0.63160  -9.69595  -18.32133 1.000 57.61856 ? 374 HOH   A O   1 
HETATM 1072 O  O   . HOH   E 5 .   ? 4.18537   -14.40311 8.96048   1.000 55.09922 ? 375 HOH   A O   1 
HETATM 1073 O  O   . HOH   E 5 .   ? -17.12116 3.48365   -18.82182 1.000 57.29614 ? 376 HOH   A O   1 
HETATM 1074 O  O   . HOH   E 5 .   ? -6.71318  -10.95053 13.55932  1.000 48.81414 ? 377 HOH   A O   1 
HETATM 1075 O  O   . HOH   E 5 .   ? 6.82428   3.62479   -5.21760  1.000 47.02313 ? 378 HOH   A O   1 
HETATM 1076 O  O   . HOH   E 5 .   ? -11.98740 -0.57753  4.07411   1.000 46.23654 ? 379 HOH   A O   1 
HETATM 1077 O  O   . HOH   E 5 .   ? 8.67157   7.06236   2.99222   1.000 42.85265 ? 380 HOH   A O   1 
HETATM 1078 O  O   . HOH   E 5 .   ? 17.33275  -1.90512  14.08055  1.000 48.00381 ? 381 HOH   A O   1 
HETATM 1079 O  O   . HOH   E 5 .   ? -8.31913  -7.01363  8.41183   1.000 35.09940 ? 382 HOH   A O   1 
HETATM 1080 O  O   . HOH   E 5 .   ? -1.79556  -20.33587 10.68555  1.000 47.60314 ? 383 HOH   A O   1 
HETATM 1081 O  O   . HOH   E 5 .   ? 7.92714   4.84322   -3.48080  1.000 44.06013 ? 384 HOH   A O   1 
HETATM 1082 O  O   . HOH   E 5 .   ? -6.71656  8.37257   6.20367   1.000 51.79077 ? 385 HOH   A O   1 
HETATM 1083 O  O   . HOH   E 5 .   ? 3.48255   -8.60220  17.78198  0.50  53.04742 ? 386 HOH   A O   1 
# 
